data_2P5D
# 
_entry.id   2P5D 
# 
_audit_conform.dict_name       mmcif_pdbx.dic 
_audit_conform.dict_version    5.380 
_audit_conform.dict_location   http://mmcif.pdb.org/dictionaries/ascii/mmcif_pdbx.dic 
# 
loop_
_database_2.database_id 
_database_2.database_code 
_database_2.pdbx_database_accession 
_database_2.pdbx_DOI 
PDB   2P5D         pdb_00002p5d 10.2210/pdb2p5d/pdb 
RCSB  RCSB041986   ?            ?                   
WWPDB D_1000041986 ?            ?                   
# 
_pdbx_database_related.db_name        TargetDB 
_pdbx_database_related.db_id          mja002000036.1 
_pdbx_database_related.details        . 
_pdbx_database_related.content_type   unspecified 
# 
_pdbx_database_status.status_code                     REL 
_pdbx_database_status.entry_id                        2P5D 
_pdbx_database_status.recvd_initial_deposition_date   2007-03-15 
_pdbx_database_status.deposit_site                    RCSB 
_pdbx_database_status.process_site                    PDBJ 
_pdbx_database_status.status_code_sf                  REL 
_pdbx_database_status.status_code_mr                  ? 
_pdbx_database_status.SG_entry                        Y 
_pdbx_database_status.pdb_format_compatible           Y 
_pdbx_database_status.status_code_cs                  ? 
_pdbx_database_status.status_code_nmr_data            ? 
_pdbx_database_status.methods_development_category    ? 
# 
loop_
_audit_author.name 
_audit_author.pdbx_ordinal 
'Sugahara, M.'                                           1 
'Kunishima, N.'                                          2 
'RIKEN Structural Genomics/Proteomics Initiative (RSGI)' 3 
# 
_citation.id                        primary 
_citation.title                     'Crystal structure of MJECL36 from Methanocaldococcus jannaschii DSM 2661' 
_citation.journal_abbrev            'To be Published' 
_citation.journal_volume            ? 
_citation.page_first                ? 
_citation.page_last                 ? 
_citation.year                      ? 
_citation.journal_id_ASTM           ? 
_citation.country                   ? 
_citation.journal_id_ISSN           ? 
_citation.journal_id_CSD            0353 
_citation.book_publisher            ? 
_citation.pdbx_database_id_PubMed   ? 
_citation.pdbx_database_id_DOI      ? 
# 
loop_
_citation_author.citation_id 
_citation_author.name 
_citation_author.ordinal 
_citation_author.identifier_ORCID 
primary 'Sugahara, M.'  1 ? 
primary 'Kunishima, N.' 2 ? 
# 
_cell.entry_id           2P5D 
_cell.length_a           30.866 
_cell.length_b           65.088 
_cell.length_c           71.628 
_cell.angle_alpha        90.00 
_cell.angle_beta         90.00 
_cell.angle_gamma        90.00 
_cell.Z_PDB              4 
_cell.pdbx_unique_axis   ? 
_cell.length_a_esd       ? 
_cell.length_b_esd       ? 
_cell.length_c_esd       ? 
_cell.angle_alpha_esd    ? 
_cell.angle_beta_esd     ? 
_cell.angle_gamma_esd    ? 
# 
_symmetry.entry_id                         2P5D 
_symmetry.space_group_name_H-M             'P 21 21 21' 
_symmetry.pdbx_full_space_group_name_H-M   ? 
_symmetry.cell_setting                     ? 
_symmetry.Int_Tables_number                19 
_symmetry.space_group_name_Hall            ? 
# 
loop_
_entity.id 
_entity.type 
_entity.src_method 
_entity.pdbx_description 
_entity.formula_weight 
_entity.pdbx_number_of_molecules 
_entity.pdbx_ec 
_entity.pdbx_mutation 
_entity.pdbx_fragment 
_entity.details 
1 polymer man 'UPF0310 protein MJECL36' 17574.719 1   ? ? ? ? 
2 water   nat water                     18.015    194 ? ? ? ? 
# 
_entity_poly.entity_id                      1 
_entity_poly.type                           'polypeptide(L)' 
_entity_poly.nstd_linkage                   no 
_entity_poly.nstd_monomer                   no 
_entity_poly.pdbx_seq_one_letter_code       
;MDLMAYWLCITNEDNWKVIKEKKIWGVAERYKNTINKVKVGDKLIIYEIQRSGKDYKPPYIRGVYEVVSEVYKDSSKIFK
PTPRNPNEKFPYRVKLKEIKVFEPPINFKELIPKLKFITNKKRWSGHLMGKAMREIPEEDYKLIVGN
;
_entity_poly.pdbx_seq_one_letter_code_can   
;MDLMAYWLCITNEDNWKVIKEKKIWGVAERYKNTINKVKVGDKLIIYEIQRSGKDYKPPYIRGVYEVVSEVYKDSSKIFK
PTPRNPNEKFPYRVKLKEIKVFEPPINFKELIPKLKFITNKKRWSGHLMGKAMREIPEEDYKLIVGN
;
_entity_poly.pdbx_strand_id                 A 
_entity_poly.pdbx_target_identifier         mja002000036.1 
# 
loop_
_entity_poly_seq.entity_id 
_entity_poly_seq.num 
_entity_poly_seq.mon_id 
_entity_poly_seq.hetero 
1 1   MET n 
1 2   ASP n 
1 3   LEU n 
1 4   MET n 
1 5   ALA n 
1 6   TYR n 
1 7   TRP n 
1 8   LEU n 
1 9   CYS n 
1 10  ILE n 
1 11  THR n 
1 12  ASN n 
1 13  GLU n 
1 14  ASP n 
1 15  ASN n 
1 16  TRP n 
1 17  LYS n 
1 18  VAL n 
1 19  ILE n 
1 20  LYS n 
1 21  GLU n 
1 22  LYS n 
1 23  LYS n 
1 24  ILE n 
1 25  TRP n 
1 26  GLY n 
1 27  VAL n 
1 28  ALA n 
1 29  GLU n 
1 30  ARG n 
1 31  TYR n 
1 32  LYS n 
1 33  ASN n 
1 34  THR n 
1 35  ILE n 
1 36  ASN n 
1 37  LYS n 
1 38  VAL n 
1 39  LYS n 
1 40  VAL n 
1 41  GLY n 
1 42  ASP n 
1 43  LYS n 
1 44  LEU n 
1 45  ILE n 
1 46  ILE n 
1 47  TYR n 
1 48  GLU n 
1 49  ILE n 
1 50  GLN n 
1 51  ARG n 
1 52  SER n 
1 53  GLY n 
1 54  LYS n 
1 55  ASP n 
1 56  TYR n 
1 57  LYS n 
1 58  PRO n 
1 59  PRO n 
1 60  TYR n 
1 61  ILE n 
1 62  ARG n 
1 63  GLY n 
1 64  VAL n 
1 65  TYR n 
1 66  GLU n 
1 67  VAL n 
1 68  VAL n 
1 69  SER n 
1 70  GLU n 
1 71  VAL n 
1 72  TYR n 
1 73  LYS n 
1 74  ASP n 
1 75  SER n 
1 76  SER n 
1 77  LYS n 
1 78  ILE n 
1 79  PHE n 
1 80  LYS n 
1 81  PRO n 
1 82  THR n 
1 83  PRO n 
1 84  ARG n 
1 85  ASN n 
1 86  PRO n 
1 87  ASN n 
1 88  GLU n 
1 89  LYS n 
1 90  PHE n 
1 91  PRO n 
1 92  TYR n 
1 93  ARG n 
1 94  VAL n 
1 95  LYS n 
1 96  LEU n 
1 97  LYS n 
1 98  GLU n 
1 99  ILE n 
1 100 LYS n 
1 101 VAL n 
1 102 PHE n 
1 103 GLU n 
1 104 PRO n 
1 105 PRO n 
1 106 ILE n 
1 107 ASN n 
1 108 PHE n 
1 109 LYS n 
1 110 GLU n 
1 111 LEU n 
1 112 ILE n 
1 113 PRO n 
1 114 LYS n 
1 115 LEU n 
1 116 LYS n 
1 117 PHE n 
1 118 ILE n 
1 119 THR n 
1 120 ASN n 
1 121 LYS n 
1 122 LYS n 
1 123 ARG n 
1 124 TRP n 
1 125 SER n 
1 126 GLY n 
1 127 HIS n 
1 128 LEU n 
1 129 MET n 
1 130 GLY n 
1 131 LYS n 
1 132 ALA n 
1 133 MET n 
1 134 ARG n 
1 135 GLU n 
1 136 ILE n 
1 137 PRO n 
1 138 GLU n 
1 139 GLU n 
1 140 ASP n 
1 141 TYR n 
1 142 LYS n 
1 143 LEU n 
1 144 ILE n 
1 145 VAL n 
1 146 GLY n 
1 147 ASN n 
# 
_entity_src_gen.entity_id                          1 
_entity_src_gen.pdbx_src_id                        1 
_entity_src_gen.pdbx_alt_source_flag               sample 
_entity_src_gen.pdbx_seq_type                      ? 
_entity_src_gen.pdbx_beg_seq_num                   ? 
_entity_src_gen.pdbx_end_seq_num                   ? 
_entity_src_gen.gene_src_common_name               ? 
_entity_src_gen.gene_src_genus                     Methanocaldococcus 
_entity_src_gen.pdbx_gene_src_gene                 ? 
_entity_src_gen.gene_src_species                   ? 
_entity_src_gen.gene_src_strain                    ? 
_entity_src_gen.gene_src_tissue                    ? 
_entity_src_gen.gene_src_tissue_fraction           ? 
_entity_src_gen.gene_src_details                   ? 
_entity_src_gen.pdbx_gene_src_fragment             ? 
_entity_src_gen.pdbx_gene_src_scientific_name      'Methanocaldococcus jannaschii' 
_entity_src_gen.pdbx_gene_src_ncbi_taxonomy_id     2190 
_entity_src_gen.pdbx_gene_src_variant              ? 
_entity_src_gen.pdbx_gene_src_cell_line            ? 
_entity_src_gen.pdbx_gene_src_atcc                 ? 
_entity_src_gen.pdbx_gene_src_organ                ? 
_entity_src_gen.pdbx_gene_src_organelle            ? 
_entity_src_gen.pdbx_gene_src_cell                 ? 
_entity_src_gen.pdbx_gene_src_cellular_location    ? 
_entity_src_gen.host_org_common_name               ? 
_entity_src_gen.pdbx_host_org_scientific_name      'Escherichia coli' 
_entity_src_gen.pdbx_host_org_ncbi_taxonomy_id     562 
_entity_src_gen.host_org_genus                     Escherichia 
_entity_src_gen.pdbx_host_org_gene                 ? 
_entity_src_gen.pdbx_host_org_organ                ? 
_entity_src_gen.host_org_species                   ? 
_entity_src_gen.pdbx_host_org_tissue               ? 
_entity_src_gen.pdbx_host_org_tissue_fraction      ? 
_entity_src_gen.pdbx_host_org_strain               'BL21-CodonPlus(DE3)-RIL' 
_entity_src_gen.pdbx_host_org_variant              ? 
_entity_src_gen.pdbx_host_org_cell_line            ? 
_entity_src_gen.pdbx_host_org_atcc                 ? 
_entity_src_gen.pdbx_host_org_culture_collection   ? 
_entity_src_gen.pdbx_host_org_cell                 ? 
_entity_src_gen.pdbx_host_org_organelle            ? 
_entity_src_gen.pdbx_host_org_cellular_location    ? 
_entity_src_gen.pdbx_host_org_vector_type          PLASMID 
_entity_src_gen.pdbx_host_org_vector               ? 
_entity_src_gen.host_org_details                   ? 
_entity_src_gen.expression_system_id               ? 
_entity_src_gen.plasmid_name                       pET-21a 
_entity_src_gen.plasmid_details                    ? 
_entity_src_gen.pdbx_description                   ? 
# 
_struct_ref.id                         1 
_struct_ref.db_name                    UNP 
_struct_ref.db_code                    Y3536_METJA 
_struct_ref.pdbx_db_accession          Q60257 
_struct_ref.entity_id                  1 
_struct_ref.pdbx_seq_one_letter_code   
;MAYWLCITNEDNWKVIKEKKIWGVAERYKNTINKVKVGDKLIIYEIQRSGKDYKPPYIRGVYEVVSEVYKDSSKIFKPTP
RNPNEKFPYRVKLKEIKVFEPPINFKELIPKLKFITNKKRWSGHLMGKAMREIPEEDYKLIVGN
;
_struct_ref.pdbx_align_begin           1 
_struct_ref.pdbx_db_isoform            ? 
# 
_struct_ref_seq.align_id                      1 
_struct_ref_seq.ref_id                        1 
_struct_ref_seq.pdbx_PDB_id_code              2P5D 
_struct_ref_seq.pdbx_strand_id                A 
_struct_ref_seq.seq_align_beg                 4 
_struct_ref_seq.pdbx_seq_align_beg_ins_code   ? 
_struct_ref_seq.seq_align_end                 147 
_struct_ref_seq.pdbx_seq_align_end_ins_code   ? 
_struct_ref_seq.pdbx_db_accession             Q60257 
_struct_ref_seq.db_align_beg                  1 
_struct_ref_seq.pdbx_db_align_beg_ins_code    ? 
_struct_ref_seq.db_align_end                  144 
_struct_ref_seq.pdbx_db_align_end_ins_code    ? 
_struct_ref_seq.pdbx_auth_seq_align_beg       4 
_struct_ref_seq.pdbx_auth_seq_align_end       147 
# 
loop_
_struct_ref_seq_dif.align_id 
_struct_ref_seq_dif.pdbx_pdb_id_code 
_struct_ref_seq_dif.mon_id 
_struct_ref_seq_dif.pdbx_pdb_strand_id 
_struct_ref_seq_dif.seq_num 
_struct_ref_seq_dif.pdbx_pdb_ins_code 
_struct_ref_seq_dif.pdbx_seq_db_name 
_struct_ref_seq_dif.pdbx_seq_db_accession_code 
_struct_ref_seq_dif.db_mon_id 
_struct_ref_seq_dif.pdbx_seq_db_seq_num 
_struct_ref_seq_dif.details 
_struct_ref_seq_dif.pdbx_auth_seq_num 
_struct_ref_seq_dif.pdbx_ordinal 
1 2P5D MET A 1 ? UNP Q60257 ? ? 'expression tag' 1 1 
1 2P5D ASP A 2 ? UNP Q60257 ? ? 'expression tag' 2 2 
1 2P5D LEU A 3 ? UNP Q60257 ? ? 'expression tag' 3 3 
# 
loop_
_chem_comp.id 
_chem_comp.type 
_chem_comp.mon_nstd_flag 
_chem_comp.name 
_chem_comp.pdbx_synonyms 
_chem_comp.formula 
_chem_comp.formula_weight 
ALA 'L-peptide linking' y ALANINE         ? 'C3 H7 N O2'     89.093  
ARG 'L-peptide linking' y ARGININE        ? 'C6 H15 N4 O2 1' 175.209 
ASN 'L-peptide linking' y ASPARAGINE      ? 'C4 H8 N2 O3'    132.118 
ASP 'L-peptide linking' y 'ASPARTIC ACID' ? 'C4 H7 N O4'     133.103 
CYS 'L-peptide linking' y CYSTEINE        ? 'C3 H7 N O2 S'   121.158 
GLN 'L-peptide linking' y GLUTAMINE       ? 'C5 H10 N2 O3'   146.144 
GLU 'L-peptide linking' y 'GLUTAMIC ACID' ? 'C5 H9 N O4'     147.129 
GLY 'peptide linking'   y GLYCINE         ? 'C2 H5 N O2'     75.067  
HIS 'L-peptide linking' y HISTIDINE       ? 'C6 H10 N3 O2 1' 156.162 
HOH non-polymer         . WATER           ? 'H2 O'           18.015  
ILE 'L-peptide linking' y ISOLEUCINE      ? 'C6 H13 N O2'    131.173 
LEU 'L-peptide linking' y LEUCINE         ? 'C6 H13 N O2'    131.173 
LYS 'L-peptide linking' y LYSINE          ? 'C6 H15 N2 O2 1' 147.195 
MET 'L-peptide linking' y METHIONINE      ? 'C5 H11 N O2 S'  149.211 
PHE 'L-peptide linking' y PHENYLALANINE   ? 'C9 H11 N O2'    165.189 
PRO 'L-peptide linking' y PROLINE         ? 'C5 H9 N O2'     115.130 
SER 'L-peptide linking' y SERINE          ? 'C3 H7 N O3'     105.093 
THR 'L-peptide linking' y THREONINE       ? 'C4 H9 N O3'     119.119 
TRP 'L-peptide linking' y TRYPTOPHAN      ? 'C11 H12 N2 O2'  204.225 
TYR 'L-peptide linking' y TYROSINE        ? 'C9 H11 N O3'    181.189 
VAL 'L-peptide linking' y VALINE          ? 'C5 H11 N O2'    117.146 
# 
_exptl.entry_id          2P5D 
_exptl.method            'X-RAY DIFFRACTION' 
_exptl.crystals_number   1 
# 
_exptl_crystal.id                    1 
_exptl_crystal.density_meas          ? 
_exptl_crystal.density_Matthews      2.05 
_exptl_crystal.density_percent_sol   39.88 
_exptl_crystal.description           ? 
_exptl_crystal.F_000                 ? 
_exptl_crystal.preparation           ? 
# 
_exptl_crystal_grow.crystal_id      1 
_exptl_crystal_grow.method          'oil microbatch' 
_exptl_crystal_grow.temp            291 
_exptl_crystal_grow.temp_details    ? 
_exptl_crystal_grow.pH              5.5 
_exptl_crystal_grow.pdbx_details    '27.5% PEG 4000, 0.1M Acetate-NaOH, 10% Dioxane, pH 5.5, oil microbatch, temperature 291K' 
_exptl_crystal_grow.pdbx_pH_range   . 
# 
_diffrn.id                     1 
_diffrn.ambient_temp           100 
_diffrn.ambient_temp_details   ? 
_diffrn.crystal_id             1 
# 
_diffrn_detector.diffrn_id              1 
_diffrn_detector.detector               'IMAGE PLATE' 
_diffrn_detector.type                   'RIGAKU RAXIS VII' 
_diffrn_detector.pdbx_collection_date   2007-01-25 
_diffrn_detector.details                ? 
# 
_diffrn_radiation.diffrn_id                        1 
_diffrn_radiation.wavelength_id                    1 
_diffrn_radiation.pdbx_monochromatic_or_laue_m_l   M 
_diffrn_radiation.monochromator                    ? 
_diffrn_radiation.pdbx_diffrn_protocol             'SINGLE WAVELENGTH' 
_diffrn_radiation.pdbx_scattering_type             x-ray 
# 
_diffrn_radiation_wavelength.id           1 
_diffrn_radiation_wavelength.wavelength   1.54 
_diffrn_radiation_wavelength.wt           1.0 
# 
_diffrn_source.diffrn_id                   1 
_diffrn_source.source                      'ROTATING ANODE' 
_diffrn_source.type                        RIGAKU 
_diffrn_source.pdbx_synchrotron_site       ? 
_diffrn_source.pdbx_synchrotron_beamline   ? 
_diffrn_source.pdbx_wavelength             ? 
_diffrn_source.pdbx_wavelength_list        1.54 
# 
_reflns.entry_id                     2P5D 
_reflns.observed_criterion_sigma_F   0 
_reflns.observed_criterion_sigma_I   0 
_reflns.d_resolution_high            1.7 
_reflns.d_resolution_low             20 
_reflns.number_all                   16540 
_reflns.number_obs                   16540 
_reflns.percent_possible_obs         100 
_reflns.pdbx_Rmerge_I_obs            0.040 
_reflns.pdbx_Rsym_value              0.037 
_reflns.pdbx_netI_over_sigmaI        15.3 
_reflns.B_iso_Wilson_estimate        19.38 
_reflns.pdbx_redundancy              6.7 
_reflns.R_free_details               ? 
_reflns.limit_h_max                  ? 
_reflns.limit_h_min                  ? 
_reflns.limit_k_max                  ? 
_reflns.limit_k_min                  ? 
_reflns.limit_l_max                  ? 
_reflns.limit_l_min                  ? 
_reflns.observed_criterion_F_max     ? 
_reflns.observed_criterion_F_min     ? 
_reflns.pdbx_chi_squared             ? 
_reflns.pdbx_scaling_rejects         ? 
_reflns.pdbx_diffrn_id               1 
_reflns.pdbx_ordinal                 1 
# 
_reflns_shell.d_res_high             1.70 
_reflns_shell.d_res_low              1.76 
_reflns_shell.percent_possible_all   100 
_reflns_shell.Rmerge_I_obs           0.189 
_reflns_shell.pdbx_Rsym_value        0.176 
_reflns_shell.meanI_over_sigI_obs    6.9 
_reflns_shell.pdbx_redundancy        6.5 
_reflns_shell.percent_possible_obs   ? 
_reflns_shell.number_unique_all      1625 
_reflns_shell.number_measured_all    ? 
_reflns_shell.number_measured_obs    ? 
_reflns_shell.number_unique_obs      ? 
_reflns_shell.pdbx_chi_squared       ? 
_reflns_shell.pdbx_diffrn_id         ? 
_reflns_shell.pdbx_ordinal           1 
# 
_refine.entry_id                                 2P5D 
_refine.ls_d_res_high                            1.70 
_refine.ls_d_res_low                             19.25 
_refine.pdbx_ls_sigma_F                          0 
_refine.pdbx_ls_sigma_I                          ? 
_refine.ls_number_reflns_all                     16490 
_refine.ls_number_reflns_obs                     16490 
_refine.ls_number_reflns_R_free                  828 
_refine.ls_percent_reflns_obs                    99.8 
_refine.ls_R_factor_all                          ? 
_refine.ls_R_factor_obs                          0.216 
_refine.ls_R_factor_R_work                       0.216 
_refine.ls_R_factor_R_free                       0.233 
_refine.ls_redundancy_reflns_obs                 ? 
_refine.pdbx_data_cutoff_high_absF               ? 
_refine.pdbx_data_cutoff_low_absF                ? 
_refine.ls_number_parameters                     ? 
_refine.ls_number_restraints                     ? 
_refine.ls_percent_reflns_R_free                 ? 
_refine.ls_R_factor_R_free_error                 ? 
_refine.ls_R_factor_R_free_error_details         ? 
_refine.pdbx_method_to_determine_struct          'MOLECULAR REPLACEMENT' 
_refine.pdbx_starting_model                      'PDB ENTRY 1WMM' 
_refine.pdbx_ls_cross_valid_method               THROUGHOUT 
_refine.pdbx_R_Free_selection_details            RANDOM 
_refine.pdbx_stereochem_target_val_spec_case     ? 
_refine.pdbx_stereochemistry_target_values       'Engh & Huber' 
_refine.solvent_model_details                    ? 
_refine.solvent_model_param_bsol                 ? 
_refine.solvent_model_param_ksol                 ? 
_refine.occupancy_max                            ? 
_refine.occupancy_min                            ? 
_refine.pdbx_isotropic_thermal_model             Anisotrop 
_refine.B_iso_mean                               21.3 
_refine.aniso_B[1][1]                            0.98 
_refine.aniso_B[1][2]                            0.00 
_refine.aniso_B[1][3]                            0.00 
_refine.aniso_B[2][2]                            3.60 
_refine.aniso_B[2][3]                            0.00 
_refine.aniso_B[3][3]                            -4.58 
_refine.details                                  ? 
_refine.B_iso_min                                ? 
_refine.B_iso_max                                ? 
_refine.correlation_coeff_Fo_to_Fc               ? 
_refine.correlation_coeff_Fo_to_Fc_free          ? 
_refine.pdbx_solvent_vdw_probe_radii             ? 
_refine.pdbx_solvent_ion_probe_radii             ? 
_refine.pdbx_solvent_shrinkage_radii             ? 
_refine.overall_SU_R_Cruickshank_DPI             ? 
_refine.overall_SU_R_free                        ? 
_refine.overall_SU_ML                            ? 
_refine.overall_SU_B                             ? 
_refine.pdbx_overall_ESU_R_Free                  ? 
_refine.pdbx_data_cutoff_high_rms_absF           ? 
_refine.pdbx_overall_ESU_R                       ? 
_refine.ls_wR_factor_R_free                      ? 
_refine.ls_wR_factor_R_work                      ? 
_refine.overall_FOM_free_R_set                   ? 
_refine.overall_FOM_work_R_set                   ? 
_refine.pdbx_refine_id                           'X-RAY DIFFRACTION' 
_refine.pdbx_diffrn_id                           1 
_refine.pdbx_TLS_residual_ADP_flag               ? 
_refine.pdbx_overall_phase_error                 ? 
_refine.pdbx_overall_SU_R_free_Cruickshank_DPI   ? 
_refine.pdbx_overall_SU_R_Blow_DPI               ? 
_refine.pdbx_overall_SU_R_free_Blow_DPI          ? 
# 
_refine_analyze.entry_id                        2P5D 
_refine_analyze.Luzzati_coordinate_error_obs    0.21 
_refine_analyze.Luzzati_sigma_a_obs             0.10 
_refine_analyze.Luzzati_d_res_low_obs           5.00 
_refine_analyze.Luzzati_coordinate_error_free   0.23 
_refine_analyze.Luzzati_sigma_a_free            0.12 
_refine_analyze.Luzzati_d_res_low_free          ? 
_refine_analyze.number_disordered_residues      ? 
_refine_analyze.occupancy_sum_non_hydrogen      ? 
_refine_analyze.occupancy_sum_hydrogen          ? 
_refine_analyze.pdbx_Luzzati_d_res_high_obs     ? 
_refine_analyze.pdbx_refine_id                  'X-RAY DIFFRACTION' 
# 
_refine_hist.pdbx_refine_id                   'X-RAY DIFFRACTION' 
_refine_hist.cycle_id                         LAST 
_refine_hist.pdbx_number_atoms_protein        1221 
_refine_hist.pdbx_number_atoms_nucleic_acid   0 
_refine_hist.pdbx_number_atoms_ligand         0 
_refine_hist.number_atoms_solvent             194 
_refine_hist.number_atoms_total               1415 
_refine_hist.d_res_high                       1.70 
_refine_hist.d_res_low                        19.25 
# 
loop_
_refine_ls_restr.type 
_refine_ls_restr.dev_ideal 
_refine_ls_restr.dev_ideal_target 
_refine_ls_restr.weight 
_refine_ls_restr.number 
_refine_ls_restr.pdbx_refine_id 
_refine_ls_restr.pdbx_restraint_function 
c_angle_deg 1.4   ? ? ? 'X-RAY DIFFRACTION' ? 
c_bond_d    0.007 ? ? ? 'X-RAY DIFFRACTION' ? 
# 
_refine_ls_shell.pdbx_total_number_of_bins_used   ? 
_refine_ls_shell.d_res_high                       1.70 
_refine_ls_shell.d_res_low                        1.76 
_refine_ls_shell.number_reflns_R_work             ? 
_refine_ls_shell.R_factor_R_work                  0.257 
_refine_ls_shell.percent_reflns_obs               98.9 
_refine_ls_shell.R_factor_R_free                  0.279 
_refine_ls_shell.R_factor_R_free_error            0.030 
_refine_ls_shell.percent_reflns_R_free            ? 
_refine_ls_shell.number_reflns_R_free             85 
_refine_ls_shell.number_reflns_all                ? 
_refine_ls_shell.R_factor_all                     ? 
_refine_ls_shell.number_reflns_obs                1516 
_refine_ls_shell.redundancy_reflns_obs            ? 
_refine_ls_shell.pdbx_refine_id                   'X-RAY DIFFRACTION' 
# 
_struct.entry_id                  2P5D 
_struct.title                     'Crystal structure of MJECL36 from Methanocaldococcus jannaschii DSM 2661' 
_struct.pdbx_model_details        ? 
_struct.pdbx_CASP_flag            ? 
_struct.pdbx_model_type_details   ? 
# 
_struct_keywords.entry_id        2P5D 
_struct_keywords.pdbx_keywords   'STRUCTURAL GENOMICS, UNKNOWN FUNCTION' 
_struct_keywords.text            
;Methanocaldococcus jannaschii, NPPSFA, National Project on Protein Structural and Functional Analyses, RIKEN Structural Genomics/Proteomics Initiative, RSGI, STRUCTURAL GENOMICS, UNKNOWN FUNCTION
;
# 
loop_
_struct_asym.id 
_struct_asym.pdbx_blank_PDB_chainid_flag 
_struct_asym.pdbx_modified 
_struct_asym.entity_id 
_struct_asym.details 
A N N 1 ? 
B N N 2 ? 
# 
_struct_biol.id        1 
_struct_biol.details   'The biological assembly is monomer in the asymmetric.' 
# 
loop_
_struct_conf.conf_type_id 
_struct_conf.id 
_struct_conf.pdbx_PDB_helix_id 
_struct_conf.beg_label_comp_id 
_struct_conf.beg_label_asym_id 
_struct_conf.beg_label_seq_id 
_struct_conf.pdbx_beg_PDB_ins_code 
_struct_conf.end_label_comp_id 
_struct_conf.end_label_asym_id 
_struct_conf.end_label_seq_id 
_struct_conf.pdbx_end_PDB_ins_code 
_struct_conf.beg_auth_comp_id 
_struct_conf.beg_auth_asym_id 
_struct_conf.beg_auth_seq_id 
_struct_conf.end_auth_comp_id 
_struct_conf.end_auth_asym_id 
_struct_conf.end_auth_seq_id 
_struct_conf.pdbx_PDB_helix_class 
_struct_conf.details 
_struct_conf.pdbx_PDB_helix_length 
HELX_P HELX_P1 1 ASN A 12  ? LYS A 23  ? ASN A 12  LYS A 23  1 ? 12 
HELX_P HELX_P2 2 ALA A 28  ? ARG A 30  ? ALA A 28  ARG A 30  5 ? 3  
HELX_P HELX_P3 3 TYR A 31  ? ASN A 36  ? TYR A 31  ASN A 36  1 ? 6  
HELX_P HELX_P4 4 PHE A 108 ? ILE A 112 ? PHE A 108 ILE A 112 1 ? 5  
HELX_P HELX_P5 5 PRO A 113 ? LEU A 115 ? PRO A 113 LEU A 115 5 ? 3  
HELX_P HELX_P6 6 PRO A 137 ? GLY A 146 ? PRO A 137 GLY A 146 1 ? 10 
# 
_struct_conf_type.id          HELX_P 
_struct_conf_type.criteria    ? 
_struct_conf_type.reference   ? 
# 
_struct_mon_prot_cis.pdbx_id                1 
_struct_mon_prot_cis.label_comp_id          GLU 
_struct_mon_prot_cis.label_seq_id           103 
_struct_mon_prot_cis.label_asym_id          A 
_struct_mon_prot_cis.label_alt_id           . 
_struct_mon_prot_cis.pdbx_PDB_ins_code      ? 
_struct_mon_prot_cis.auth_comp_id           GLU 
_struct_mon_prot_cis.auth_seq_id            103 
_struct_mon_prot_cis.auth_asym_id           A 
_struct_mon_prot_cis.pdbx_label_comp_id_2   PRO 
_struct_mon_prot_cis.pdbx_label_seq_id_2    104 
_struct_mon_prot_cis.pdbx_label_asym_id_2   A 
_struct_mon_prot_cis.pdbx_PDB_ins_code_2    ? 
_struct_mon_prot_cis.pdbx_auth_comp_id_2    PRO 
_struct_mon_prot_cis.pdbx_auth_seq_id_2     104 
_struct_mon_prot_cis.pdbx_auth_asym_id_2    A 
_struct_mon_prot_cis.pdbx_PDB_model_num     1 
_struct_mon_prot_cis.pdbx_omega_angle       0.01 
# 
loop_
_struct_sheet.id 
_struct_sheet.type 
_struct_sheet.number_strands 
_struct_sheet.details 
A ? 3 ? 
B ? 6 ? 
# 
loop_
_struct_sheet_order.sheet_id 
_struct_sheet_order.range_id_1 
_struct_sheet_order.range_id_2 
_struct_sheet_order.offset 
_struct_sheet_order.sense 
A 1 2 ? anti-parallel 
A 2 3 ? anti-parallel 
B 1 2 ? anti-parallel 
B 2 3 ? anti-parallel 
B 3 4 ? anti-parallel 
B 4 5 ? parallel      
B 5 6 ? anti-parallel 
# 
loop_
_struct_sheet_range.sheet_id 
_struct_sheet_range.id 
_struct_sheet_range.beg_label_comp_id 
_struct_sheet_range.beg_label_asym_id 
_struct_sheet_range.beg_label_seq_id 
_struct_sheet_range.pdbx_beg_PDB_ins_code 
_struct_sheet_range.end_label_comp_id 
_struct_sheet_range.end_label_asym_id 
_struct_sheet_range.end_label_seq_id 
_struct_sheet_range.pdbx_end_PDB_ins_code 
_struct_sheet_range.beg_auth_comp_id 
_struct_sheet_range.beg_auth_asym_id 
_struct_sheet_range.beg_auth_seq_id 
_struct_sheet_range.end_auth_comp_id 
_struct_sheet_range.end_auth_asym_id 
_struct_sheet_range.end_auth_seq_id 
A 1 ILE A 24  ? VAL A 27  ? ILE A 24  VAL A 27  
A 2 TYR A 92  ? ASN A 107 ? TYR A 92  ASN A 107 
A 3 TYR A 72  ? LYS A 73  ? TYR A 72  LYS A 73  
B 1 ILE A 24  ? VAL A 27  ? ILE A 24  VAL A 27  
B 2 TYR A 92  ? ASN A 107 ? TYR A 92  ASN A 107 
B 3 TYR A 60  ? VAL A 67  ? TYR A 60  VAL A 67  
B 4 LYS A 43  ? GLU A 48  ? LYS A 43  GLU A 48  
B 5 TYR A 6   ? THR A 11  ? TYR A 6   THR A 11  
B 6 MET A 133 ? ILE A 136 ? MET A 133 ILE A 136 
# 
loop_
_pdbx_struct_sheet_hbond.sheet_id 
_pdbx_struct_sheet_hbond.range_id_1 
_pdbx_struct_sheet_hbond.range_id_2 
_pdbx_struct_sheet_hbond.range_1_label_atom_id 
_pdbx_struct_sheet_hbond.range_1_label_comp_id 
_pdbx_struct_sheet_hbond.range_1_label_asym_id 
_pdbx_struct_sheet_hbond.range_1_label_seq_id 
_pdbx_struct_sheet_hbond.range_1_PDB_ins_code 
_pdbx_struct_sheet_hbond.range_1_auth_atom_id 
_pdbx_struct_sheet_hbond.range_1_auth_comp_id 
_pdbx_struct_sheet_hbond.range_1_auth_asym_id 
_pdbx_struct_sheet_hbond.range_1_auth_seq_id 
_pdbx_struct_sheet_hbond.range_2_label_atom_id 
_pdbx_struct_sheet_hbond.range_2_label_comp_id 
_pdbx_struct_sheet_hbond.range_2_label_asym_id 
_pdbx_struct_sheet_hbond.range_2_label_seq_id 
_pdbx_struct_sheet_hbond.range_2_PDB_ins_code 
_pdbx_struct_sheet_hbond.range_2_auth_atom_id 
_pdbx_struct_sheet_hbond.range_2_auth_comp_id 
_pdbx_struct_sheet_hbond.range_2_auth_asym_id 
_pdbx_struct_sheet_hbond.range_2_auth_seq_id 
A 1 2 N VAL A 27  ? N VAL A 27  O TYR A 92  ? O TYR A 92  
A 2 3 O ARG A 93  ? O ARG A 93  N TYR A 72  ? N TYR A 72  
B 1 2 N VAL A 27  ? N VAL A 27  O TYR A 92  ? O TYR A 92  
B 2 3 O LYS A 100 ? O LYS A 100 N VAL A 64  ? N VAL A 64  
B 3 4 O TYR A 60  ? O TYR A 60  N GLU A 48  ? N GLU A 48  
B 4 5 O ILE A 45  ? O ILE A 45  N TRP A 7   ? N TRP A 7   
B 5 6 N LEU A 8   ? N LEU A 8   O ARG A 134 ? O ARG A 134 
# 
_atom_sites.entry_id                    2P5D 
_atom_sites.fract_transf_matrix[1][1]   -0.00954878 
_atom_sites.fract_transf_matrix[1][2]   0.00346680 
_atom_sites.fract_transf_matrix[1][3]   0.03076414 
_atom_sites.fract_transf_matrix[2][1]   -0.00793685 
_atom_sites.fract_transf_matrix[2][2]   -0.01311824 
_atom_sites.fract_transf_matrix[2][3]   -0.00098520 
_atom_sites.fract_transf_matrix[3][1]   0.01122337 
_atom_sites.fract_transf_matrix[3][2]   -0.00711222 
_atom_sites.fract_transf_matrix[3][3]   0.00428506 
_atom_sites.fract_transf_vector[1]      0.114378 
_atom_sites.fract_transf_vector[2]      0.476205 
_atom_sites.fract_transf_vector[3]      0.109717 
# 
loop_
_atom_type.symbol 
C 
N 
O 
S 
# 
loop_
_atom_site.group_PDB 
_atom_site.id 
_atom_site.type_symbol 
_atom_site.label_atom_id 
_atom_site.label_alt_id 
_atom_site.label_comp_id 
_atom_site.label_asym_id 
_atom_site.label_entity_id 
_atom_site.label_seq_id 
_atom_site.pdbx_PDB_ins_code 
_atom_site.Cartn_x 
_atom_site.Cartn_y 
_atom_site.Cartn_z 
_atom_site.occupancy 
_atom_site.B_iso_or_equiv 
_atom_site.pdbx_formal_charge 
_atom_site.auth_seq_id 
_atom_site.auth_comp_id 
_atom_site.auth_asym_id 
_atom_site.auth_atom_id 
_atom_site.pdbx_PDB_model_num 
ATOM   1    N N   . MET A 1 1   ? -11.688 22.115  -0.602  1.00 30.60 ? 1   MET A N   1 
ATOM   2    C CA  . MET A 1 1   ? -11.608 20.679  -0.206  1.00 30.69 ? 1   MET A CA  1 
ATOM   3    C C   . MET A 1 1   ? -10.432 20.422  0.734   1.00 28.50 ? 1   MET A C   1 
ATOM   4    O O   . MET A 1 1   ? -9.556  21.271  0.895   1.00 27.23 ? 1   MET A O   1 
ATOM   5    C CB  . MET A 1 1   ? -11.479 19.799  -1.452  1.00 33.58 ? 1   MET A CB  1 
ATOM   6    C CG  . MET A 1 1   ? -10.277 20.121  -2.325  1.00 37.09 ? 1   MET A CG  1 
ATOM   7    S SD  . MET A 1 1   ? -10.268 19.160  -3.856  1.00 43.10 ? 1   MET A SD  1 
ATOM   8    C CE  . MET A 1 1   ? -9.365  17.700  -3.343  1.00 40.10 ? 1   MET A CE  1 
ATOM   9    N N   . ASP A 1 2   ? -10.425 19.245  1.353   1.00 26.61 ? 2   ASP A N   1 
ATOM   10   C CA  . ASP A 1 2   ? -9.367  18.856  2.281   1.00 25.61 ? 2   ASP A CA  1 
ATOM   11   C C   . ASP A 1 2   ? -8.024  18.700  1.574   1.00 24.37 ? 2   ASP A C   1 
ATOM   12   O O   . ASP A 1 2   ? -7.968  18.564  0.354   1.00 23.99 ? 2   ASP A O   1 
ATOM   13   C CB  . ASP A 1 2   ? -9.736  17.541  2.971   1.00 26.98 ? 2   ASP A CB  1 
ATOM   14   C CG  . ASP A 1 2   ? -10.879 17.696  3.953   1.00 28.38 ? 2   ASP A CG  1 
ATOM   15   O OD1 . ASP A 1 2   ? -11.682 18.640  3.793   1.00 30.01 ? 2   ASP A OD1 1 
ATOM   16   O OD2 . ASP A 1 2   ? -10.979 16.865  4.880   1.00 29.20 ? 2   ASP A OD2 1 
ATOM   17   N N   . LEU A 1 3   ? -6.944  18.714  2.350   1.00 22.74 ? 3   LEU A N   1 
ATOM   18   C CA  . LEU A 1 3   ? -5.602  18.574  1.794   1.00 22.78 ? 3   LEU A CA  1 
ATOM   19   C C   . LEU A 1 3   ? -5.364  17.133  1.367   1.00 21.58 ? 3   LEU A C   1 
ATOM   20   O O   . LEU A 1 3   ? -5.992  16.211  1.892   1.00 21.73 ? 3   LEU A O   1 
ATOM   21   C CB  . LEU A 1 3   ? -4.552  18.964  2.836   1.00 23.84 ? 3   LEU A CB  1 
ATOM   22   C CG  . LEU A 1 3   ? -4.583  20.399  3.373   1.00 24.38 ? 3   LEU A CG  1 
ATOM   23   C CD1 . LEU A 1 3   ? -3.641  20.518  4.564   1.00 26.25 ? 3   LEU A CD1 1 
ATOM   24   C CD2 . LEU A 1 3   ? -4.193  21.369  2.274   1.00 24.52 ? 3   LEU A CD2 1 
ATOM   25   N N   . MET A 1 4   ? -4.457  16.941  0.414   1.00 20.70 ? 4   MET A N   1 
ATOM   26   C CA  . MET A 1 4   ? -4.136  15.595  -0.052  1.00 19.83 ? 4   MET A CA  1 
ATOM   27   C C   . MET A 1 4   ? -3.583  14.770  1.098   1.00 17.45 ? 4   MET A C   1 
ATOM   28   O O   . MET A 1 4   ? -2.873  15.287  1.959   1.00 17.15 ? 4   MET A O   1 
ATOM   29   C CB  . MET A 1 4   ? -3.088  15.636  -1.163  1.00 21.27 ? 4   MET A CB  1 
ATOM   30   C CG  . MET A 1 4   ? -3.563  16.228  -2.469  1.00 26.62 ? 4   MET A CG  1 
ATOM   31   S SD  . MET A 1 4   ? -2.193  16.382  -3.627  1.00 31.25 ? 4   MET A SD  1 
ATOM   32   C CE  . MET A 1 4   ? -0.939  17.055  -2.570  1.00 32.13 ? 4   MET A CE  1 
ATOM   33   N N   . ALA A 1 5   ? -3.914  13.485  1.106   1.00 16.29 ? 5   ALA A N   1 
ATOM   34   C CA  . ALA A 1 5   ? -3.429  12.574  2.135   1.00 15.08 ? 5   ALA A CA  1 
ATOM   35   C C   . ALA A 1 5   ? -2.507  11.563  1.462   1.00 13.97 ? 5   ALA A C   1 
ATOM   36   O O   . ALA A 1 5   ? -2.557  11.383  0.243   1.00 14.05 ? 5   ALA A O   1 
ATOM   37   C CB  . ALA A 1 5   ? -4.598  11.863  2.811   1.00 16.25 ? 5   ALA A CB  1 
ATOM   38   N N   . TYR A 1 6   ? -1.667  10.914  2.259   1.00 14.05 ? 6   TYR A N   1 
ATOM   39   C CA  . TYR A 1 6   ? -0.714  9.926   1.759   1.00 13.55 ? 6   TYR A CA  1 
ATOM   40   C C   . TYR A 1 6   ? -0.977  8.632   2.512   1.00 12.76 ? 6   TYR A C   1 
ATOM   41   O O   . TYR A 1 6   ? -0.989  8.616   3.743   1.00 12.23 ? 6   TYR A O   1 
ATOM   42   C CB  . TYR A 1 6   ? 0.700   10.433  2.009   1.00 15.42 ? 6   TYR A CB  1 
ATOM   43   C CG  . TYR A 1 6   ? 0.849   11.848  1.512   1.00 17.53 ? 6   TYR A CG  1 
ATOM   44   C CD1 . TYR A 1 6   ? 1.021   12.114  0.157   1.00 20.21 ? 6   TYR A CD1 1 
ATOM   45   C CD2 . TYR A 1 6   ? 0.689   12.927  2.380   1.00 19.50 ? 6   TYR A CD2 1 
ATOM   46   C CE1 . TYR A 1 6   ? 1.018   13.423  -0.325  1.00 20.69 ? 6   TYR A CE1 1 
ATOM   47   C CE2 . TYR A 1 6   ? 0.682   14.234  1.910   1.00 21.81 ? 6   TYR A CE2 1 
ATOM   48   C CZ  . TYR A 1 6   ? 0.843   14.472  0.555   1.00 22.58 ? 6   TYR A CZ  1 
ATOM   49   O OH  . TYR A 1 6   ? 0.783   15.759  0.078   1.00 22.56 ? 6   TYR A OH  1 
ATOM   50   N N   . TRP A 1 7   ? -1.186  7.554   1.766   1.00 12.02 ? 7   TRP A N   1 
ATOM   51   C CA  . TRP A 1 7   ? -1.511  6.269   2.370   1.00 12.46 ? 7   TRP A CA  1 
ATOM   52   C C   . TRP A 1 7   ? -0.567  5.125   2.061   1.00 12.04 ? 7   TRP A C   1 
ATOM   53   O O   . TRP A 1 7   ? -0.335  4.797   0.897   1.00 11.40 ? 7   TRP A O   1 
ATOM   54   C CB  . TRP A 1 7   ? -2.910  5.826   1.932   1.00 12.71 ? 7   TRP A CB  1 
ATOM   55   C CG  . TRP A 1 7   ? -3.964  6.857   2.098   1.00 14.04 ? 7   TRP A CG  1 
ATOM   56   C CD1 . TRP A 1 7   ? -4.354  7.793   1.181   1.00 14.77 ? 7   TRP A CD1 1 
ATOM   57   C CD2 . TRP A 1 7   ? -4.762  7.075   3.261   1.00 14.40 ? 7   TRP A CD2 1 
ATOM   58   N NE1 . TRP A 1 7   ? -5.351  8.582   1.706   1.00 15.06 ? 7   TRP A NE1 1 
ATOM   59   C CE2 . TRP A 1 7   ? -5.620  8.162   2.982   1.00 15.09 ? 7   TRP A CE2 1 
ATOM   60   C CE3 . TRP A 1 7   ? -4.837  6.455   4.516   1.00 14.64 ? 7   TRP A CE3 1 
ATOM   61   C CZ2 . TRP A 1 7   ? -6.545  8.644   3.914   1.00 15.34 ? 7   TRP A CZ2 1 
ATOM   62   C CZ3 . TRP A 1 7   ? -5.756  6.934   5.444   1.00 16.32 ? 7   TRP A CZ3 1 
ATOM   63   C CH2 . TRP A 1 7   ? -6.598  8.018   5.136   1.00 17.15 ? 7   TRP A CH2 1 
ATOM   64   N N   . LEU A 1 8   ? -0.045  4.501   3.112   1.00 11.23 ? 8   LEU A N   1 
ATOM   65   C CA  . LEU A 1 8   ? 0.819   3.343   2.942   1.00 11.94 ? 8   LEU A CA  1 
ATOM   66   C C   . LEU A 1 8   ? -0.169  2.186   2.783   1.00 12.63 ? 8   LEU A C   1 
ATOM   67   O O   . LEU A 1 8   ? -1.043  1.996   3.631   1.00 14.46 ? 8   LEU A O   1 
ATOM   68   C CB  . LEU A 1 8   ? 1.678   3.124   4.189   1.00 12.20 ? 8   LEU A CB  1 
ATOM   69   C CG  . LEU A 1 8   ? 2.734   2.024   4.094   1.00 13.76 ? 8   LEU A CG  1 
ATOM   70   C CD1 . LEU A 1 8   ? 3.830   2.445   3.124   1.00 13.98 ? 8   LEU A CD1 1 
ATOM   71   C CD2 . LEU A 1 8   ? 3.322   1.762   5.474   1.00 17.11 ? 8   LEU A CD2 1 
ATOM   72   N N   . CYS A 1 9   ? -0.040  1.433   1.697   1.00 10.59 ? 9   CYS A N   1 
ATOM   73   C CA  . CYS A 1 9   ? -0.936  0.313   1.417   1.00 10.52 ? 9   CYS A CA  1 
ATOM   74   C C   . CYS A 1 9   ? -0.158  -0.990  1.521   1.00 11.74 ? 9   CYS A C   1 
ATOM   75   O O   . CYS A 1 9   ? 0.796   -1.211  0.778   1.00 11.46 ? 9   CYS A O   1 
ATOM   76   C CB  . CYS A 1 9   ? -1.529  0.474   0.019   1.00 10.22 ? 9   CYS A CB  1 
ATOM   77   S SG  . CYS A 1 9   ? -2.531  1.974   -0.152  1.00 12.97 ? 9   CYS A SG  1 
ATOM   78   N N   . ILE A 1 10  ? -0.579  -1.850  2.442   1.00 12.15 ? 10  ILE A N   1 
ATOM   79   C CA  . ILE A 1 10  ? 0.105   -3.122  2.690   1.00 12.51 ? 10  ILE A CA  1 
ATOM   80   C C   . ILE A 1 10  ? -0.377  -4.254  1.793   1.00 11.43 ? 10  ILE A C   1 
ATOM   81   O O   . ILE A 1 10  ? -1.562  -4.590  1.788   1.00 12.36 ? 10  ILE A O   1 
ATOM   82   C CB  . ILE A 1 10  ? -0.076  -3.548  4.160   1.00 12.12 ? 10  ILE A CB  1 
ATOM   83   C CG1 . ILE A 1 10  ? 0.243   -2.376  5.089   1.00 15.96 ? 10  ILE A CG1 1 
ATOM   84   C CG2 . ILE A 1 10  ? 0.811   -4.737  4.467   1.00 14.70 ? 10  ILE A CG2 1 
ATOM   85   C CD1 . ILE A 1 10  ? 1.609   -1.766  4.876   1.00 17.29 ? 10  ILE A CD1 1 
ATOM   86   N N   . THR A 1 11  ? 0.542   -4.848  1.038   1.00 12.64 ? 11  THR A N   1 
ATOM   87   C CA  . THR A 1 11  ? 0.187   -5.943  0.139   1.00 13.41 ? 11  THR A CA  1 
ATOM   88   C C   . THR A 1 11  ? 1.272   -7.015  0.132   1.00 14.92 ? 11  THR A C   1 
ATOM   89   O O   . THR A 1 11  ? 2.285   -6.891  0.826   1.00 14.36 ? 11  THR A O   1 
ATOM   90   C CB  . THR A 1 11  ? -0.025  -5.422  -1.306  1.00 14.27 ? 11  THR A CB  1 
ATOM   91   O OG1 . THR A 1 11  ? -0.657  -6.437  -2.098  1.00 16.11 ? 11  THR A OG1 1 
ATOM   92   C CG2 . THR A 1 11  ? 1.311   -5.054  -1.950  1.00 15.20 ? 11  THR A CG2 1 
ATOM   93   N N   . ASN A 1 12  ? 1.053   -8.082  -0.632  1.00 14.97 ? 12  ASN A N   1 
ATOM   94   C CA  . ASN A 1 12  ? 2.042   -9.149  -0.726  1.00 16.71 ? 12  ASN A CA  1 
ATOM   95   C C   . ASN A 1 12  ? 2.650   -9.174  -2.125  1.00 15.98 ? 12  ASN A C   1 
ATOM   96   O O   . ASN A 1 12  ? 2.287   -8.372  -2.984  1.00 15.70 ? 12  ASN A O   1 
ATOM   97   C CB  . ASN A 1 12  ? 1.413   -10.510 -0.391  1.00 16.99 ? 12  ASN A CB  1 
ATOM   98   C CG  . ASN A 1 12  ? 0.157   -10.788 -1.188  1.00 19.28 ? 12  ASN A CG  1 
ATOM   99   O OD1 . ASN A 1 12  ? 0.128   -10.612 -2.405  1.00 16.17 ? 12  ASN A OD1 1 
ATOM   100  N ND2 . ASN A 1 12  ? -0.890  -11.242 -0.503  1.00 23.58 ? 12  ASN A ND2 1 
ATOM   101  N N   . GLU A 1 13  ? 3.580   -10.097 -2.346  1.00 17.83 ? 13  GLU A N   1 
ATOM   102  C CA  . GLU A 1 13  ? 4.257   -10.220 -3.632  1.00 16.89 ? 13  GLU A CA  1 
ATOM   103  C C   . GLU A 1 13  ? 3.326   -10.470 -4.814  1.00 17.19 ? 13  GLU A C   1 
ATOM   104  O O   . GLU A 1 13  ? 3.489   -9.866  -5.878  1.00 16.18 ? 13  GLU A O   1 
ATOM   105  C CB  . GLU A 1 13  ? 5.305   -11.333 -3.551  1.00 17.64 ? 13  GLU A CB  1 
ATOM   106  C CG  . GLU A 1 13  ? 6.412   -11.037 -2.556  1.00 19.89 ? 13  GLU A CG  1 
ATOM   107  C CD  . GLU A 1 13  ? 7.352   -12.204 -2.364  1.00 19.91 ? 13  GLU A CD  1 
ATOM   108  O OE1 . GLU A 1 13  ? 7.885   -12.715 -3.375  1.00 21.20 ? 13  GLU A OE1 1 
ATOM   109  O OE2 . GLU A 1 13  ? 7.563   -12.603 -1.199  1.00 21.95 ? 13  GLU A OE2 1 
ATOM   110  N N   . ASP A 1 14  ? 2.352   -11.355 -4.637  1.00 17.10 ? 14  ASP A N   1 
ATOM   111  C CA  . ASP A 1 14  ? 1.423   -11.660 -5.719  1.00 17.21 ? 14  ASP A CA  1 
ATOM   112  C C   . ASP A 1 14  ? 0.531   -10.484 -6.088  1.00 15.86 ? 14  ASP A C   1 
ATOM   113  O O   . ASP A 1 14  ? 0.348   -10.182 -7.267  1.00 17.99 ? 14  ASP A O   1 
ATOM   114  C CB  . ASP A 1 14  ? 0.544   -12.864 -5.364  1.00 19.40 ? 14  ASP A CB  1 
ATOM   115  C CG  . ASP A 1 14  ? 1.263   -14.182 -5.556  1.00 22.85 ? 14  ASP A CG  1 
ATOM   116  O OD1 . ASP A 1 14  ? 2.297   -14.196 -6.252  1.00 22.09 ? 14  ASP A OD1 1 
ATOM   117  O OD2 . ASP A 1 14  ? 0.787   -15.207 -5.027  1.00 26.16 ? 14  ASP A OD2 1 
ATOM   118  N N   . ASN A 1 15  ? -0.021  -9.812  -5.084  1.00 15.87 ? 15  ASN A N   1 
ATOM   119  C CA  . ASN A 1 15  ? -0.902  -8.690  -5.356  1.00 14.49 ? 15  ASN A CA  1 
ATOM   120  C C   . ASN A 1 15  ? -0.193  -7.418  -5.797  1.00 14.39 ? 15  ASN A C   1 
ATOM   121  O O   . ASN A 1 15  ? -0.813  -6.557  -6.411  1.00 14.94 ? 15  ASN A O   1 
ATOM   122  C CB  . ASN A 1 15  ? -1.825  -8.441  -4.165  1.00 15.22 ? 15  ASN A CB  1 
ATOM   123  C CG  . ASN A 1 15  ? -2.893  -9.511  -4.053  1.00 16.22 ? 15  ASN A CG  1 
ATOM   124  O OD1 . ASN A 1 15  ? -3.433  -9.951  -5.065  1.00 18.56 ? 15  ASN A OD1 1 
ATOM   125  N ND2 . ASN A 1 15  ? -3.209  -9.927  -2.834  1.00 18.58 ? 15  ASN A ND2 1 
ATOM   126  N N   . TRP A 1 16  ? 1.100   -7.294  -5.502  1.00 14.34 ? 16  TRP A N   1 
ATOM   127  C CA  . TRP A 1 16  ? 1.833   -6.123  -5.974  1.00 14.46 ? 16  TRP A CA  1 
ATOM   128  C C   . TRP A 1 16  ? 1.822   -6.204  -7.502  1.00 15.49 ? 16  TRP A C   1 
ATOM   129  O O   . TRP A 1 16  ? 1.612   -5.209  -8.193  1.00 15.82 ? 16  TRP A O   1 
ATOM   130  C CB  . TRP A 1 16  ? 3.287   -6.134  -5.486  1.00 13.82 ? 16  TRP A CB  1 
ATOM   131  C CG  . TRP A 1 16  ? 4.222   -5.412  -6.432  1.00 14.06 ? 16  TRP A CG  1 
ATOM   132  C CD1 . TRP A 1 16  ? 5.286   -5.949  -7.100  1.00 14.14 ? 16  TRP A CD1 1 
ATOM   133  C CD2 . TRP A 1 16  ? 4.132   -4.046  -6.857  1.00 13.97 ? 16  TRP A CD2 1 
ATOM   134  N NE1 . TRP A 1 16  ? 5.863   -5.003  -7.916  1.00 13.96 ? 16  TRP A NE1 1 
ATOM   135  C CE2 . TRP A 1 16  ? 5.173   -3.827  -7.787  1.00 13.92 ? 16  TRP A CE2 1 
ATOM   136  C CE3 . TRP A 1 16  ? 3.271   -2.985  -6.546  1.00 13.77 ? 16  TRP A CE3 1 
ATOM   137  C CZ2 . TRP A 1 16  ? 5.377   -2.592  -8.409  1.00 14.24 ? 16  TRP A CZ2 1 
ATOM   138  C CZ3 . TRP A 1 16  ? 3.474   -1.754  -7.165  1.00 14.98 ? 16  TRP A CZ3 1 
ATOM   139  C CH2 . TRP A 1 16  ? 4.520   -1.570  -8.087  1.00 14.12 ? 16  TRP A CH2 1 
ATOM   140  N N   . LYS A 1 17  ? 2.054   -7.404  -8.022  1.00 15.73 ? 17  LYS A N   1 
ATOM   141  C CA  . LYS A 1 17  ? 2.073   -7.617  -9.464  1.00 16.96 ? 17  LYS A CA  1 
ATOM   142  C C   . LYS A 1 17  ? 0.744   -7.220  -10.099 1.00 16.30 ? 17  LYS A C   1 
ATOM   143  O O   . LYS A 1 17  ? 0.717   -6.688  -11.210 1.00 16.10 ? 17  LYS A O   1 
ATOM   144  C CB  . LYS A 1 17  ? 2.398   -9.083  -9.770  1.00 18.65 ? 17  LYS A CB  1 
ATOM   145  C CG  . LYS A 1 17  ? 3.783   -9.494  -9.309  1.00 21.76 ? 17  LYS A CG  1 
ATOM   146  C CD  . LYS A 1 17  ? 4.084   -10.948 -9.627  1.00 24.69 ? 17  LYS A CD  1 
ATOM   147  C CE  . LYS A 1 17  ? 5.492   -11.316 -9.184  1.00 27.02 ? 17  LYS A CE  1 
ATOM   148  N NZ  . LYS A 1 17  ? 5.803   -12.747 -9.457  1.00 30.06 ? 17  LYS A NZ  1 
ATOM   149  N N   . VAL A 1 18  ? -0.355  -7.471  -9.391  1.00 15.50 ? 18  VAL A N   1 
ATOM   150  C CA  . VAL A 1 18  ? -1.681  -7.123  -9.895  1.00 16.08 ? 18  VAL A CA  1 
ATOM   151  C C   . VAL A 1 18  ? -1.880  -5.606  -9.874  1.00 16.14 ? 18  VAL A C   1 
ATOM   152  O O   . VAL A 1 18  ? -2.376  -5.022  -10.839 1.00 17.77 ? 18  VAL A O   1 
ATOM   153  C CB  . VAL A 1 18  ? -2.793  -7.793  -9.053  1.00 15.17 ? 18  VAL A CB  1 
ATOM   154  C CG1 . VAL A 1 18  ? -4.161  -7.326  -9.532  1.00 15.01 ? 18  VAL A CG1 1 
ATOM   155  C CG2 . VAL A 1 18  ? -2.684  -9.313  -9.167  1.00 16.20 ? 18  VAL A CG2 1 
ATOM   156  N N   . ILE A 1 19  ? -1.491  -4.976  -8.769  1.00 14.88 ? 19  ILE A N   1 
ATOM   157  C CA  . ILE A 1 19  ? -1.614  -3.526  -8.623  1.00 14.57 ? 19  ILE A CA  1 
ATOM   158  C C   . ILE A 1 19  ? -0.787  -2.821  -9.700  1.00 15.27 ? 19  ILE A C   1 
ATOM   159  O O   . ILE A 1 19  ? -1.230  -1.841  -10.307 1.00 15.48 ? 19  ILE A O   1 
ATOM   160  C CB  . ILE A 1 19  ? -1.118  -3.073  -7.224  1.00 15.42 ? 19  ILE A CB  1 
ATOM   161  C CG1 . ILE A 1 19  ? -2.043  -3.631  -6.143  1.00 14.26 ? 19  ILE A CG1 1 
ATOM   162  C CG2 . ILE A 1 19  ? -1.067  -1.547  -7.136  1.00 15.94 ? 19  ILE A CG2 1 
ATOM   163  C CD1 . ILE A 1 19  ? -1.498  -3.474  -4.735  1.00 15.29 ? 19  ILE A CD1 1 
ATOM   164  N N   . LYS A 1 20  ? 0.413   -3.338  -9.935  1.00 14.63 ? 20  LYS A N   1 
ATOM   165  C CA  . LYS A 1 20  ? 1.321   -2.767  -10.922 1.00 16.72 ? 20  LYS A CA  1 
ATOM   166  C C   . LYS A 1 20  ? 0.728   -2.848  -12.331 1.00 16.40 ? 20  LYS A C   1 
ATOM   167  O O   . LYS A 1 20  ? 0.821   -1.899  -13.110 1.00 16.94 ? 20  LYS A O   1 
ATOM   168  C CB  . LYS A 1 20  ? 2.658   -3.517  -10.867 1.00 16.44 ? 20  LYS A CB  1 
ATOM   169  C CG  . LYS A 1 20  ? 3.748   -2.984  -11.786 1.00 20.55 ? 20  LYS A CG  1 
ATOM   170  C CD  . LYS A 1 20  ? 4.961   -3.910  -11.729 1.00 22.99 ? 20  LYS A CD  1 
ATOM   171  C CE  . LYS A 1 20  ? 6.113   -3.396  -12.564 1.00 24.62 ? 20  LYS A CE  1 
ATOM   172  N NZ  . LYS A 1 20  ? 7.247   -4.362  -12.531 1.00 26.99 ? 20  LYS A NZ  1 
ATOM   173  N N   . GLU A 1 21  ? 0.104   -3.977  -12.643 1.00 16.16 ? 21  GLU A N   1 
ATOM   174  C CA  . GLU A 1 21  ? -0.475  -4.185  -13.966 1.00 17.20 ? 21  GLU A CA  1 
ATOM   175  C C   . GLU A 1 21  ? -1.840  -3.547  -14.200 1.00 17.34 ? 21  GLU A C   1 
ATOM   176  O O   . GLU A 1 21  ? -2.067  -2.937  -15.246 1.00 17.26 ? 21  GLU A O   1 
ATOM   177  C CB  . GLU A 1 21  ? -0.578  -5.682  -14.263 1.00 18.71 ? 21  GLU A CB  1 
ATOM   178  C CG  . GLU A 1 21  ? -0.990  -5.990  -15.698 1.00 20.49 ? 21  GLU A CG  1 
ATOM   179  C CD  . GLU A 1 21  ? -1.133  -7.480  -15.961 1.00 23.57 ? 21  GLU A CD  1 
ATOM   180  O OE1 . GLU A 1 21  ? -0.334  -8.264  -15.403 1.00 25.98 ? 21  GLU A OE1 1 
ATOM   181  O OE2 . GLU A 1 21  ? -2.033  -7.866  -16.736 1.00 24.18 ? 21  GLU A OE2 1 
ATOM   182  N N   . LYS A 1 22  ? -2.743  -3.693  -13.234 1.00 17.37 ? 22  LYS A N   1 
ATOM   183  C CA  . LYS A 1 22  ? -4.100  -3.173  -13.358 1.00 17.75 ? 22  LYS A CA  1 
ATOM   184  C C   . LYS A 1 22  ? -4.320  -1.753  -12.847 1.00 16.87 ? 22  LYS A C   1 
ATOM   185  O O   . LYS A 1 22  ? -5.332  -1.131  -13.167 1.00 17.57 ? 22  LYS A O   1 
ATOM   186  C CB  . LYS A 1 22  ? -5.079  -4.113  -12.646 1.00 19.67 ? 22  LYS A CB  1 
ATOM   187  C CG  . LYS A 1 22  ? -4.988  -5.564  -13.091 1.00 21.66 ? 22  LYS A CG  1 
ATOM   188  C CD  . LYS A 1 22  ? -5.313  -5.725  -14.568 1.00 24.70 ? 22  LYS A CD  1 
ATOM   189  C CE  . LYS A 1 22  ? -5.349  -7.195  -14.961 1.00 25.40 ? 22  LYS A CE  1 
ATOM   190  N NZ  . LYS A 1 22  ? -5.738  -7.375  -16.382 1.00 27.69 ? 22  LYS A NZ  1 
ATOM   191  N N   . LYS A 1 23  ? -3.383  -1.247  -12.051 1.00 15.20 ? 23  LYS A N   1 
ATOM   192  C CA  . LYS A 1 23  ? -3.486  0.099   -11.500 1.00 15.81 ? 23  LYS A CA  1 
ATOM   193  C C   . LYS A 1 23  ? -4.794  0.317   -10.744 1.00 14.61 ? 23  LYS A C   1 
ATOM   194  O O   . LYS A 1 23  ? -5.547  1.263   -10.997 1.00 13.44 ? 23  LYS A O   1 
ATOM   195  C CB  . LYS A 1 23  ? -3.315  1.132   -12.613 1.00 16.64 ? 23  LYS A CB  1 
ATOM   196  C CG  . LYS A 1 23  ? -1.913  1.108   -13.204 1.00 20.17 ? 23  LYS A CG  1 
ATOM   197  C CD  . LYS A 1 23  ? -1.821  1.867   -14.510 1.00 23.92 ? 23  LYS A CD  1 
ATOM   198  C CE  . LYS A 1 23  ? -0.445  1.690   -15.132 1.00 25.38 ? 23  LYS A CE  1 
ATOM   199  N NZ  . LYS A 1 23  ? -0.095  2.810   -16.054 1.00 27.05 ? 23  LYS A NZ  1 
ATOM   200  N N   . ILE A 1 24  ? -5.041  -0.593  -9.812  1.00 13.48 ? 24  ILE A N   1 
ATOM   201  C CA  . ILE A 1 24  ? -6.210  -0.571  -8.943  1.00 13.84 ? 24  ILE A CA  1 
ATOM   202  C C   . ILE A 1 24  ? -5.740  -1.018  -7.565  1.00 13.92 ? 24  ILE A C   1 
ATOM   203  O O   . ILE A 1 24  ? -4.912  -1.923  -7.453  1.00 13.77 ? 24  ILE A O   1 
ATOM   204  C CB  . ILE A 1 24  ? -7.297  -1.582  -9.404  1.00 14.72 ? 24  ILE A CB  1 
ATOM   205  C CG1 . ILE A 1 24  ? -7.922  -1.128  -10.722 1.00 15.48 ? 24  ILE A CG1 1 
ATOM   206  C CG2 . ILE A 1 24  ? -8.367  -1.719  -8.329  1.00 15.63 ? 24  ILE A CG2 1 
ATOM   207  C CD1 . ILE A 1 24  ? -8.888  -2.132  -11.326 1.00 16.76 ? 24  ILE A CD1 1 
ATOM   208  N N   . TRP A 1 25  ? -6.248  -0.367  -6.526  1.00 12.63 ? 25  TRP A N   1 
ATOM   209  C CA  . TRP A 1 25  ? -5.939  -0.742  -5.152  1.00 12.47 ? 25  TRP A CA  1 
ATOM   210  C C   . TRP A 1 25  ? -7.270  -1.126  -4.535  1.00 13.21 ? 25  TRP A C   1 
ATOM   211  O O   . TRP A 1 25  ? -8.263  -0.433  -4.739  1.00 13.67 ? 25  TRP A O   1 
ATOM   212  C CB  . TRP A 1 25  ? -5.346  0.428   -4.362  1.00 12.11 ? 25  TRP A CB  1 
ATOM   213  C CG  . TRP A 1 25  ? -5.356  0.200   -2.870  1.00 11.65 ? 25  TRP A CG  1 
ATOM   214  C CD1 . TRP A 1 25  ? -6.094  0.880   -1.944  1.00 12.30 ? 25  TRP A CD1 1 
ATOM   215  C CD2 . TRP A 1 25  ? -4.618  -0.794  -2.141  1.00 11.39 ? 25  TRP A CD2 1 
ATOM   216  N NE1 . TRP A 1 25  ? -5.864  0.375   -0.686  1.00 13.08 ? 25  TRP A NE1 1 
ATOM   217  C CE2 . TRP A 1 25  ? -4.963  -0.653  -0.778  1.00 12.24 ? 25  TRP A CE2 1 
ATOM   218  C CE3 . TRP A 1 25  ? -3.702  -1.788  -2.508  1.00 11.35 ? 25  TRP A CE3 1 
ATOM   219  C CZ2 . TRP A 1 25  ? -4.422  -1.471  0.222   1.00 12.82 ? 25  TRP A CZ2 1 
ATOM   220  C CZ3 . TRP A 1 25  ? -3.166  -2.604  -1.513  1.00 11.82 ? 25  TRP A CZ3 1 
ATOM   221  C CH2 . TRP A 1 25  ? -3.530  -2.437  -0.166  1.00 12.48 ? 25  TRP A CH2 1 
ATOM   222  N N   . GLY A 1 26  ? -7.298  -2.222  -3.785  1.00 13.21 ? 26  GLY A N   1 
ATOM   223  C CA  . GLY A 1 26  ? -8.542  -2.638  -3.160  1.00 12.31 ? 26  GLY A CA  1 
ATOM   224  C C   . GLY A 1 26  ? -8.359  -3.206  -1.763  1.00 13.73 ? 26  GLY A C   1 
ATOM   225  O O   . GLY A 1 26  ? -7.282  -3.697  -1.421  1.00 14.22 ? 26  GLY A O   1 
ATOM   226  N N   . VAL A 1 27  ? -9.407  -3.124  -0.948  1.00 15.32 ? 27  VAL A N   1 
ATOM   227  C CA  . VAL A 1 27  ? -9.368  -3.660  0.412   1.00 14.57 ? 27  VAL A CA  1 
ATOM   228  C C   . VAL A 1 27  ? -10.616 -4.493  0.685   1.00 15.14 ? 27  VAL A C   1 
ATOM   229  O O   . VAL A 1 27  ? -11.592 -4.440  -0.067  1.00 15.30 ? 27  VAL A O   1 
ATOM   230  C CB  . VAL A 1 27  ? -9.296  -2.546  1.491   1.00 15.17 ? 27  VAL A CB  1 
ATOM   231  C CG1 . VAL A 1 27  ? -8.082  -1.668  1.260   1.00 16.20 ? 27  VAL A CG1 1 
ATOM   232  C CG2 . VAL A 1 27  ? -10.576 -1.716  1.488   1.00 14.71 ? 27  VAL A CG2 1 
ATOM   233  N N   . ALA A 1 28  ? -10.574 -5.255  1.772   1.00 16.43 ? 28  ALA A N   1 
ATOM   234  C CA  . ALA A 1 28  ? -11.694 -6.101  2.168   1.00 16.01 ? 28  ALA A CA  1 
ATOM   235  C C   . ALA A 1 28  ? -12.689 -5.314  3.022   1.00 17.92 ? 28  ALA A C   1 
ATOM   236  O O   . ALA A 1 28  ? -12.386 -4.219  3.503   1.00 17.47 ? 28  ALA A O   1 
ATOM   237  C CB  . ALA A 1 28  ? -11.182 -7.309  2.949   1.00 17.29 ? 28  ALA A CB  1 
ATOM   238  N N   . GLU A 1 29  ? -13.874 -5.891  3.198   1.00 18.42 ? 29  GLU A N   1 
ATOM   239  C CA  . GLU A 1 29  ? -14.958 -5.307  3.985   1.00 20.20 ? 29  GLU A CA  1 
ATOM   240  C C   . GLU A 1 29  ? -14.466 -4.745  5.316   1.00 19.56 ? 29  GLU A C   1 
ATOM   241  O O   . GLU A 1 29  ? -14.808 -3.624  5.702   1.00 19.91 ? 29  GLU A O   1 
ATOM   242  C CB  . GLU A 1 29  ? -16.015 -6.389  4.249   1.00 21.34 ? 29  GLU A CB  1 
ATOM   243  C CG  . GLU A 1 29  ? -17.214 -5.957  5.081   1.00 25.21 ? 29  GLU A CG  1 
ATOM   244  C CD  . GLU A 1 29  ? -18.189 -5.109  4.294   1.00 26.01 ? 29  GLU A CD  1 
ATOM   245  O OE1 . GLU A 1 29  ? -18.295 -5.321  3.065   1.00 26.74 ? 29  GLU A OE1 1 
ATOM   246  O OE2 . GLU A 1 29  ? -18.858 -4.247  4.902   1.00 28.74 ? 29  GLU A OE2 1 
ATOM   247  N N   . ARG A 1 30  ? -13.663 -5.541  6.012   1.00 20.07 ? 30  ARG A N   1 
ATOM   248  C CA  . ARG A 1 30  ? -13.124 -5.171  7.310   1.00 21.36 ? 30  ARG A CA  1 
ATOM   249  C C   . ARG A 1 30  ? -12.416 -3.827  7.323   1.00 20.75 ? 30  ARG A C   1 
ATOM   250  O O   . ARG A 1 30  ? -12.395 -3.138  8.344   1.00 20.78 ? 30  ARG A O   1 
ATOM   251  C CB  . ARG A 1 30  ? -12.158 -6.258  7.788   1.00 23.54 ? 30  ARG A CB  1 
ATOM   252  C CG  . ARG A 1 30  ? -11.541 -5.988  9.145   1.00 27.33 ? 30  ARG A CG  1 
ATOM   253  C CD  . ARG A 1 30  ? -10.758 -7.189  9.630   1.00 30.36 ? 30  ARG A CD  1 
ATOM   254  N NE  . ARG A 1 30  ? -10.188 -6.966  10.955  1.00 33.49 ? 30  ARG A NE  1 
ATOM   255  C CZ  . ARG A 1 30  ? -9.550  -7.896  11.654  1.00 35.76 ? 30  ARG A CZ  1 
ATOM   256  N NH1 . ARG A 1 30  ? -9.402  -9.116  11.151  1.00 36.28 ? 30  ARG A NH1 1 
ATOM   257  N NH2 . ARG A 1 30  ? -9.061  -7.611  12.855  1.00 35.70 ? 30  ARG A NH2 1 
ATOM   258  N N   . TYR A 1 31  ? -11.845 -3.448  6.187   1.00 20.48 ? 31  TYR A N   1 
ATOM   259  C CA  . TYR A 1 31  ? -11.110 -2.194  6.107   1.00 20.91 ? 31  TYR A CA  1 
ATOM   260  C C   . TYR A 1 31  ? -11.736 -1.140  5.200   1.00 21.08 ? 31  TYR A C   1 
ATOM   261  O O   . TYR A 1 31  ? -11.065 -0.183  4.817   1.00 19.04 ? 31  TYR A O   1 
ATOM   262  C CB  . TYR A 1 31  ? -9.677  -2.482  5.653   1.00 23.56 ? 31  TYR A CB  1 
ATOM   263  C CG  . TYR A 1 31  ? -8.976  -3.480  6.546   1.00 26.25 ? 31  TYR A CG  1 
ATOM   264  C CD1 . TYR A 1 31  ? -8.654  -3.157  7.865   1.00 28.92 ? 31  TYR A CD1 1 
ATOM   265  C CD2 . TYR A 1 31  ? -8.677  -4.764  6.089   1.00 29.04 ? 31  TYR A CD2 1 
ATOM   266  C CE1 . TYR A 1 31  ? -8.058  -4.091  8.710   1.00 31.54 ? 31  TYR A CE1 1 
ATOM   267  C CE2 . TYR A 1 31  ? -8.082  -5.703  6.923   1.00 30.69 ? 31  TYR A CE2 1 
ATOM   268  C CZ  . TYR A 1 31  ? -7.776  -5.360  8.232   1.00 32.23 ? 31  TYR A CZ  1 
ATOM   269  O OH  . TYR A 1 31  ? -7.199  -6.292  9.068   1.00 36.11 ? 31  TYR A OH  1 
ATOM   270  N N   . LYS A 1 32  ? -13.015 -1.292  4.866   1.00 19.86 ? 32  LYS A N   1 
ATOM   271  C CA  . LYS A 1 32  ? -13.648 -0.307  3.995   1.00 20.74 ? 32  LYS A CA  1 
ATOM   272  C C   . LYS A 1 32  ? -13.687 1.054   4.685   1.00 19.77 ? 32  LYS A C   1 
ATOM   273  O O   . LYS A 1 32  ? -13.662 2.096   4.030   1.00 18.75 ? 32  LYS A O   1 
ATOM   274  C CB  . LYS A 1 32  ? -15.064 -0.748  3.605   1.00 22.20 ? 32  LYS A CB  1 
ATOM   275  C CG  . LYS A 1 32  ? -16.103 -0.637  4.700   1.00 25.03 ? 32  LYS A CG  1 
ATOM   276  C CD  . LYS A 1 32  ? -17.467 -1.027  4.154   1.00 28.13 ? 32  LYS A CD  1 
ATOM   277  C CE  . LYS A 1 32  ? -18.575 -0.750  5.149   1.00 29.69 ? 32  LYS A CE  1 
ATOM   278  N NZ  . LYS A 1 32  ? -19.856 -1.362  4.697   1.00 31.63 ? 32  LYS A NZ  1 
ATOM   279  N N   . ASN A 1 33  ? -13.731 1.030   6.014   1.00 19.56 ? 33  ASN A N   1 
ATOM   280  C CA  . ASN A 1 33  ? -13.763 2.247   6.815   1.00 20.79 ? 33  ASN A CA  1 
ATOM   281  C C   . ASN A 1 33  ? -12.536 3.124   6.569   1.00 19.32 ? 33  ASN A C   1 
ATOM   282  O O   . ASN A 1 33  ? -12.614 4.354   6.616   1.00 18.03 ? 33  ASN A O   1 
ATOM   283  C CB  . ASN A 1 33  ? -13.848 1.874   8.296   1.00 25.79 ? 33  ASN A CB  1 
ATOM   284  C CG  . ASN A 1 33  ? -15.043 2.490   8.985   1.00 31.18 ? 33  ASN A CG  1 
ATOM   285  O OD1 . ASN A 1 33  ? -14.904 3.402   9.799   1.00 35.67 ? 33  ASN A OD1 1 
ATOM   286  N ND2 . ASN A 1 33  ? -16.234 1.988   8.663   1.00 32.47 ? 33  ASN A ND2 1 
ATOM   287  N N   . THR A 1 34  ? -11.402 2.489   6.305   1.00 17.88 ? 34  THR A N   1 
ATOM   288  C CA  . THR A 1 34  ? -10.175 3.234   6.063   1.00 16.45 ? 34  THR A CA  1 
ATOM   289  C C   . THR A 1 34  ? -10.077 3.712   4.620   1.00 15.67 ? 34  THR A C   1 
ATOM   290  O O   . THR A 1 34  ? -9.772  4.877   4.370   1.00 15.65 ? 34  THR A O   1 
ATOM   291  C CB  . THR A 1 34  ? -8.941  2.382   6.400   1.00 17.95 ? 34  THR A CB  1 
ATOM   292  O OG1 . THR A 1 34  ? -8.989  2.009   7.785   1.00 19.04 ? 34  THR A OG1 1 
ATOM   293  C CG2 . THR A 1 34  ? -7.660  3.166   6.137   1.00 16.32 ? 34  THR A CG2 1 
ATOM   294  N N   . ILE A 1 35  ? -10.345 2.824   3.669   1.00 13.49 ? 35  ILE A N   1 
ATOM   295  C CA  . ILE A 1 35  ? -10.256 3.226   2.275   1.00 13.73 ? 35  ILE A CA  1 
ATOM   296  C C   . ILE A 1 35  ? -11.303 4.289   1.947   1.00 12.81 ? 35  ILE A C   1 
ATOM   297  O O   . ILE A 1 35  ? -11.091 5.110   1.060   1.00 12.27 ? 35  ILE A O   1 
ATOM   298  C CB  . ILE A 1 35  ? -10.409 2.026   1.311   1.00 14.92 ? 35  ILE A CB  1 
ATOM   299  C CG1 . ILE A 1 35  ? -9.868  2.420   -0.068  1.00 13.92 ? 35  ILE A CG1 1 
ATOM   300  C CG2 . ILE A 1 35  ? -11.876 1.612   1.195   1.00 14.35 ? 35  ILE A CG2 1 
ATOM   301  C CD1 . ILE A 1 35  ? -9.871  1.282   -1.084  1.00 14.50 ? 35  ILE A CD1 1 
ATOM   302  N N   . ASN A 1 36  ? -12.421 4.292   2.666   1.00 12.46 ? 36  ASN A N   1 
ATOM   303  C CA  . ASN A 1 36  ? -13.446 5.296   2.394   1.00 13.60 ? 36  ASN A CA  1 
ATOM   304  C C   . ASN A 1 36  ? -12.975 6.719   2.707   1.00 12.82 ? 36  ASN A C   1 
ATOM   305  O O   . ASN A 1 36  ? -13.636 7.692   2.332   1.00 13.44 ? 36  ASN A O   1 
ATOM   306  C CB  . ASN A 1 36  ? -14.741 4.994   3.161   1.00 14.23 ? 36  ASN A CB  1 
ATOM   307  C CG  . ASN A 1 36  ? -15.727 4.181   2.340   1.00 14.27 ? 36  ASN A CG  1 
ATOM   308  O OD1 . ASN A 1 36  ? -15.625 4.123   1.114   1.00 17.03 ? 36  ASN A OD1 1 
ATOM   309  N ND2 . ASN A 1 36  ? -16.699 3.568   3.007   1.00 14.92 ? 36  ASN A ND2 1 
ATOM   310  N N   . LYS A 1 37  ? -11.840 6.842   3.390   1.00 13.51 ? 37  LYS A N   1 
ATOM   311  C CA  . LYS A 1 37  ? -11.281 8.154   3.727   1.00 14.49 ? 37  LYS A CA  1 
ATOM   312  C C   . LYS A 1 37  ? -10.423 8.691   2.586   1.00 14.79 ? 37  LYS A C   1 
ATOM   313  O O   . LYS A 1 37  ? -9.962  9.837   2.616   1.00 15.29 ? 37  LYS A O   1 
ATOM   314  C CB  . LYS A 1 37  ? -10.414 8.063   4.981   1.00 15.25 ? 37  LYS A CB  1 
ATOM   315  C CG  . LYS A 1 37  ? -11.162 7.704   6.241   1.00 18.45 ? 37  LYS A CG  1 
ATOM   316  C CD  . LYS A 1 37  ? -10.190 7.590   7.404   1.00 21.61 ? 37  LYS A CD  1 
ATOM   317  C CE  . LYS A 1 37  ? -10.896 7.180   8.681   1.00 23.13 ? 37  LYS A CE  1 
ATOM   318  N NZ  . LYS A 1 37  ? -9.923  7.002   9.792   1.00 27.93 ? 37  LYS A NZ  1 
ATOM   319  N N   . VAL A 1 38  ? -10.207 7.849   1.583   1.00 13.66 ? 38  VAL A N   1 
ATOM   320  C CA  . VAL A 1 38  ? -9.394  8.217   0.436   1.00 14.89 ? 38  VAL A CA  1 
ATOM   321  C C   . VAL A 1 38  ? -10.170 9.061   -0.566  1.00 15.39 ? 38  VAL A C   1 
ATOM   322  O O   . VAL A 1 38  ? -11.372 8.881   -0.752  1.00 17.26 ? 38  VAL A O   1 
ATOM   323  C CB  . VAL A 1 38  ? -8.867  6.949   -0.267  1.00 14.98 ? 38  VAL A CB  1 
ATOM   324  C CG1 . VAL A 1 38  ? -8.019  7.317   -1.473  1.00 16.59 ? 38  VAL A CG1 1 
ATOM   325  C CG2 . VAL A 1 38  ? -8.065  6.121   0.729   1.00 13.36 ? 38  VAL A CG2 1 
ATOM   326  N N   . LYS A 1 39  ? -9.476  9.993   -1.208  1.00 15.89 ? 39  LYS A N   1 
ATOM   327  C CA  . LYS A 1 39  ? -10.115 10.839  -2.201  1.00 16.69 ? 39  LYS A CA  1 
ATOM   328  C C   . LYS A 1 39  ? -9.184  11.082  -3.383  1.00 16.90 ? 39  LYS A C   1 
ATOM   329  O O   . LYS A 1 39  ? -7.972  10.861  -3.297  1.00 15.83 ? 39  LYS A O   1 
ATOM   330  C CB  . LYS A 1 39  ? -10.543 12.165  -1.572  1.00 19.53 ? 39  LYS A CB  1 
ATOM   331  C CG  . LYS A 1 39  ? -9.409  12.998  -1.010  1.00 21.01 ? 39  LYS A CG  1 
ATOM   332  C CD  . LYS A 1 39  ? -9.952  14.212  -0.268  1.00 24.36 ? 39  LYS A CD  1 
ATOM   333  C CE  . LYS A 1 39  ? -8.832  15.053  0.322   1.00 23.15 ? 39  LYS A CE  1 
ATOM   334  N NZ  . LYS A 1 39  ? -8.025  14.295  1.324   1.00 24.94 ? 39  LYS A NZ  1 
ATOM   335  N N   . VAL A 1 40  ? -9.764  11.514  -4.495  1.00 15.58 ? 40  VAL A N   1 
ATOM   336  C CA  . VAL A 1 40  ? -8.986  11.785  -5.689  1.00 15.49 ? 40  VAL A CA  1 
ATOM   337  C C   . VAL A 1 40  ? -7.893  12.789  -5.357  1.00 15.59 ? 40  VAL A C   1 
ATOM   338  O O   . VAL A 1 40  ? -8.134  13.782  -4.665  1.00 15.57 ? 40  VAL A O   1 
ATOM   339  C CB  . VAL A 1 40  ? -9.890  12.339  -6.814  1.00 15.39 ? 40  VAL A CB  1 
ATOM   340  C CG1 . VAL A 1 40  ? -9.054  12.731  -8.023  1.00 16.01 ? 40  VAL A CG1 1 
ATOM   341  C CG2 . VAL A 1 40  ? -10.912 11.284  -7.203  1.00 16.68 ? 40  VAL A CG2 1 
ATOM   342  N N   . GLY A 1 41  ? -6.687  12.516  -5.841  1.00 15.43 ? 41  GLY A N   1 
ATOM   343  C CA  . GLY A 1 41  ? -5.574  13.408  -5.585  1.00 14.93 ? 41  GLY A CA  1 
ATOM   344  C C   . GLY A 1 41  ? -4.648  12.879  -4.507  1.00 13.82 ? 41  GLY A C   1 
ATOM   345  O O   . GLY A 1 41  ? -3.504  13.320  -4.395  1.00 14.38 ? 41  GLY A O   1 
ATOM   346  N N   . ASP A 1 42  ? -5.142  11.943  -3.698  1.00 12.78 ? 42  ASP A N   1 
ATOM   347  C CA  . ASP A 1 42  ? -4.324  11.351  -2.646  1.00 13.51 ? 42  ASP A CA  1 
ATOM   348  C C   . ASP A 1 42  ? -3.259  10.483  -3.304  1.00 12.93 ? 42  ASP A C   1 
ATOM   349  O O   . ASP A 1 42  ? -3.363  10.141  -4.480  1.00 12.94 ? 42  ASP A O   1 
ATOM   350  C CB  . ASP A 1 42  ? -5.166  10.469  -1.718  1.00 13.35 ? 42  ASP A CB  1 
ATOM   351  C CG  . ASP A 1 42  ? -5.873  11.255  -0.623  1.00 14.93 ? 42  ASP A CG  1 
ATOM   352  O OD1 . ASP A 1 42  ? -5.685  12.488  -0.533  1.00 15.07 ? 42  ASP A OD1 1 
ATOM   353  O OD2 . ASP A 1 42  ? -6.620  10.622  0.158   1.00 13.92 ? 42  ASP A OD2 1 
ATOM   354  N N   . LYS A 1 43  ? -2.242  10.128  -2.536  1.00 12.44 ? 43  LYS A N   1 
ATOM   355  C CA  . LYS A 1 43  ? -1.166  9.288   -3.038  1.00 14.16 ? 43  LYS A CA  1 
ATOM   356  C C   . LYS A 1 43  ? -1.137  7.986   -2.250  1.00 12.50 ? 43  LYS A C   1 
ATOM   357  O O   . LYS A 1 43  ? -1.339  7.988   -1.039  1.00 13.36 ? 43  LYS A O   1 
ATOM   358  C CB  . LYS A 1 43  ? 0.180   9.998   -2.880  1.00 16.77 ? 43  LYS A CB  1 
ATOM   359  C CG  . LYS A 1 43  ? 0.211   11.432  -3.402  1.00 19.44 ? 43  LYS A CG  1 
ATOM   360  C CD  . LYS A 1 43  ? 0.169   11.481  -4.918  1.00 22.41 ? 43  LYS A CD  1 
ATOM   361  C CE  . LYS A 1 43  ? 0.470   12.887  -5.437  1.00 23.85 ? 43  LYS A CE  1 
ATOM   362  N NZ  . LYS A 1 43  ? -0.724  13.777  -5.359  1.00 24.72 ? 43  LYS A NZ  1 
ATOM   363  N N   . LEU A 1 44  ? -0.897  6.883   -2.952  1.00 11.62 ? 44  LEU A N   1 
ATOM   364  C CA  . LEU A 1 44  ? -0.794  5.572   -2.328  1.00 10.87 ? 44  LEU A CA  1 
ATOM   365  C C   . LEU A 1 44  ? 0.651   5.110   -2.460  1.00 10.82 ? 44  LEU A C   1 
ATOM   366  O O   . LEU A 1 44  ? 1.253   5.212   -3.530  1.00 11.33 ? 44  LEU A O   1 
ATOM   367  C CB  . LEU A 1 44  ? -1.715  4.551   -3.014  1.00 10.81 ? 44  LEU A CB  1 
ATOM   368  C CG  . LEU A 1 44  ? -3.215  4.842   -3.117  1.00 11.31 ? 44  LEU A CG  1 
ATOM   369  C CD1 . LEU A 1 44  ? -3.915  3.564   -3.569  1.00 11.51 ? 44  LEU A CD1 1 
ATOM   370  C CD2 . LEU A 1 44  ? -3.780  5.314   -1.772  1.00 11.05 ? 44  LEU A CD2 1 
ATOM   371  N N   . ILE A 1 45  ? 1.208   4.622   -1.361  1.00 10.57 ? 45  ILE A N   1 
ATOM   372  C CA  . ILE A 1 45  ? 2.573   4.120   -1.345  1.00 11.36 ? 45  ILE A CA  1 
ATOM   373  C C   . ILE A 1 45  ? 2.439   2.624   -1.118  1.00 11.94 ? 45  ILE A C   1 
ATOM   374  O O   . ILE A 1 45  ? 2.011   2.195   -0.046  1.00 11.74 ? 45  ILE A O   1 
ATOM   375  C CB  . ILE A 1 45  ? 3.390   4.738   -0.193  1.00 12.39 ? 45  ILE A CB  1 
ATOM   376  C CG1 . ILE A 1 45  ? 3.485   6.260   -0.368  1.00 14.81 ? 45  ILE A CG1 1 
ATOM   377  C CG2 . ILE A 1 45  ? 4.765   4.104   -0.145  1.00 12.11 ? 45  ILE A CG2 1 
ATOM   378  C CD1 . ILE A 1 45  ? 2.268   7.033   0.123   1.00 13.75 ? 45  ILE A CD1 1 
ATOM   379  N N   . ILE A 1 46  ? 2.799   1.832   -2.127  1.00 12.80 ? 46  ILE A N   1 
ATOM   380  C CA  . ILE A 1 46  ? 2.659   0.384   -2.035  1.00 10.84 ? 46  ILE A CA  1 
ATOM   381  C C   . ILE A 1 46  ? 3.792   -0.289  -1.268  1.00 10.85 ? 46  ILE A C   1 
ATOM   382  O O   . ILE A 1 46  ? 4.961   -0.222  -1.659  1.00 11.97 ? 46  ILE A O   1 
ATOM   383  C CB  . ILE A 1 46  ? 2.540   -0.250  -3.438  1.00 11.25 ? 46  ILE A CB  1 
ATOM   384  C CG1 . ILE A 1 46  ? 1.515   0.524   -4.284  1.00 12.06 ? 46  ILE A CG1 1 
ATOM   385  C CG2 . ILE A 1 46  ? 2.103   -1.703  -3.311  1.00 10.96 ? 46  ILE A CG2 1 
ATOM   386  C CD1 . ILE A 1 46  ? 0.143   0.635   -3.644  1.00 12.92 ? 46  ILE A CD1 1 
ATOM   387  N N   . TYR A 1 47  ? 3.413   -0.946  -0.174  1.00 11.15 ? 47  TYR A N   1 
ATOM   388  C CA  . TYR A 1 47  ? 4.341   -1.646  0.707   1.00 11.11 ? 47  TYR A CA  1 
ATOM   389  C C   . TYR A 1 47  ? 4.139   -3.147  0.525   1.00 11.22 ? 47  TYR A C   1 
ATOM   390  O O   . TYR A 1 47  ? 3.040   -3.655  0.720   1.00 12.17 ? 47  TYR A O   1 
ATOM   391  C CB  . TYR A 1 47  ? 4.038   -1.252  2.152   1.00 10.76 ? 47  TYR A CB  1 
ATOM   392  C CG  . TYR A 1 47  ? 4.887   -1.919  3.203   1.00 11.72 ? 47  TYR A CG  1 
ATOM   393  C CD1 . TYR A 1 47  ? 4.575   -3.193  3.671   1.00 12.00 ? 47  TYR A CD1 1 
ATOM   394  C CD2 . TYR A 1 47  ? 5.965   -1.247  3.782   1.00 12.34 ? 47  TYR A CD2 1 
ATOM   395  C CE1 . TYR A 1 47  ? 5.309   -3.781  4.698   1.00 12.59 ? 47  TYR A CE1 1 
ATOM   396  C CE2 . TYR A 1 47  ? 6.701   -1.825  4.806   1.00 14.08 ? 47  TYR A CE2 1 
ATOM   397  C CZ  . TYR A 1 47  ? 6.369   -3.089  5.261   1.00 14.24 ? 47  TYR A CZ  1 
ATOM   398  O OH  . TYR A 1 47  ? 7.096   -3.650  6.282   1.00 15.74 ? 47  TYR A OH  1 
ATOM   399  N N   . GLU A 1 48  ? 5.206   -3.841  0.143   1.00 12.15 ? 48  GLU A N   1 
ATOM   400  C CA  . GLU A 1 48  ? 5.162   -5.280  -0.077  1.00 9.87  ? 48  GLU A CA  1 
ATOM   401  C C   . GLU A 1 48  ? 5.821   -5.958  1.123   1.00 10.61 ? 48  GLU A C   1 
ATOM   402  O O   . GLU A 1 48  ? 7.022   -5.798  1.359   1.00 10.56 ? 48  GLU A O   1 
ATOM   403  C CB  . GLU A 1 48  ? 5.912   -5.619  -1.368  1.00 10.88 ? 48  GLU A CB  1 
ATOM   404  C CG  . GLU A 1 48  ? 5.825   -7.070  -1.785  1.00 13.06 ? 48  GLU A CG  1 
ATOM   405  C CD  . GLU A 1 48  ? 6.710   -7.364  -2.977  1.00 13.60 ? 48  GLU A CD  1 
ATOM   406  O OE1 . GLU A 1 48  ? 7.936   -7.485  -2.782  1.00 14.17 ? 48  GLU A OE1 1 
ATOM   407  O OE2 . GLU A 1 48  ? 6.188   -7.453  -4.109  1.00 15.98 ? 48  GLU A OE2 1 
ATOM   408  N N   . ILE A 1 49  ? 5.031   -6.721  1.876   1.00 11.14 ? 49  ILE A N   1 
ATOM   409  C CA  . ILE A 1 49  ? 5.536   -7.380  3.072   1.00 11.78 ? 49  ILE A CA  1 
ATOM   410  C C   . ILE A 1 49  ? 6.778   -8.240  2.897   1.00 11.03 ? 49  ILE A C   1 
ATOM   411  O O   . ILE A 1 49  ? 7.041   -8.813  1.835   1.00 11.56 ? 49  ILE A O   1 
ATOM   412  C CB  . ILE A 1 49  ? 4.453   -8.255  3.756   1.00 12.13 ? 49  ILE A CB  1 
ATOM   413  C CG1 . ILE A 1 49  ? 4.010   -9.376  2.816   1.00 14.48 ? 49  ILE A CG1 1 
ATOM   414  C CG2 . ILE A 1 49  ? 3.267   -7.388  4.168   1.00 13.84 ? 49  ILE A CG2 1 
ATOM   415  C CD1 . ILE A 1 49  ? 3.044   -10.362 3.457   1.00 16.02 ? 49  ILE A CD1 1 
ATOM   416  N N   . GLN A 1 50  ? 7.545   -8.305  3.974   1.00 11.02 ? 50  GLN A N   1 
ATOM   417  C CA  . GLN A 1 50  ? 8.761   -9.092  4.027   1.00 11.69 ? 50  GLN A CA  1 
ATOM   418  C C   . GLN A 1 50  ? 8.412   -10.562 3.874   1.00 12.80 ? 50  GLN A C   1 
ATOM   419  O O   . GLN A 1 50  ? 7.314   -10.985 4.241   1.00 13.07 ? 50  GLN A O   1 
ATOM   420  C CB  . GLN A 1 50  ? 9.431   -8.871  5.387   1.00 13.67 ? 50  GLN A CB  1 
ATOM   421  C CG  . GLN A 1 50  ? 10.477  -9.902  5.789   1.00 14.76 ? 50  GLN A CG  1 
ATOM   422  C CD  . GLN A 1 50  ? 11.147  -9.546  7.106   1.00 14.94 ? 50  GLN A CD  1 
ATOM   423  O OE1 . GLN A 1 50  ? 11.493  -8.390  7.338   1.00 16.00 ? 50  GLN A OE1 1 
ATOM   424  N NE2 . GLN A 1 50  ? 11.347  -10.538 7.966   1.00 15.29 ? 50  GLN A NE2 1 
ATOM   425  N N   . ARG A 1 51  ? 9.332   -11.325 3.295   1.00 13.30 ? 51  ARG A N   1 
ATOM   426  C CA  . ARG A 1 51  ? 9.223   -12.734 3.180   1.00 14.33 ? 51  ARG A CA  1 
ATOM   427  C C   . ARG A 1 51  ? 10.177  -13.277 4.184   1.00 13.54 ? 51  ARG A C   1 
ATOM   428  O O   . ARG A 1 51  ? 11.389  -13.160 4.055   1.00 13.40 ? 51  ARG A O   1 
ATOM   429  C CB  . ARG A 1 51  ? 9.662   -13.138 1.772   1.00 17.15 ? 51  ARG A CB  1 
ATOM   430  C CG  . ARG A 1 51  ? 9.387   -14.614 1.480   1.00 20.99 ? 51  ARG A CG  1 
ATOM   431  C CD  . ARG A 1 51  ? 10.155  -15.114 0.250   1.00 23.02 ? 51  ARG A CD  1 
ATOM   432  N NE  . ARG A 1 51  ? 9.804   -14.326 -0.935  1.00 26.52 ? 51  ARG A NE  1 
ATOM   433  C CZ  . ARG A 1 51  ? 10.776  -14.108 -1.841  1.00 26.72 ? 51  ARG A CZ  1 
ATOM   434  N NH1 . ARG A 1 51  ? 11.986  -14.602 -1.647  1.00 24.80 ? 51  ARG A NH1 1 
ATOM   435  N NH2 . ARG A 1 51  ? 10.509  -13.393 -2.937  1.00 26.64 ? 51  ARG A NH2 1 
ATOM   436  N N   . SER A 1 52  ? 9.700   -13.853 5.279   1.00 13.81 ? 52  SER A N   1 
ATOM   437  C CA  . SER A 1 52  ? 10.595  -14.367 6.313   1.00 13.22 ? 52  SER A CA  1 
ATOM   438  C C   . SER A 1 52  ? 11.047  -15.780 5.979   1.00 14.51 ? 52  SER A C   1 
ATOM   439  O O   . SER A 1 52  ? 10.443  -16.453 5.145   1.00 14.53 ? 52  SER A O   1 
ATOM   440  C CB  . SER A 1 52  ? 9.892   -14.364 7.673   1.00 13.34 ? 52  SER A CB  1 
ATOM   441  O OG  . SER A 1 52  ? 9.535   -13.047 8.069   1.00 13.86 ? 52  SER A OG  1 
ATOM   442  N N   . GLY A 1 53  ? 12.116  -16.225 6.633   1.00 14.08 ? 53  GLY A N   1 
ATOM   443  C CA  . GLY A 1 53  ? 12.619  -17.564 6.396   1.00 15.05 ? 53  GLY A CA  1 
ATOM   444  C C   . GLY A 1 53  ? 13.910  -17.627 5.606   1.00 14.74 ? 53  GLY A C   1 
ATOM   445  O O   . GLY A 1 53  ? 14.547  -16.605 5.345   1.00 14.66 ? 53  GLY A O   1 
ATOM   446  N N   . LYS A 1 54  ? 14.285  -18.839 5.206   1.00 16.13 ? 54  LYS A N   1 
ATOM   447  C CA  . LYS A 1 54  ? 15.522  -19.069 4.464   1.00 17.39 ? 54  LYS A CA  1 
ATOM   448  C C   . LYS A 1 54  ? 15.595  -18.384 3.104   1.00 18.13 ? 54  LYS A C   1 
ATOM   449  O O   . LYS A 1 54  ? 16.686  -18.177 2.565   1.00 19.30 ? 54  LYS A O   1 
ATOM   450  C CB  . LYS A 1 54  ? 15.748  -20.572 4.316   1.00 20.66 ? 54  LYS A CB  1 
ATOM   451  C CG  . LYS A 1 54  ? 15.683  -21.306 5.643   1.00 24.56 ? 54  LYS A CG  1 
ATOM   452  C CD  . LYS A 1 54  ? 15.816  -22.803 5.441   1.00 27.71 ? 54  LYS A CD  1 
ATOM   453  C CE  . LYS A 1 54  ? 14.915  -23.566 6.394   1.00 29.51 ? 54  LYS A CE  1 
ATOM   454  N NZ  . LYS A 1 54  ? 15.317  -24.997 6.488   1.00 32.09 ? 54  LYS A NZ  1 
ATOM   455  N N   . ASP A 1 55  ? 14.441  -18.036 2.544   1.00 17.80 ? 55  ASP A N   1 
ATOM   456  C CA  . ASP A 1 55  ? 14.406  -17.331 1.267   1.00 19.26 ? 55  ASP A CA  1 
ATOM   457  C C   . ASP A 1 55  ? 13.976  -15.899 1.556   1.00 17.32 ? 55  ASP A C   1 
ATOM   458  O O   . ASP A 1 55  ? 13.097  -15.350 0.895   1.00 19.41 ? 55  ASP A O   1 
ATOM   459  C CB  . ASP A 1 55  ? 13.426  -17.995 0.301   1.00 22.10 ? 55  ASP A CB  1 
ATOM   460  C CG  . ASP A 1 55  ? 13.945  -19.317 -0.224  1.00 25.97 ? 55  ASP A CG  1 
ATOM   461  O OD1 . ASP A 1 55  ? 15.050  -19.327 -0.806  1.00 28.37 ? 55  ASP A OD1 1 
ATOM   462  O OD2 . ASP A 1 55  ? 13.253  -20.342 -0.054  1.00 29.77 ? 55  ASP A OD2 1 
ATOM   463  N N   . TYR A 1 56  ? 14.617  -15.314 2.561   1.00 15.65 ? 56  TYR A N   1 
ATOM   464  C CA  . TYR A 1 56  ? 14.343  -13.953 3.008   1.00 14.60 ? 56  TYR A CA  1 
ATOM   465  C C   . TYR A 1 56  ? 14.294  -12.880 1.924   1.00 14.48 ? 56  TYR A C   1 
ATOM   466  O O   . TYR A 1 56  ? 15.164  -12.812 1.050   1.00 16.21 ? 56  TYR A O   1 
ATOM   467  C CB  . TYR A 1 56  ? 15.387  -13.538 4.048   1.00 13.16 ? 56  TYR A CB  1 
ATOM   468  C CG  . TYR A 1 56  ? 15.299  -12.084 4.454   1.00 13.14 ? 56  TYR A CG  1 
ATOM   469  C CD1 . TYR A 1 56  ? 14.243  -11.626 5.239   1.00 13.10 ? 56  TYR A CD1 1 
ATOM   470  C CD2 . TYR A 1 56  ? 16.264  -11.166 4.044   1.00 12.73 ? 56  TYR A CD2 1 
ATOM   471  C CE1 . TYR A 1 56  ? 14.150  -10.286 5.606   1.00 14.11 ? 56  TYR A CE1 1 
ATOM   472  C CE2 . TYR A 1 56  ? 16.180  -9.819  4.406   1.00 12.09 ? 56  TYR A CE2 1 
ATOM   473  C CZ  . TYR A 1 56  ? 15.119  -9.392  5.187   1.00 12.25 ? 56  TYR A CZ  1 
ATOM   474  O OH  . TYR A 1 56  ? 15.033  -8.072  5.566   1.00 13.68 ? 56  TYR A OH  1 
ATOM   475  N N   . LYS A 1 57  ? 13.264  -12.043 2.011   1.00 13.40 ? 57  LYS A N   1 
ATOM   476  C CA  . LYS A 1 57  ? 13.058  -10.917 1.108   1.00 13.29 ? 57  LYS A CA  1 
ATOM   477  C C   . LYS A 1 57  ? 12.685  -9.750  2.008   1.00 12.67 ? 57  LYS A C   1 
ATOM   478  O O   . LYS A 1 57  ? 11.720  -9.836  2.762   1.00 13.14 ? 57  LYS A O   1 
ATOM   479  C CB  . LYS A 1 57  ? 11.896  -11.167 0.148   1.00 10.87 ? 57  LYS A CB  1 
ATOM   480  C CG  . LYS A 1 57  ? 11.591  -9.967  -0.745  1.00 11.66 ? 57  LYS A CG  1 
ATOM   481  C CD  . LYS A 1 57  ? 10.222  -10.079 -1.408  1.00 10.83 ? 57  LYS A CD  1 
ATOM   482  C CE  . LYS A 1 57  ? 9.083   -9.733  -0.444  1.00 10.49 ? 57  LYS A CE  1 
ATOM   483  N NZ  . LYS A 1 57  ? 9.041   -8.280  -0.112  1.00 11.24 ? 57  LYS A NZ  1 
ATOM   484  N N   . PRO A 1 58  ? 13.434  -8.642  1.938   1.00 12.88 ? 58  PRO A N   1 
ATOM   485  C CA  . PRO A 1 58  ? 13.105  -7.500  2.792   1.00 12.74 ? 58  PRO A CA  1 
ATOM   486  C C   . PRO A 1 58  ? 11.761  -6.886  2.449   1.00 12.53 ? 58  PRO A C   1 
ATOM   487  O O   . PRO A 1 58  ? 11.226  -7.097  1.361   1.00 11.23 ? 58  PRO A O   1 
ATOM   488  C CB  . PRO A 1 58  ? 14.231  -6.503  2.506   1.00 13.57 ? 58  PRO A CB  1 
ATOM   489  C CG  . PRO A 1 58  ? 15.189  -7.012  1.470   1.00 16.07 ? 58  PRO A CG  1 
ATOM   490  C CD  . PRO A 1 58  ? 14.612  -8.351  1.105   1.00 12.51 ? 58  PRO A CD  1 
ATOM   491  N N   . PRO A 1 59  ? 11.183  -6.131  3.393   1.00 11.97 ? 59  PRO A N   1 
ATOM   492  C CA  . PRO A 1 59  ? 9.956   -5.417  3.118   1.00 11.37 ? 59  PRO A CA  1 
ATOM   493  C C   . PRO A 1 59  ? 10.291  -4.334  2.124   1.00 12.04 ? 59  PRO A C   1 
ATOM   494  O O   . PRO A 1 59  ? 11.292  -3.647  2.249   1.00 11.44 ? 59  PRO A O   1 
ATOM   495  C CB  . PRO A 1 59  ? 9.476   -4.784  4.425   1.00 11.23 ? 59  PRO A CB  1 
ATOM   496  C CG  . PRO A 1 59  ? 10.696  -4.604  5.306   1.00 10.33 ? 59  PRO A CG  1 
ATOM   497  C CD  . PRO A 1 59  ? 11.602  -5.819  4.771   1.00 11.44 ? 59  PRO A CD  1 
ATOM   498  N N   . TYR A 1 60  ? 9.460   -4.219  1.088   1.00 11.79 ? 60  TYR A N   1 
ATOM   499  C CA  . TYR A 1 60  ? 9.752   -3.346  -0.045  1.00 14.14 ? 60  TYR A CA  1 
ATOM   500  C C   . TYR A 1 60  ? 8.752   -2.190  -0.149  1.00 13.11 ? 60  TYR A C   1 
ATOM   501  O O   . TYR A 1 60  ? 7.556   -2.349  0.060   1.00 12.77 ? 60  TYR A O   1 
ATOM   502  C CB  . TYR A 1 60  ? 9.711   -4.189  -1.321  1.00 15.08 ? 60  TYR A CB  1 
ATOM   503  C CG  . TYR A 1 60  ? 10.992  -4.928  -1.478  1.00 15.80 ? 60  TYR A CG  1 
ATOM   504  C CD1 . TYR A 1 60  ? 12.189  -4.328  -1.100  1.00 16.06 ? 60  TYR A CD1 1 
ATOM   505  C CD2 . TYR A 1 60  ? 11.003  -6.216  -2.014  1.00 17.54 ? 60  TYR A CD2 1 
ATOM   506  C CE1 . TYR A 1 60  ? 13.388  -5.012  -1.250  1.00 18.91 ? 60  TYR A CE1 1 
ATOM   507  C CE2 . TYR A 1 60  ? 12.202  -6.895  -2.172  1.00 19.01 ? 60  TYR A CE2 1 
ATOM   508  C CZ  . TYR A 1 60  ? 13.389  -6.296  -1.798  1.00 18.90 ? 60  TYR A CZ  1 
ATOM   509  O OH  . TYR A 1 60  ? 14.588  -6.964  -1.957  1.00 22.24 ? 60  TYR A OH  1 
ATOM   510  N N   . ILE A 1 61  ? 9.223   -0.987  -0.543  1.00 11.53 ? 61  ILE A N   1 
ATOM   511  C CA  . ILE A 1 61  ? 8.304   -0.029  -1.151  1.00 13.20 ? 61  ILE A CA  1 
ATOM   512  C C   . ILE A 1 61  ? 8.390   -0.135  -2.671  1.00 12.58 ? 61  ILE A C   1 
ATOM   513  O O   . ILE A 1 61  ? 9.400   0.186   -3.291  1.00 13.35 ? 61  ILE A O   1 
ATOM   514  C CB  . ILE A 1 61  ? 8.690   1.380   -0.698  1.00 13.14 ? 61  ILE A CB  1 
ATOM   515  C CG1 . ILE A 1 61  ? 8.547   1.509   0.821   1.00 18.01 ? 61  ILE A CG1 1 
ATOM   516  C CG2 . ILE A 1 61  ? 7.745   2.407   -1.352  1.00 14.58 ? 61  ILE A CG2 1 
ATOM   517  C CD1 . ILE A 1 61  ? 8.154   2.923   1.255   1.00 21.97 ? 61  ILE A CD1 1 
ATOM   518  N N   . ARG A 1 62  ? 7.308   -0.655  -3.279  1.00 12.10 ? 62  ARG A N   1 
ATOM   519  C CA  . ARG A 1 62  ? 7.375   -0.984  -4.702  1.00 12.48 ? 62  ARG A CA  1 
ATOM   520  C C   . ARG A 1 62  ? 7.102   0.211   -5.619  1.00 12.70 ? 62  ARG A C   1 
ATOM   521  O O   . ARG A 1 62  ? 7.611   0.301   -6.728  1.00 13.09 ? 62  ARG A O   1 
ATOM   522  C CB  . ARG A 1 62  ? 6.386   -2.114  -4.991  1.00 13.86 ? 62  ARG A CB  1 
ATOM   523  C CG  . ARG A 1 62  ? 6.876   -3.467  -4.471  1.00 13.78 ? 62  ARG A CG  1 
ATOM   524  C CD  . ARG A 1 62  ? 7.967   -4.070  -5.364  1.00 15.40 ? 62  ARG A CD  1 
ATOM   525  N NE  . ARG A 1 62  ? 8.242   -5.458  -4.983  1.00 18.70 ? 62  ARG A NE  1 
ATOM   526  C CZ  . ARG A 1 62  ? 9.317   -6.043  -5.541  1.00 19.59 ? 62  ARG A CZ  1 
ATOM   527  N NH1 . ARG A 1 62  ? 10.073  -5.370  -6.391  1.00 19.95 ? 62  ARG A NH1 1 
ATOM   528  N NH2 . ARG A 1 62  ? 9.629   -7.301  -5.216  1.00 20.74 ? 62  ARG A NH2 1 
ATOM   529  N N   . GLY A 1 63  ? 6.234   1.127   -5.157  1.00 10.96 ? 63  GLY A N   1 
ATOM   530  C CA  . GLY A 1 63  ? 5.921   2.270   -6.015  1.00 11.87 ? 63  GLY A CA  1 
ATOM   531  C C   . GLY A 1 63  ? 4.932   3.238   -5.375  1.00 12.22 ? 63  GLY A C   1 
ATOM   532  O O   . GLY A 1 63  ? 4.431   3.030   -4.280  1.00 10.96 ? 63  GLY A O   1 
ATOM   533  N N   . VAL A 1 64  ? 4.676   4.325   -6.094  1.00 11.60 ? 64  VAL A N   1 
ATOM   534  C CA  . VAL A 1 64  ? 3.746   5.345   -5.633  1.00 11.90 ? 64  VAL A CA  1 
ATOM   535  C C   . VAL A 1 64  ? 2.733   5.594   -6.741  1.00 12.93 ? 64  VAL A C   1 
ATOM   536  O O   . VAL A 1 64  ? 3.086   5.618   -7.922  1.00 12.26 ? 64  VAL A O   1 
ATOM   537  C CB  . VAL A 1 64  ? 4.482   6.660   -5.290  1.00 12.38 ? 64  VAL A CB  1 
ATOM   538  C CG1 . VAL A 1 64  ? 3.474   7.758   -4.993  1.00 16.60 ? 64  VAL A CG1 1 
ATOM   539  C CG2 . VAL A 1 64  ? 5.386   6.444   -4.085  1.00 13.45 ? 64  VAL A CG2 1 
ATOM   540  N N   . TYR A 1 65  ? 1.478   5.780   -6.341  1.00 12.95 ? 65  TYR A N   1 
ATOM   541  C CA  . TYR A 1 65  ? 0.379   6.002   -7.273  1.00 13.23 ? 65  TYR A CA  1 
ATOM   542  C C   . TYR A 1 65  ? -0.498  7.165   -6.846  1.00 13.79 ? 65  TYR A C   1 
ATOM   543  O O   . TYR A 1 65  ? -0.530  7.545   -5.679  1.00 15.12 ? 65  TYR A O   1 
ATOM   544  C CB  . TYR A 1 65  ? -0.484  4.738   -7.357  1.00 13.38 ? 65  TYR A CB  1 
ATOM   545  C CG  . TYR A 1 65  ? 0.243   3.559   -7.942  1.00 12.92 ? 65  TYR A CG  1 
ATOM   546  C CD1 . TYR A 1 65  ? 1.157   2.832   -7.177  1.00 12.64 ? 65  TYR A CD1 1 
ATOM   547  C CD2 . TYR A 1 65  ? 0.068   3.202   -9.280  1.00 13.33 ? 65  TYR A CD2 1 
ATOM   548  C CE1 . TYR A 1 65  ? 1.886   1.788   -7.729  1.00 13.50 ? 65  TYR A CE1 1 
ATOM   549  C CE2 . TYR A 1 65  ? 0.788   2.151   -9.842  1.00 14.25 ? 65  TYR A CE2 1 
ATOM   550  C CZ  . TYR A 1 65  ? 1.700   1.452   -9.058  1.00 14.02 ? 65  TYR A CZ  1 
ATOM   551  O OH  . TYR A 1 65  ? 2.437   0.436   -9.612  1.00 16.02 ? 65  TYR A OH  1 
ATOM   552  N N   . GLU A 1 66  ? -1.204  7.722   -7.821  1.00 14.10 ? 66  GLU A N   1 
ATOM   553  C CA  . GLU A 1 66  ? -2.130  8.822   -7.597  1.00 16.13 ? 66  GLU A CA  1 
ATOM   554  C C   . GLU A 1 66  ? -3.531  8.225   -7.672  1.00 14.13 ? 66  GLU A C   1 
ATOM   555  O O   . GLU A 1 66  ? -3.830  7.453   -8.582  1.00 14.59 ? 66  GLU A O   1 
ATOM   556  C CB  . GLU A 1 66  ? -1.962  9.875   -8.695  1.00 18.99 ? 66  GLU A CB  1 
ATOM   557  C CG  . GLU A 1 66  ? -3.113  10.859  -8.801  1.00 24.37 ? 66  GLU A CG  1 
ATOM   558  C CD  . GLU A 1 66  ? -2.695  12.279  -8.500  1.00 27.10 ? 66  GLU A CD  1 
ATOM   559  O OE1 . GLU A 1 66  ? -1.500  12.498  -8.213  1.00 30.44 ? 66  GLU A OE1 1 
ATOM   560  O OE2 . GLU A 1 66  ? -3.560  13.178  -8.556  1.00 26.75 ? 66  GLU A OE2 1 
ATOM   561  N N   . VAL A 1 67  ? -4.379  8.565   -6.709  1.00 13.61 ? 67  VAL A N   1 
ATOM   562  C CA  . VAL A 1 67  ? -5.748  8.066   -6.712  1.00 12.78 ? 67  VAL A CA  1 
ATOM   563  C C   . VAL A 1 67  ? -6.488  8.915   -7.736  1.00 13.28 ? 67  VAL A C   1 
ATOM   564  O O   . VAL A 1 67  ? -6.468  10.145  -7.652  1.00 13.87 ? 67  VAL A O   1 
ATOM   565  C CB  . VAL A 1 67  ? -6.406  8.225   -5.320  1.00 12.48 ? 67  VAL A CB  1 
ATOM   566  C CG1 . VAL A 1 67  ? -7.886  7.839   -5.384  1.00 13.44 ? 67  VAL A CG1 1 
ATOM   567  C CG2 . VAL A 1 67  ? -5.675  7.351   -4.308  1.00 13.41 ? 67  VAL A CG2 1 
ATOM   568  N N   . VAL A 1 68  ? -7.120  8.268   -8.711  1.00 12.35 ? 68  VAL A N   1 
ATOM   569  C CA  . VAL A 1 68  ? -7.843  9.011   -9.742  1.00 14.65 ? 68  VAL A CA  1 
ATOM   570  C C   . VAL A 1 68  ? -9.329  8.700   -9.831  1.00 16.36 ? 68  VAL A C   1 
ATOM   571  O O   . VAL A 1 68  ? -9.982  9.011   -10.828 1.00 17.14 ? 68  VAL A O   1 
ATOM   572  C CB  . VAL A 1 68  ? -7.196  8.825   -11.140 1.00 14.57 ? 68  VAL A CB  1 
ATOM   573  C CG1 . VAL A 1 68  ? -5.796  9.421   -11.131 1.00 16.69 ? 68  VAL A CG1 1 
ATOM   574  C CG2 . VAL A 1 68  ? -7.144  7.353   -11.522 1.00 16.82 ? 68  VAL A CG2 1 
ATOM   575  N N   . SER A 1 69  ? -9.866  8.078   -8.790  1.00 15.55 ? 69  SER A N   1 
ATOM   576  C CA  . SER A 1 69  ? -11.293 7.791   -8.754  1.00 14.53 ? 69  SER A CA  1 
ATOM   577  C C   . SER A 1 69  ? -11.749 7.735   -7.312  1.00 14.69 ? 69  SER A C   1 
ATOM   578  O O   . SER A 1 69  ? -10.943 7.530   -6.402  1.00 14.32 ? 69  SER A O   1 
ATOM   579  C CB  . SER A 1 69  ? -11.619 6.455   -9.435  1.00 15.98 ? 69  SER A CB  1 
ATOM   580  O OG  . SER A 1 69  ? -11.534 5.363   -8.532  1.00 13.46 ? 69  SER A OG  1 
ATOM   581  N N   . GLU A 1 70  ? -13.044 7.943   -7.106  1.00 13.73 ? 70  GLU A N   1 
ATOM   582  C CA  . GLU A 1 70  ? -13.618 7.859   -5.778  1.00 14.20 ? 70  GLU A CA  1 
ATOM   583  C C   . GLU A 1 70  ? -13.643 6.359   -5.500  1.00 12.81 ? 70  GLU A C   1 
ATOM   584  O O   . GLU A 1 70  ? -13.430 5.555   -6.411  1.00 13.32 ? 70  GLU A O   1 
ATOM   585  C CB  . GLU A 1 70  ? -15.052 8.404   -5.775  1.00 15.71 ? 70  GLU A CB  1 
ATOM   586  C CG  . GLU A 1 70  ? -16.079 7.517   -6.486  1.00 19.96 ? 70  GLU A CG  1 
ATOM   587  C CD  . GLU A 1 70  ? -16.022 7.591   -8.009  1.00 22.48 ? 70  GLU A CD  1 
ATOM   588  O OE1 . GLU A 1 70  ? -15.116 8.247   -8.567  1.00 22.42 ? 70  GLU A OE1 1 
ATOM   589  O OE2 . GLU A 1 70  ? -16.902 6.983   -8.655  1.00 24.42 ? 70  GLU A OE2 1 
ATOM   590  N N   . VAL A 1 71  ? -13.887 5.981   -4.253  1.00 12.78 ? 71  VAL A N   1 
ATOM   591  C CA  . VAL A 1 71  ? -13.958 4.567   -3.911  1.00 12.92 ? 71  VAL A CA  1 
ATOM   592  C C   . VAL A 1 71  ? -15.211 3.982   -4.562  1.00 12.13 ? 71  VAL A C   1 
ATOM   593  O O   . VAL A 1 71  ? -16.297 4.571   -4.499  1.00 12.79 ? 71  VAL A O   1 
ATOM   594  C CB  . VAL A 1 71  ? -14.041 4.355   -2.378  1.00 13.28 ? 71  VAL A CB  1 
ATOM   595  C CG1 . VAL A 1 71  ? -14.275 2.886   -2.066  1.00 12.86 ? 71  VAL A CG1 1 
ATOM   596  C CG2 . VAL A 1 71  ? -12.758 4.826   -1.715  1.00 12.99 ? 71  VAL A CG2 1 
ATOM   597  N N   . TYR A 1 72  ? -15.056 2.832   -5.204  1.00 13.25 ? 72  TYR A N   1 
ATOM   598  C CA  . TYR A 1 72  ? -16.184 2.178   -5.844  1.00 13.85 ? 72  TYR A CA  1 
ATOM   599  C C   . TYR A 1 72  ? -16.202 0.721   -5.407  1.00 15.22 ? 72  TYR A C   1 
ATOM   600  O O   . TYR A 1 72  ? -15.218 0.219   -4.857  1.00 15.17 ? 72  TYR A O   1 
ATOM   601  C CB  . TYR A 1 72  ? -16.082 2.303   -7.375  1.00 15.08 ? 72  TYR A CB  1 
ATOM   602  C CG  . TYR A 1 72  ? -14.922 1.573   -8.017  1.00 14.51 ? 72  TYR A CG  1 
ATOM   603  C CD1 . TYR A 1 72  ? -13.669 2.177   -8.137  1.00 14.60 ? 72  TYR A CD1 1 
ATOM   604  C CD2 . TYR A 1 72  ? -15.082 0.281   -8.520  1.00 15.12 ? 72  TYR A CD2 1 
ATOM   605  C CE1 . TYR A 1 72  ? -12.600 1.509   -8.748  1.00 15.18 ? 72  TYR A CE1 1 
ATOM   606  C CE2 . TYR A 1 72  ? -14.023 -0.392  -9.130  1.00 15.51 ? 72  TYR A CE2 1 
ATOM   607  C CZ  . TYR A 1 72  ? -12.784 0.226   -9.242  1.00 15.48 ? 72  TYR A CZ  1 
ATOM   608  O OH  . TYR A 1 72  ? -11.746 -0.449  -9.850  1.00 16.28 ? 72  TYR A OH  1 
ATOM   609  N N   . LYS A 1 73  ? -17.330 0.053   -5.616  1.00 14.84 ? 73  LYS A N   1 
ATOM   610  C CA  . LYS A 1 73  ? -17.451 -1.343  -5.229  1.00 16.85 ? 73  LYS A CA  1 
ATOM   611  C C   . LYS A 1 73  ? -17.535 -2.215  -6.470  1.00 17.30 ? 73  LYS A C   1 
ATOM   612  O O   . LYS A 1 73  ? -18.366 -1.994  -7.350  1.00 17.20 ? 73  LYS A O   1 
ATOM   613  C CB  . LYS A 1 73  ? -18.686 -1.545  -4.343  1.00 19.46 ? 73  LYS A CB  1 
ATOM   614  C CG  . LYS A 1 73  ? -18.746 -2.924  -3.689  1.00 23.20 ? 73  LYS A CG  1 
ATOM   615  C CD  . LYS A 1 73  ? -19.813 -2.985  -2.609  1.00 27.27 ? 73  LYS A CD  1 
ATOM   616  C CE  . LYS A 1 73  ? -19.802 -4.332  -1.902  1.00 28.92 ? 73  LYS A CE  1 
ATOM   617  N NZ  . LYS A 1 73  ? -20.682 -4.338  -0.700  1.00 32.00 ? 73  LYS A NZ  1 
ATOM   618  N N   . ASP A 1 74  ? -16.655 -3.206  -6.534  1.00 16.56 ? 74  ASP A N   1 
ATOM   619  C CA  . ASP A 1 74  ? -16.591 -4.114  -7.668  1.00 17.83 ? 74  ASP A CA  1 
ATOM   620  C C   . ASP A 1 74  ? -16.037 -5.444  -7.171  1.00 18.54 ? 74  ASP A C   1 
ATOM   621  O O   . ASP A 1 74  ? -14.928 -5.503  -6.640  1.00 18.29 ? 74  ASP A O   1 
ATOM   622  C CB  . ASP A 1 74  ? -15.679 -3.513  -8.745  1.00 17.46 ? 74  ASP A CB  1 
ATOM   623  C CG  . ASP A 1 74  ? -15.522 -4.408  -9.958  1.00 18.91 ? 74  ASP A CG  1 
ATOM   624  O OD1 . ASP A 1 74  ? -16.160 -5.479  -10.009 1.00 19.84 ? 74  ASP A OD1 1 
ATOM   625  O OD2 . ASP A 1 74  ? -14.751 -4.033  -10.866 1.00 20.71 ? 74  ASP A OD2 1 
ATOM   626  N N   . SER A 1 75  ? -16.812 -6.512  -7.336  1.00 20.20 ? 75  SER A N   1 
ATOM   627  C CA  . SER A 1 75  ? -16.380 -7.824  -6.877  1.00 21.46 ? 75  SER A CA  1 
ATOM   628  C C   . SER A 1 75  ? -15.728 -8.696  -7.942  1.00 21.87 ? 75  SER A C   1 
ATOM   629  O O   . SER A 1 75  ? -15.420 -9.861  -7.684  1.00 21.18 ? 75  SER A O   1 
ATOM   630  C CB  . SER A 1 75  ? -17.557 -8.572  -6.246  1.00 22.95 ? 75  SER A CB  1 
ATOM   631  O OG  . SER A 1 75  ? -17.969 -7.928  -5.049  1.00 27.20 ? 75  SER A OG  1 
ATOM   632  N N   . SER A 1 76  ? -15.524 -8.146  -9.135  1.00 21.86 ? 76  SER A N   1 
ATOM   633  C CA  . SER A 1 76  ? -14.876 -8.906  -10.197 1.00 23.30 ? 76  SER A CA  1 
ATOM   634  C C   . SER A 1 76  ? -13.494 -9.275  -9.666  1.00 23.14 ? 76  SER A C   1 
ATOM   635  O O   . SER A 1 76  ? -12.784 -8.432  -9.114  1.00 23.06 ? 76  SER A O   1 
ATOM   636  C CB  . SER A 1 76  ? -14.762 -8.070  -11.475 1.00 24.27 ? 76  SER A CB  1 
ATOM   637  O OG  . SER A 1 76  ? -13.806 -7.035  -11.334 1.00 27.53 ? 76  SER A OG  1 
ATOM   638  N N   . LYS A 1 77  ? -13.120 -10.538 -9.824  1.00 21.93 ? 77  LYS A N   1 
ATOM   639  C CA  . LYS A 1 77  ? -11.841 -11.014 -9.313  1.00 22.94 ? 77  LYS A CA  1 
ATOM   640  C C   . LYS A 1 77  ? -10.617 -10.495 -10.059 1.00 23.31 ? 77  LYS A C   1 
ATOM   641  O O   . LYS A 1 77  ? -10.537 -10.572 -11.286 1.00 23.10 ? 77  LYS A O   1 
ATOM   642  C CB  . LYS A 1 77  ? -11.832 -12.546 -9.299  1.00 24.99 ? 77  LYS A CB  1 
ATOM   643  C CG  . LYS A 1 77  ? -10.688 -13.157 -8.508  1.00 28.03 ? 77  LYS A CG  1 
ATOM   644  C CD  . LYS A 1 77  ? -10.867 -14.660 -8.344  1.00 29.96 ? 77  LYS A CD  1 
ATOM   645  C CE  . LYS A 1 77  ? -9.981  -15.207 -7.232  1.00 31.76 ? 77  LYS A CE  1 
ATOM   646  N NZ  . LYS A 1 77  ? -9.748  -16.673 -7.384  1.00 34.65 ? 77  LYS A NZ  1 
ATOM   647  N N   . ILE A 1 78  ? -9.668  -9.948  -9.303  1.00 20.82 ? 78  ILE A N   1 
ATOM   648  C CA  . ILE A 1 78  ? -8.429  -9.443  -9.872  1.00 20.44 ? 78  ILE A CA  1 
ATOM   649  C C   . ILE A 1 78  ? -7.264  -9.722  -8.931  1.00 19.54 ? 78  ILE A C   1 
ATOM   650  O O   . ILE A 1 78  ? -6.126  -9.899  -9.373  1.00 19.28 ? 78  ILE A O   1 
ATOM   651  C CB  . ILE A 1 78  ? -8.498  -7.917  -10.161 1.00 20.86 ? 78  ILE A CB  1 
ATOM   652  C CG1 . ILE A 1 78  ? -8.893  -7.153  -8.896  1.00 21.51 ? 78  ILE A CG1 1 
ATOM   653  C CG2 . ILE A 1 78  ? -9.478  -7.648  -11.298 1.00 20.58 ? 78  ILE A CG2 1 
ATOM   654  C CD1 . ILE A 1 78  ? -8.946  -5.651  -9.083  1.00 24.21 ? 78  ILE A CD1 1 
ATOM   655  N N   . PHE A 1 79  ? -7.550  -9.777  -7.633  1.00 19.58 ? 79  PHE A N   1 
ATOM   656  C CA  . PHE A 1 79  ? -6.515  -10.025 -6.635  1.00 20.30 ? 79  PHE A CA  1 
ATOM   657  C C   . PHE A 1 79  ? -6.471  -11.479 -6.189  1.00 22.21 ? 79  PHE A C   1 
ATOM   658  O O   . PHE A 1 79  ? -7.414  -12.243 -6.410  1.00 22.68 ? 79  PHE A O   1 
ATOM   659  C CB  . PHE A 1 79  ? -6.733  -9.134  -5.409  1.00 17.42 ? 79  PHE A CB  1 
ATOM   660  C CG  . PHE A 1 79  ? -6.660  -7.667  -5.708  1.00 17.76 ? 79  PHE A CG  1 
ATOM   661  C CD1 . PHE A 1 79  ? -5.464  -7.085  -6.118  1.00 17.56 ? 79  PHE A CD1 1 
ATOM   662  C CD2 . PHE A 1 79  ? -7.790  -6.865  -5.587  1.00 14.90 ? 79  PHE A CD2 1 
ATOM   663  C CE1 . PHE A 1 79  ? -5.397  -5.722  -6.406  1.00 19.32 ? 79  PHE A CE1 1 
ATOM   664  C CE2 . PHE A 1 79  ? -7.733  -5.506  -5.871  1.00 18.27 ? 79  PHE A CE2 1 
ATOM   665  C CZ  . PHE A 1 79  ? -6.533  -4.933  -6.282  1.00 17.91 ? 79  PHE A CZ  1 
ATOM   666  N N   . LYS A 1 80  ? -5.363  -11.846 -5.556  1.00 23.67 ? 80  LYS A N   1 
ATOM   667  C CA  . LYS A 1 80  ? -5.155  -13.198 -5.054  1.00 27.26 ? 80  LYS A CA  1 
ATOM   668  C C   . LYS A 1 80  ? -5.602  -13.285 -3.597  1.00 27.67 ? 80  LYS A C   1 
ATOM   669  O O   . LYS A 1 80  ? -5.101  -12.555 -2.741  1.00 28.39 ? 80  LYS A O   1 
ATOM   670  C CB  . LYS A 1 80  ? -3.673  -13.560 -5.155  1.00 28.41 ? 80  LYS A CB  1 
ATOM   671  C CG  . LYS A 1 80  ? -3.322  -14.953 -4.662  1.00 31.78 ? 80  LYS A CG  1 
ATOM   672  C CD  . LYS A 1 80  ? -3.699  -16.020 -5.671  1.00 33.09 ? 80  LYS A CD  1 
ATOM   673  C CE  . LYS A 1 80  ? -3.159  -17.371 -5.235  1.00 35.03 ? 80  LYS A CE  1 
ATOM   674  N NZ  . LYS A 1 80  ? -1.689  -17.293 -4.994  1.00 34.62 ? 80  LYS A NZ  1 
ATOM   675  N N   . PRO A 1 81  ? -6.565  -14.171 -3.299  1.00 28.33 ? 81  PRO A N   1 
ATOM   676  C CA  . PRO A 1 81  ? -7.046  -14.317 -1.923  1.00 29.56 ? 81  PRO A CA  1 
ATOM   677  C C   . PRO A 1 81  ? -6.182  -15.309 -1.149  1.00 31.13 ? 81  PRO A C   1 
ATOM   678  O O   . PRO A 1 81  ? -5.307  -15.958 -1.723  1.00 30.98 ? 81  PRO A O   1 
ATOM   679  C CB  . PRO A 1 81  ? -8.462  -14.832 -2.120  1.00 28.55 ? 81  PRO A CB  1 
ATOM   680  C CG  . PRO A 1 81  ? -8.289  -15.749 -3.286  1.00 28.70 ? 81  PRO A CG  1 
ATOM   681  C CD  . PRO A 1 81  ? -7.410  -14.941 -4.230  1.00 27.62 ? 81  PRO A CD  1 
ATOM   682  N N   . THR A 1 82  ? -6.424  -15.423 0.152   1.00 32.77 ? 82  THR A N   1 
ATOM   683  C CA  . THR A 1 82  ? -5.671  -16.366 0.972   1.00 34.97 ? 82  THR A CA  1 
ATOM   684  C C   . THR A 1 82  ? -6.530  -17.620 1.126   1.00 35.47 ? 82  THR A C   1 
ATOM   685  O O   . THR A 1 82  ? -7.749  -17.562 0.978   1.00 36.33 ? 82  THR A O   1 
ATOM   686  C CB  . THR A 1 82  ? -5.377  -15.807 2.376   1.00 34.84 ? 82  THR A CB  1 
ATOM   687  O OG1 . THR A 1 82  ? -6.532  -15.980 3.205   1.00 36.52 ? 82  THR A OG1 1 
ATOM   688  C CG2 . THR A 1 82  ? -5.030  -14.330 2.303   1.00 35.32 ? 82  THR A CG2 1 
ATOM   689  N N   . PRO A 1 83  ? -5.905  -18.767 1.432   1.00 36.32 ? 83  PRO A N   1 
ATOM   690  C CA  . PRO A 1 83  ? -6.637  -20.028 1.599   1.00 36.54 ? 83  PRO A CA  1 
ATOM   691  C C   . PRO A 1 83  ? -7.648  -20.059 2.752   1.00 36.74 ? 83  PRO A C   1 
ATOM   692  O O   . PRO A 1 83  ? -8.586  -20.859 2.740   1.00 37.09 ? 83  PRO A O   1 
ATOM   693  C CB  . PRO A 1 83  ? -5.516  -21.055 1.771   1.00 36.94 ? 83  PRO A CB  1 
ATOM   694  C CG  . PRO A 1 83  ? -4.233  -20.435 1.315   1.00 36.40 ? 83  PRO A CG  1 
ATOM   695  C CD  . PRO A 1 83  ? -4.458  -18.973 1.615   1.00 36.99 ? 83  PRO A CD  1 
ATOM   696  N N   . ARG A 1 84  ? -7.462  -19.190 3.740   1.00 36.11 ? 84  ARG A N   1 
ATOM   697  C CA  . ARG A 1 84  ? -8.370  -19.142 4.882   1.00 36.23 ? 84  ARG A CA  1 
ATOM   698  C C   . ARG A 1 84  ? -9.541  -18.186 4.657   1.00 36.19 ? 84  ARG A C   1 
ATOM   699  O O   . ARG A 1 84  ? -10.570 -18.276 5.329   1.00 35.14 ? 84  ARG A O   1 
ATOM   700  C CB  . ARG A 1 84  ? -7.585  -18.788 6.146   1.00 37.30 ? 84  ARG A CB  1 
ATOM   701  C CG  . ARG A 1 84  ? -6.669  -19.931 6.556   1.00 37.32 ? 84  ARG A CG  1 
ATOM   702  C CD  . ARG A 1 84  ? -5.709  -19.576 7.673   1.00 37.26 ? 84  ARG A CD  1 
ATOM   703  N NE  . ARG A 1 84  ? -4.870  -20.727 8.001   1.00 37.16 ? 84  ARG A NE  1 
ATOM   704  C CZ  . ARG A 1 84  ? -4.039  -21.318 7.146   1.00 38.10 ? 84  ARG A CZ  1 
ATOM   705  N NH1 . ARG A 1 84  ? -3.927  -20.866 5.902   1.00 38.36 ? 84  ARG A NH1 1 
ATOM   706  N NH2 . ARG A 1 84  ? -3.330  -22.373 7.528   1.00 37.40 ? 84  ARG A NH2 1 
ATOM   707  N N   . ASN A 1 85  ? -9.372  -17.270 3.710   1.00 35.86 ? 85  ASN A N   1 
ATOM   708  C CA  . ASN A 1 85  ? -10.422 -16.328 3.333   1.00 34.65 ? 85  ASN A CA  1 
ATOM   709  C C   . ASN A 1 85  ? -10.424 -16.343 1.805   1.00 32.84 ? 85  ASN A C   1 
ATOM   710  O O   . ASN A 1 85  ? -10.245 -15.314 1.153   1.00 31.27 ? 85  ASN A O   1 
ATOM   711  C CB  . ASN A 1 85  ? -10.128 -14.921 3.879   1.00 37.41 ? 85  ASN A CB  1 
ATOM   712  C CG  . ASN A 1 85  ? -8.737  -14.427 3.529   1.00 39.50 ? 85  ASN A CG  1 
ATOM   713  O OD1 . ASN A 1 85  ? -8.449  -14.090 2.380   1.00 41.26 ? 85  ASN A OD1 1 
ATOM   714  N ND2 . ASN A 1 85  ? -7.861  -14.377 4.530   1.00 40.93 ? 85  ASN A ND2 1 
ATOM   715  N N   . PRO A 1 86  ? -10.637 -17.537 1.219   1.00 30.52 ? 86  PRO A N   1 
ATOM   716  C CA  . PRO A 1 86  ? -10.672 -17.812 -0.220  1.00 28.68 ? 86  PRO A CA  1 
ATOM   717  C C   . PRO A 1 86  ? -11.727 -17.079 -1.041  1.00 27.85 ? 86  PRO A C   1 
ATOM   718  O O   . PRO A 1 86  ? -11.566 -16.914 -2.249  1.00 27.86 ? 86  PRO A O   1 
ATOM   719  C CB  . PRO A 1 86  ? -10.858 -19.327 -0.269  1.00 29.24 ? 86  PRO A CB  1 
ATOM   720  C CG  . PRO A 1 86  ? -11.718 -19.579 0.914   1.00 29.45 ? 86  PRO A CG  1 
ATOM   721  C CD  . PRO A 1 86  ? -11.047 -18.738 1.974   1.00 30.83 ? 86  PRO A CD  1 
ATOM   722  N N   . ASN A 1 87  ? -12.805 -16.647 -0.398  1.00 26.45 ? 87  ASN A N   1 
ATOM   723  C CA  . ASN A 1 87  ? -13.861 -15.952 -1.122  1.00 26.05 ? 87  ASN A CA  1 
ATOM   724  C C   . ASN A 1 87  ? -13.655 -14.438 -1.127  1.00 24.77 ? 87  ASN A C   1 
ATOM   725  O O   . ASN A 1 87  ? -14.500 -13.694 -1.624  1.00 25.41 ? 87  ASN A O   1 
ATOM   726  C CB  . ASN A 1 87  ? -15.226 -16.297 -0.517  1.00 26.88 ? 87  ASN A CB  1 
ATOM   727  C CG  . ASN A 1 87  ? -15.463 -17.796 -0.433  1.00 28.68 ? 87  ASN A CG  1 
ATOM   728  O OD1 . ASN A 1 87  ? -15.238 -18.527 -1.399  1.00 29.87 ? 87  ASN A OD1 1 
ATOM   729  N ND2 . ASN A 1 87  ? -15.922 -18.260 0.723   1.00 29.46 ? 87  ASN A ND2 1 
ATOM   730  N N   . GLU A 1 88  ? -12.527 -13.986 -0.582  1.00 24.31 ? 88  GLU A N   1 
ATOM   731  C CA  . GLU A 1 88  ? -12.232 -12.554 -0.533  1.00 22.28 ? 88  GLU A CA  1 
ATOM   732  C C   . GLU A 1 88  ? -11.977 -11.991 -1.927  1.00 21.91 ? 88  GLU A C   1 
ATOM   733  O O   . GLU A 1 88  ? -11.210 -12.556 -2.713  1.00 22.00 ? 88  GLU A O   1 
ATOM   734  C CB  . GLU A 1 88  ? -11.016 -12.282 0.355   1.00 23.22 ? 88  GLU A CB  1 
ATOM   735  C CG  . GLU A 1 88  ? -10.797 -10.801 0.669   1.00 23.75 ? 88  GLU A CG  1 
ATOM   736  C CD  . GLU A 1 88  ? -12.041 -10.127 1.218   1.00 25.41 ? 88  GLU A CD  1 
ATOM   737  O OE1 . GLU A 1 88  ? -12.454 -10.466 2.349   1.00 24.94 ? 88  GLU A OE1 1 
ATOM   738  O OE2 . GLU A 1 88  ? -12.610 -9.259  0.519   1.00 24.97 ? 88  GLU A OE2 1 
ATOM   739  N N   . LYS A 1 89  ? -12.621 -10.869 -2.222  1.00 20.73 ? 89  LYS A N   1 
ATOM   740  C CA  . LYS A 1 89  ? -12.479 -10.217 -3.519  1.00 20.11 ? 89  LYS A CA  1 
ATOM   741  C C   . LYS A 1 89  ? -11.869 -8.821  -3.407  1.00 19.07 ? 89  LYS A C   1 
ATOM   742  O O   . LYS A 1 89  ? -11.484 -8.232  -4.419  1.00 19.51 ? 89  LYS A O   1 
ATOM   743  C CB  . LYS A 1 89  ? -13.847 -10.112 -4.196  1.00 21.87 ? 89  LYS A CB  1 
ATOM   744  C CG  . LYS A 1 89  ? -14.525 -11.445 -4.474  1.00 20.62 ? 89  LYS A CG  1 
ATOM   745  C CD  . LYS A 1 89  ? -13.767 -12.241 -5.520  1.00 22.59 ? 89  LYS A CD  1 
ATOM   746  C CE  . LYS A 1 89  ? -14.503 -13.528 -5.883  1.00 25.46 ? 89  LYS A CE  1 
ATOM   747  N NZ  . LYS A 1 89  ? -14.626 -14.456 -4.726  1.00 25.40 ? 89  LYS A NZ  1 
ATOM   748  N N   . PHE A 1 90  ? -11.770 -8.299  -2.184  1.00 18.25 ? 90  PHE A N   1 
ATOM   749  C CA  . PHE A 1 90  ? -11.236 -6.946  -1.960  1.00 17.05 ? 90  PHE A CA  1 
ATOM   750  C C   . PHE A 1 90  ? -12.071 -6.029  -2.854  1.00 16.20 ? 90  PHE A C   1 
ATOM   751  O O   . PHE A 1 90  ? -11.537 -5.330  -3.715  1.00 15.36 ? 90  PHE A O   1 
ATOM   752  C CB  . PHE A 1 90  ? -9.763  -6.877  -2.374  1.00 17.23 ? 90  PHE A CB  1 
ATOM   753  C CG  . PHE A 1 90  ? -8.893  -7.901  -1.696  1.00 19.06 ? 90  PHE A CG  1 
ATOM   754  C CD1 . PHE A 1 90  ? -8.383  -7.671  -0.422  1.00 20.19 ? 90  PHE A CD1 1 
ATOM   755  C CD2 . PHE A 1 90  ? -8.604  -9.106  -2.325  1.00 19.54 ? 90  PHE A CD2 1 
ATOM   756  C CE1 . PHE A 1 90  ? -7.595  -8.630  0.216   1.00 21.28 ? 90  PHE A CE1 1 
ATOM   757  C CE2 . PHE A 1 90  ? -7.819  -10.071 -1.697  1.00 19.22 ? 90  PHE A CE2 1 
ATOM   758  C CZ  . PHE A 1 90  ? -7.314  -9.833  -0.427  1.00 22.03 ? 90  PHE A CZ  1 
ATOM   759  N N   . PRO A 1 91  ? -13.398 -6.000  -2.633  1.00 15.88 ? 91  PRO A N   1 
ATOM   760  C CA  . PRO A 1 91  ? -14.359 -5.203  -3.401  1.00 15.52 ? 91  PRO A CA  1 
ATOM   761  C C   . PRO A 1 91  ? -14.344 -3.678  -3.339  1.00 15.06 ? 91  PRO A C   1 
ATOM   762  O O   . PRO A 1 91  ? -14.915 -3.026  -4.213  1.00 15.11 ? 91  PRO A O   1 
ATOM   763  C CB  . PRO A 1 91  ? -15.698 -5.778  -2.956  1.00 16.45 ? 91  PRO A CB  1 
ATOM   764  C CG  . PRO A 1 91  ? -15.459 -6.048  -1.515  1.00 15.89 ? 91  PRO A CG  1 
ATOM   765  C CD  . PRO A 1 91  ? -14.071 -6.679  -1.508  1.00 16.74 ? 91  PRO A CD  1 
ATOM   766  N N   . TYR A 1 92  ? -13.715 -3.110  -2.318  1.00 14.59 ? 92  TYR A N   1 
ATOM   767  C CA  . TYR A 1 92  ? -13.657 -1.656  -2.184  1.00 14.90 ? 92  TYR A CA  1 
ATOM   768  C C   . TYR A 1 92  ? -12.380 -1.202  -2.860  1.00 14.02 ? 92  TYR A C   1 
ATOM   769  O O   . TYR A 1 92  ? -11.278 -1.495  -2.394  1.00 12.37 ? 92  TYR A O   1 
ATOM   770  C CB  . TYR A 1 92  ? -13.702 -1.287  -0.705  1.00 15.12 ? 92  TYR A CB  1 
ATOM   771  C CG  . TYR A 1 92  ? -15.029 -1.665  -0.089  1.00 17.22 ? 92  TYR A CG  1 
ATOM   772  C CD1 . TYR A 1 92  ? -16.150 -0.851  -0.255  1.00 19.51 ? 92  TYR A CD1 1 
ATOM   773  C CD2 . TYR A 1 92  ? -15.186 -2.873  0.592   1.00 17.87 ? 92  TYR A CD2 1 
ATOM   774  C CE1 . TYR A 1 92  ? -17.401 -1.233  0.237   1.00 22.24 ? 92  TYR A CE1 1 
ATOM   775  C CE2 . TYR A 1 92  ? -16.436 -3.266  1.090   1.00 20.21 ? 92  TYR A CE2 1 
ATOM   776  C CZ  . TYR A 1 92  ? -17.536 -2.440  0.905   1.00 22.72 ? 92  TYR A CZ  1 
ATOM   777  O OH  . TYR A 1 92  ? -18.773 -2.823  1.377   1.00 25.95 ? 92  TYR A OH  1 
ATOM   778  N N   . ARG A 1 93  ? -12.536 -0.476  -3.962  1.00 13.70 ? 93  ARG A N   1 
ATOM   779  C CA  . ARG A 1 93  ? -11.384 -0.074  -4.761  1.00 12.67 ? 93  ARG A CA  1 
ATOM   780  C C   . ARG A 1 93  ? -11.317 1.362   -5.242  1.00 12.46 ? 93  ARG A C   1 
ATOM   781  O O   . ARG A 1 93  ? -12.292 2.110   -5.181  1.00 12.69 ? 93  ARG A O   1 
ATOM   782  C CB  . ARG A 1 93  ? -11.312 -0.973  -5.997  1.00 13.65 ? 93  ARG A CB  1 
ATOM   783  C CG  . ARG A 1 93  ? -11.323 -2.455  -5.678  1.00 13.33 ? 93  ARG A CG  1 
ATOM   784  C CD  . ARG A 1 93  ? -11.685 -3.298  -6.891  1.00 16.23 ? 93  ARG A CD  1 
ATOM   785  N NE  . ARG A 1 93  ? -11.539 -4.713  -6.571  1.00 13.62 ? 93  ARG A NE  1 
ATOM   786  C CZ  . ARG A 1 93  ? -11.779 -5.708  -7.417  1.00 16.91 ? 93  ARG A CZ  1 
ATOM   787  N NH1 . ARG A 1 93  ? -12.180 -5.459  -8.652  1.00 14.34 ? 93  ARG A NH1 1 
ATOM   788  N NH2 . ARG A 1 93  ? -11.621 -6.962  -7.013  1.00 16.29 ? 93  ARG A NH2 1 
ATOM   789  N N   . VAL A 1 94  ? -10.136 1.713   -5.741  1.00 12.72 ? 94  VAL A N   1 
ATOM   790  C CA  . VAL A 1 94  ? -9.877  3.021   -6.330  1.00 13.00 ? 94  VAL A CA  1 
ATOM   791  C C   . VAL A 1 94  ? -8.970  2.813   -7.536  1.00 14.12 ? 94  VAL A C   1 
ATOM   792  O O   . VAL A 1 94  ? -8.103  1.930   -7.532  1.00 12.49 ? 94  VAL A O   1 
ATOM   793  C CB  . VAL A 1 94  ? -9.184  4.017   -5.347  1.00 12.44 ? 94  VAL A CB  1 
ATOM   794  C CG1 . VAL A 1 94  ? -10.150 4.414   -4.238  1.00 12.55 ? 94  VAL A CG1 1 
ATOM   795  C CG2 . VAL A 1 94  ? -7.908  3.413   -4.771  1.00 14.01 ? 94  VAL A CG2 1 
ATOM   796  N N   . LYS A 1 95  ? -9.203  3.607   -8.577  1.00 13.25 ? 95  LYS A N   1 
ATOM   797  C CA  . LYS A 1 95  ? -8.402  3.567   -9.796  1.00 14.39 ? 95  LYS A CA  1 
ATOM   798  C C   . LYS A 1 95  ? -7.127  4.350   -9.515  1.00 13.22 ? 95  LYS A C   1 
ATOM   799  O O   . LYS A 1 95  ? -7.148  5.322   -8.761  1.00 13.56 ? 95  LYS A O   1 
ATOM   800  C CB  . LYS A 1 95  ? -9.155  4.226   -10.952 1.00 14.56 ? 95  LYS A CB  1 
ATOM   801  C CG  . LYS A 1 95  ? -10.500 3.603   -11.261 1.00 20.34 ? 95  LYS A CG  1 
ATOM   802  C CD  . LYS A 1 95  ? -10.353 2.176   -11.749 1.00 22.29 ? 95  LYS A CD  1 
ATOM   803  C CE  . LYS A 1 95  ? -11.606 1.718   -12.476 1.00 23.95 ? 95  LYS A CE  1 
ATOM   804  N NZ  . LYS A 1 95  ? -11.651 0.240   -12.622 1.00 22.35 ? 95  LYS A NZ  1 
ATOM   805  N N   . LEU A 1 96  ? -6.027  3.944   -10.139 1.00 13.36 ? 96  LEU A N   1 
ATOM   806  C CA  . LEU A 1 96  ? -4.749  4.602   -9.916  1.00 13.23 ? 96  LEU A CA  1 
ATOM   807  C C   . LEU A 1 96  ? -4.043  5.078   -11.172 1.00 14.70 ? 96  LEU A C   1 
ATOM   808  O O   . LEU A 1 96  ? -4.307  4.610   -12.279 1.00 16.37 ? 96  LEU A O   1 
ATOM   809  C CB  . LEU A 1 96  ? -3.796  3.650   -9.182  1.00 13.08 ? 96  LEU A CB  1 
ATOM   810  C CG  . LEU A 1 96  ? -4.338  2.903   -7.963  1.00 12.90 ? 96  LEU A CG  1 
ATOM   811  C CD1 . LEU A 1 96  ? -3.298  1.885   -7.478  1.00 11.79 ? 96  LEU A CD1 1 
ATOM   812  C CD2 . LEU A 1 96  ? -4.684  3.892   -6.867  1.00 12.78 ? 96  LEU A CD2 1 
ATOM   813  N N   . LYS A 1 97  ? -3.130  6.019   -10.964 1.00 15.49 ? 97  LYS A N   1 
ATOM   814  C CA  . LYS A 1 97  ? -2.289  6.560   -12.020 1.00 17.27 ? 97  LYS A CA  1 
ATOM   815  C C   . LYS A 1 97  ? -0.884  6.315   -11.496 1.00 16.43 ? 97  LYS A C   1 
ATOM   816  O O   . LYS A 1 97  ? -0.553  6.739   -10.390 1.00 16.93 ? 97  LYS A O   1 
ATOM   817  C CB  . LYS A 1 97  ? -2.505  8.066   -12.193 1.00 20.59 ? 97  LYS A CB  1 
ATOM   818  C CG  . LYS A 1 97  ? -1.583  8.692   -13.242 1.00 25.17 ? 97  LYS A CG  1 
ATOM   819  C CD  . LYS A 1 97  ? -1.786  10.198  -13.363 1.00 29.61 ? 97  LYS A CD  1 
ATOM   820  C CE  . LYS A 1 97  ? -1.363  10.930  -12.100 1.00 31.38 ? 97  LYS A CE  1 
ATOM   821  N NZ  . LYS A 1 97  ? 0.073   10.687  -11.768 1.00 34.57 ? 97  LYS A NZ  1 
ATOM   822  N N   . GLU A 1 98  ? -0.063  5.614   -12.271 1.00 15.89 ? 98  GLU A N   1 
ATOM   823  C CA  . GLU A 1 98  ? 1.305   5.336   -11.847 1.00 16.18 ? 98  GLU A CA  1 
ATOM   824  C C   . GLU A 1 98  ? 2.130   6.619   -11.752 1.00 16.74 ? 98  GLU A C   1 
ATOM   825  O O   . GLU A 1 98  ? 2.172   7.418   -12.692 1.00 17.36 ? 98  GLU A O   1 
ATOM   826  C CB  . GLU A 1 98  ? 1.981   4.370   -12.824 1.00 16.94 ? 98  GLU A CB  1 
ATOM   827  C CG  . GLU A 1 98  ? 3.388   3.967   -12.415 1.00 17.75 ? 98  GLU A CG  1 
ATOM   828  C CD  . GLU A 1 98  ? 4.095   3.149   -13.478 1.00 19.40 ? 98  GLU A CD  1 
ATOM   829  O OE1 . GLU A 1 98  ? 3.643   2.020   -13.761 1.00 20.27 ? 98  GLU A OE1 1 
ATOM   830  O OE2 . GLU A 1 98  ? 5.102   3.642   -14.035 1.00 18.99 ? 98  GLU A OE2 1 
ATOM   831  N N   . ILE A 1 99  ? 2.787   6.814   -10.614 1.00 15.62 ? 99  ILE A N   1 
ATOM   832  C CA  . ILE A 1 99  ? 3.625   7.991   -10.413 1.00 17.11 ? 99  ILE A CA  1 
ATOM   833  C C   . ILE A 1 99  ? 5.090   7.594   -10.519 1.00 18.30 ? 99  ILE A C   1 
ATOM   834  O O   . ILE A 1 99  ? 5.885   8.260   -11.190 1.00 20.03 ? 99  ILE A O   1 
ATOM   835  C CB  . ILE A 1 99  ? 3.388   8.630   -9.027  1.00 16.96 ? 99  ILE A CB  1 
ATOM   836  C CG1 . ILE A 1 99  ? 1.988   9.239   -8.962  1.00 18.51 ? 99  ILE A CG1 1 
ATOM   837  C CG2 . ILE A 1 99  ? 4.447   9.708   -8.756  1.00 17.62 ? 99  ILE A CG2 1 
ATOM   838  C CD1 . ILE A 1 99  ? 1.645   9.804   -7.611  1.00 21.03 ? 99  ILE A CD1 1 
ATOM   839  N N   . LYS A 1 100 ? 5.446   6.499   -9.856  1.00 16.93 ? 100 LYS A N   1 
ATOM   840  C CA  . LYS A 1 100 ? 6.818   6.023   -9.877  1.00 17.94 ? 100 LYS A CA  1 
ATOM   841  C C   . LYS A 1 100 ? 6.925   4.590   -9.372  1.00 15.75 ? 100 LYS A C   1 
ATOM   842  O O   . LYS A 1 100 ? 6.298   4.225   -8.382  1.00 15.02 ? 100 LYS A O   1 
ATOM   843  C CB  . LYS A 1 100 ? 7.686   6.945   -9.014  1.00 19.72 ? 100 LYS A CB  1 
ATOM   844  C CG  . LYS A 1 100 ? 9.183   6.710   -9.119  1.00 24.04 ? 100 LYS A CG  1 
ATOM   845  C CD  . LYS A 1 100 ? 9.932   7.789   -8.352  1.00 26.21 ? 100 LYS A CD  1 
ATOM   846  C CE  . LYS A 1 100 ? 11.431  7.681   -8.536  1.00 27.83 ? 100 LYS A CE  1 
ATOM   847  N NZ  . LYS A 1 100 ? 12.129  8.817   -7.865  1.00 27.61 ? 100 LYS A NZ  1 
ATOM   848  N N   . VAL A 1 101 ? 7.704   3.779   -10.080 1.00 15.39 ? 101 VAL A N   1 
ATOM   849  C CA  . VAL A 1 101 ? 7.941   2.395   -9.685  1.00 15.47 ? 101 VAL A CA  1 
ATOM   850  C C   . VAL A 1 101 ? 9.429   2.366   -9.364  1.00 16.01 ? 101 VAL A C   1 
ATOM   851  O O   . VAL A 1 101 ? 10.262  2.682   -10.214 1.00 17.57 ? 101 VAL A O   1 
ATOM   852  C CB  . VAL A 1 101 ? 7.630   1.404   -10.824 1.00 16.72 ? 101 VAL A CB  1 
ATOM   853  C CG1 . VAL A 1 101 ? 8.024   -0.010  -10.404 1.00 16.36 ? 101 VAL A CG1 1 
ATOM   854  C CG2 . VAL A 1 101 ? 6.146   1.447   -11.158 1.00 17.62 ? 101 VAL A CG2 1 
ATOM   855  N N   . PHE A 1 102 ? 9.755   1.996   -8.134  1.00 14.47 ? 102 PHE A N   1 
ATOM   856  C CA  . PHE A 1 102 ? 11.134  1.977   -7.677  1.00 15.18 ? 102 PHE A CA  1 
ATOM   857  C C   . PHE A 1 102 ? 11.967  0.796   -8.143  1.00 15.02 ? 102 PHE A C   1 
ATOM   858  O O   . PHE A 1 102 ? 11.629  -0.359  -7.893  1.00 14.90 ? 102 PHE A O   1 
ATOM   859  C CB  . PHE A 1 102 ? 11.148  2.069   -6.150  1.00 15.01 ? 102 PHE A CB  1 
ATOM   860  C CG  . PHE A 1 102 ? 10.463  3.296   -5.622  1.00 15.67 ? 102 PHE A CG  1 
ATOM   861  C CD1 . PHE A 1 102 ? 11.033  4.553   -5.791  1.00 14.16 ? 102 PHE A CD1 1 
ATOM   862  C CD2 . PHE A 1 102 ? 9.233   3.201   -4.985  1.00 14.84 ? 102 PHE A CD2 1 
ATOM   863  C CE1 . PHE A 1 102 ? 10.387  5.699   -5.334  1.00 16.52 ? 102 PHE A CE1 1 
ATOM   864  C CE2 . PHE A 1 102 ? 8.577   4.344   -4.524  1.00 17.43 ? 102 PHE A CE2 1 
ATOM   865  C CZ  . PHE A 1 102 ? 9.158   5.596   -4.699  1.00 13.73 ? 102 PHE A CZ  1 
ATOM   866  N N   . GLU A 1 103 ? 13.059  1.111   -8.836  1.00 15.49 ? 103 GLU A N   1 
ATOM   867  C CA  . GLU A 1 103 ? 13.991  0.113   -9.341  1.00 17.69 ? 103 GLU A CA  1 
ATOM   868  C C   . GLU A 1 103 ? 15.416  0.591   -9.073  1.00 18.48 ? 103 GLU A C   1 
ATOM   869  O O   . GLU A 1 103 ? 15.885  1.546   -9.692  1.00 18.84 ? 103 GLU A O   1 
ATOM   870  C CB  . GLU A 1 103 ? 13.798  -0.093  -10.847 1.00 19.29 ? 103 GLU A CB  1 
ATOM   871  C CG  . GLU A 1 103 ? 12.694  -1.071  -11.218 1.00 22.64 ? 103 GLU A CG  1 
ATOM   872  C CD  . GLU A 1 103 ? 12.844  -2.416  -10.526 1.00 26.84 ? 103 GLU A CD  1 
ATOM   873  O OE1 . GLU A 1 103 ? 13.983  -2.780  -10.159 1.00 28.03 ? 103 GLU A OE1 1 
ATOM   874  O OE2 . GLU A 1 103 ? 11.822  -3.117  -10.358 1.00 29.32 ? 103 GLU A OE2 1 
ATOM   875  N N   . PRO A 1 104 ? 16.119  -0.060  -8.133  1.00 19.08 ? 104 PRO A N   1 
ATOM   876  C CA  . PRO A 1 104 ? 15.634  -1.195  -7.341  1.00 17.79 ? 104 PRO A CA  1 
ATOM   877  C C   . PRO A 1 104 ? 14.563  -0.783  -6.334  1.00 16.32 ? 104 PRO A C   1 
ATOM   878  O O   . PRO A 1 104 ? 14.423  0.396   -6.006  1.00 16.24 ? 104 PRO A O   1 
ATOM   879  C CB  . PRO A 1 104 ? 16.901  -1.693  -6.651  1.00 19.11 ? 104 PRO A CB  1 
ATOM   880  C CG  . PRO A 1 104 ? 17.665  -0.429  -6.431  1.00 19.50 ? 104 PRO A CG  1 
ATOM   881  C CD  . PRO A 1 104 ? 17.500  0.289   -7.755  1.00 19.75 ? 104 PRO A CD  1 
ATOM   882  N N   . PRO A 1 105 ? 13.784  -1.754  -5.839  1.00 16.03 ? 105 PRO A N   1 
ATOM   883  C CA  . PRO A 1 105 ? 12.746  -1.416  -4.863  1.00 16.01 ? 105 PRO A CA  1 
ATOM   884  C C   . PRO A 1 105 ? 13.401  -0.871  -3.600  1.00 14.40 ? 105 PRO A C   1 
ATOM   885  O O   . PRO A 1 105 ? 14.564  -1.167  -3.311  1.00 14.21 ? 105 PRO A O   1 
ATOM   886  C CB  . PRO A 1 105 ? 12.039  -2.753  -4.638  1.00 15.62 ? 105 PRO A CB  1 
ATOM   887  C CG  . PRO A 1 105 ? 13.137  -3.761  -4.881  1.00 17.77 ? 105 PRO A CG  1 
ATOM   888  C CD  . PRO A 1 105 ? 13.797  -3.201  -6.115  1.00 16.54 ? 105 PRO A CD  1 
ATOM   889  N N   . ILE A 1 106 ? 12.664  -0.069  -2.849  1.00 13.31 ? 106 ILE A N   1 
ATOM   890  C CA  . ILE A 1 106 ? 13.209  0.502   -1.627  1.00 13.26 ? 106 ILE A CA  1 
ATOM   891  C C   . ILE A 1 106 ? 13.100  -0.484  -0.474  1.00 12.92 ? 106 ILE A C   1 
ATOM   892  O O   . ILE A 1 106 ? 12.009  -0.956  -0.167  1.00 12.10 ? 106 ILE A O   1 
ATOM   893  C CB  . ILE A 1 106 ? 12.455  1.773   -1.209  1.00 12.79 ? 106 ILE A CB  1 
ATOM   894  C CG1 . ILE A 1 106 ? 12.407  2.766   -2.372  1.00 14.39 ? 106 ILE A CG1 1 
ATOM   895  C CG2 . ILE A 1 106 ? 13.139  2.396   0.007   1.00 15.54 ? 106 ILE A CG2 1 
ATOM   896  C CD1 . ILE A 1 106 ? 11.593  4.006   -2.082  1.00 16.52 ? 106 ILE A CD1 1 
ATOM   897  N N   . ASN A 1 107 ? 14.229  -0.804  0.152   1.00 12.98 ? 107 ASN A N   1 
ATOM   898  C CA  . ASN A 1 107 ? 14.213  -1.700  1.304   1.00 13.00 ? 107 ASN A CA  1 
ATOM   899  C C   . ASN A 1 107 ? 13.682  -0.820  2.432   1.00 12.93 ? 107 ASN A C   1 
ATOM   900  O O   . ASN A 1 107 ? 14.360  0.101   2.877   1.00 12.33 ? 107 ASN A O   1 
ATOM   901  C CB  . ASN A 1 107 ? 15.628  -2.179  1.642   1.00 13.60 ? 107 ASN A CB  1 
ATOM   902  C CG  . ASN A 1 107 ? 15.648  -3.167  2.798   1.00 15.01 ? 107 ASN A CG  1 
ATOM   903  O OD1 . ASN A 1 107 ? 14.723  -3.209  3.605   1.00 16.78 ? 107 ASN A OD1 1 
ATOM   904  N ND2 . ASN A 1 107 ? 16.711  -3.959  2.887   1.00 15.51 ? 107 ASN A ND2 1 
ATOM   905  N N   . PHE A 1 108 ? 12.464  -1.098  2.884   1.00 11.40 ? 108 PHE A N   1 
ATOM   906  C CA  . PHE A 1 108 ? 11.843  -0.300  3.936   1.00 12.82 ? 108 PHE A CA  1 
ATOM   907  C C   . PHE A 1 108 ? 12.687  -0.194  5.200   1.00 12.60 ? 108 PHE A C   1 
ATOM   908  O O   . PHE A 1 108 ? 12.695  0.841   5.868   1.00 12.76 ? 108 PHE A O   1 
ATOM   909  C CB  . PHE A 1 108 ? 10.477  -0.885  4.287   1.00 13.97 ? 108 PHE A CB  1 
ATOM   910  C CG  . PHE A 1 108 ? 9.650   -0.002  5.175   1.00 13.95 ? 108 PHE A CG  1 
ATOM   911  C CD1 . PHE A 1 108 ? 8.972   1.093   4.650   1.00 14.44 ? 108 PHE A CD1 1 
ATOM   912  C CD2 . PHE A 1 108 ? 9.538   -0.273  6.533   1.00 14.91 ? 108 PHE A CD2 1 
ATOM   913  C CE1 . PHE A 1 108 ? 8.188   1.905   5.467   1.00 15.15 ? 108 PHE A CE1 1 
ATOM   914  C CE2 . PHE A 1 108 ? 8.760   0.531   7.358   1.00 16.15 ? 108 PHE A CE2 1 
ATOM   915  C CZ  . PHE A 1 108 ? 8.083   1.622   6.824   1.00 14.41 ? 108 PHE A CZ  1 
ATOM   916  N N   . LYS A 1 109 ? 13.406  -1.258  5.531   1.00 11.85 ? 109 LYS A N   1 
ATOM   917  C CA  . LYS A 1 109 ? 14.227  -1.239  6.734   1.00 12.76 ? 109 LYS A CA  1 
ATOM   918  C C   . LYS A 1 109 ? 15.305  -0.158  6.693   1.00 13.23 ? 109 LYS A C   1 
ATOM   919  O O   . LYS A 1 109 ? 15.717  0.349   7.733   1.00 14.46 ? 109 LYS A O   1 
ATOM   920  C CB  . LYS A 1 109 ? 14.858  -2.613  6.959   1.00 12.24 ? 109 LYS A CB  1 
ATOM   921  C CG  . LYS A 1 109 ? 13.854  -3.673  7.369   1.00 12.62 ? 109 LYS A CG  1 
ATOM   922  C CD  . LYS A 1 109 ? 14.486  -5.059  7.445   1.00 15.61 ? 109 LYS A CD  1 
ATOM   923  C CE  . LYS A 1 109 ? 13.736  -5.947  8.434   1.00 15.93 ? 109 LYS A CE  1 
ATOM   924  N NZ  . LYS A 1 109 ? 13.806  -7.395  8.057   1.00 17.34 ? 109 LYS A NZ  1 
ATOM   925  N N   . GLU A 1 110 ? 15.756  0.200   5.492   1.00 13.95 ? 110 GLU A N   1 
ATOM   926  C CA  . GLU A 1 110 ? 16.789  1.225   5.348   1.00 16.50 ? 110 GLU A CA  1 
ATOM   927  C C   . GLU A 1 110 ? 16.251  2.626   5.631   1.00 16.34 ? 110 GLU A C   1 
ATOM   928  O O   . GLU A 1 110 ? 17.011  3.530   5.978   1.00 16.90 ? 110 GLU A O   1 
ATOM   929  C CB  . GLU A 1 110 ? 17.373  1.188   3.932   1.00 18.80 ? 110 GLU A CB  1 
ATOM   930  C CG  . GLU A 1 110 ? 18.197  -0.052  3.626   1.00 25.99 ? 110 GLU A CG  1 
ATOM   931  C CD  . GLU A 1 110 ? 19.484  -0.130  4.429   1.00 30.93 ? 110 GLU A CD  1 
ATOM   932  O OE1 . GLU A 1 110 ? 19.659  0.662   5.378   1.00 34.24 ? 110 GLU A OE1 1 
ATOM   933  O OE2 . GLU A 1 110 ? 20.324  -0.997  4.107   1.00 35.81 ? 110 GLU A OE2 1 
ATOM   934  N N   . LEU A 1 111 ? 14.942  2.802   5.483   1.00 15.69 ? 111 LEU A N   1 
ATOM   935  C CA  . LEU A 1 111 ? 14.304  4.099   5.709   1.00 17.62 ? 111 LEU A CA  1 
ATOM   936  C C   . LEU A 1 111 ? 13.894  4.354   7.157   1.00 17.10 ? 111 LEU A C   1 
ATOM   937  O O   . LEU A 1 111 ? 13.667  5.497   7.549   1.00 15.85 ? 111 LEU A O   1 
ATOM   938  C CB  . LEU A 1 111 ? 13.053  4.222   4.834   1.00 18.05 ? 111 LEU A CB  1 
ATOM   939  C CG  . LEU A 1 111 ? 13.213  4.159   3.316   1.00 22.21 ? 111 LEU A CG  1 
ATOM   940  C CD1 . LEU A 1 111 ? 11.839  4.142   2.668   1.00 23.74 ? 111 LEU A CD1 1 
ATOM   941  C CD2 . LEU A 1 111 ? 14.026  5.346   2.831   1.00 22.38 ? 111 LEU A CD2 1 
ATOM   942  N N   . ILE A 1 112 ? 13.798  3.289   7.944   1.00 16.42 ? 112 ILE A N   1 
ATOM   943  C CA  . ILE A 1 112 ? 13.371  3.391   9.335   1.00 16.40 ? 112 ILE A CA  1 
ATOM   944  C C   . ILE A 1 112 ? 13.904  4.573   10.140  1.00 16.78 ? 112 ILE A C   1 
ATOM   945  O O   . ILE A 1 112 ? 13.132  5.301   10.756  1.00 15.64 ? 112 ILE A O   1 
ATOM   946  C CB  . ILE A 1 112 ? 13.677  2.087   10.102  1.00 16.13 ? 112 ILE A CB  1 
ATOM   947  C CG1 . ILE A 1 112 ? 12.852  0.942   9.514   1.00 17.96 ? 112 ILE A CG1 1 
ATOM   948  C CG2 . ILE A 1 112 ? 13.337  2.253   11.586  1.00 17.51 ? 112 ILE A CG2 1 
ATOM   949  C CD1 . ILE A 1 112 ? 11.359  1.146   9.635   1.00 17.98 ? 112 ILE A CD1 1 
ATOM   950  N N   . PRO A 1 113 ? 15.229  4.782   10.143  1.00 16.83 ? 113 PRO A N   1 
ATOM   951  C CA  . PRO A 1 113 ? 15.787  5.903   10.907  1.00 17.93 ? 113 PRO A CA  1 
ATOM   952  C C   . PRO A 1 113 ? 15.206  7.272   10.562  1.00 17.63 ? 113 PRO A C   1 
ATOM   953  O O   . PRO A 1 113 ? 15.030  8.113   11.444  1.00 19.58 ? 113 PRO A O   1 
ATOM   954  C CB  . PRO A 1 113 ? 17.280  5.822   10.595  1.00 18.46 ? 113 PRO A CB  1 
ATOM   955  C CG  . PRO A 1 113 ? 17.503  4.357   10.376  1.00 18.70 ? 113 PRO A CG  1 
ATOM   956  C CD  . PRO A 1 113 ? 16.303  3.975   9.534   1.00 16.70 ? 113 PRO A CD  1 
ATOM   957  N N   . LYS A 1 114 ? 14.883  7.488   9.290   1.00 18.37 ? 114 LYS A N   1 
ATOM   958  C CA  . LYS A 1 114 ? 14.369  8.783   8.852   1.00 19.45 ? 114 LYS A CA  1 
ATOM   959  C C   . LYS A 1 114 ? 12.856  8.944   8.708   1.00 19.50 ? 114 LYS A C   1 
ATOM   960  O O   . LYS A 1 114 ? 12.373  10.054  8.483   1.00 20.41 ? 114 LYS A O   1 
ATOM   961  C CB  . LYS A 1 114 ? 15.066  9.177   7.544   1.00 22.63 ? 114 LYS A CB  1 
ATOM   962  C CG  . LYS A 1 114 ? 16.566  9.412   7.727   1.00 23.57 ? 114 LYS A CG  1 
ATOM   963  C CD  . LYS A 1 114 ? 17.317  9.597   6.410   1.00 28.46 ? 114 LYS A CD  1 
ATOM   964  C CE  . LYS A 1 114 ? 17.378  11.053  5.981   1.00 28.78 ? 114 LYS A CE  1 
ATOM   965  N NZ  . LYS A 1 114 ? 18.268  11.240  4.798   1.00 29.54 ? 114 LYS A NZ  1 
ATOM   966  N N   . LEU A 1 115 ? 12.100  7.857   8.839   1.00 18.25 ? 115 LEU A N   1 
ATOM   967  C CA  . LEU A 1 115 ? 10.647  7.947   8.716   1.00 17.12 ? 115 LEU A CA  1 
ATOM   968  C C   . LEU A 1 115 ? 10.036  8.495   9.997   1.00 17.71 ? 115 LEU A C   1 
ATOM   969  O O   . LEU A 1 115 ? 10.138  7.881   11.058  1.00 18.35 ? 115 LEU A O   1 
ATOM   970  C CB  . LEU A 1 115 ? 10.046  6.574   8.404   1.00 14.62 ? 115 LEU A CB  1 
ATOM   971  C CG  . LEU A 1 115 ? 10.294  6.065   6.984   1.00 14.42 ? 115 LEU A CG  1 
ATOM   972  C CD1 . LEU A 1 115 ? 9.940   4.584   6.903   1.00 12.83 ? 115 LEU A CD1 1 
ATOM   973  C CD2 . LEU A 1 115 ? 9.474   6.877   5.996   1.00 13.72 ? 115 LEU A CD2 1 
ATOM   974  N N   . LYS A 1 116 ? 9.396   9.654   9.892   1.00 17.90 ? 116 LYS A N   1 
ATOM   975  C CA  . LYS A 1 116 ? 8.786   10.279  11.053  1.00 19.44 ? 116 LYS A CA  1 
ATOM   976  C C   . LYS A 1 116 ? 7.649   9.454   11.645  1.00 17.84 ? 116 LYS A C   1 
ATOM   977  O O   . LYS A 1 116 ? 7.505   9.392   12.862  1.00 18.64 ? 116 LYS A O   1 
ATOM   978  C CB  . LYS A 1 116 ? 8.259   11.672  10.702  1.00 22.29 ? 116 LYS A CB  1 
ATOM   979  C CG  . LYS A 1 116 ? 7.366   12.260  11.789  1.00 28.21 ? 116 LYS A CG  1 
ATOM   980  C CD  . LYS A 1 116 ? 6.427   13.340  11.267  1.00 31.73 ? 116 LYS A CD  1 
ATOM   981  C CE  . LYS A 1 116 ? 4.987   13.079  11.696  1.00 34.24 ? 116 LYS A CE  1 
ATOM   982  N NZ  . LYS A 1 116 ? 4.088   14.224  11.386  1.00 34.38 ? 116 LYS A NZ  1 
ATOM   983  N N   . PHE A 1 117 ? 6.849   8.811   10.796  1.00 17.41 ? 117 PHE A N   1 
ATOM   984  C CA  . PHE A 1 117 ? 5.720   8.041   11.303  1.00 16.59 ? 117 PHE A CA  1 
ATOM   985  C C   . PHE A 1 117 ? 6.127   6.795   12.086  1.00 17.36 ? 117 PHE A C   1 
ATOM   986  O O   . PHE A 1 117 ? 5.329   6.248   12.847  1.00 17.57 ? 117 PHE A O   1 
ATOM   987  C CB  . PHE A 1 117 ? 4.734   7.721   10.158  1.00 15.84 ? 117 PHE A CB  1 
ATOM   988  C CG  . PHE A 1 117 ? 4.955   6.397   9.484   1.00 15.95 ? 117 PHE A CG  1 
ATOM   989  C CD1 . PHE A 1 117 ? 4.356   5.241   9.979   1.00 17.95 ? 117 PHE A CD1 1 
ATOM   990  C CD2 . PHE A 1 117 ? 5.718   6.312   8.323   1.00 16.32 ? 117 PHE A CD2 1 
ATOM   991  C CE1 . PHE A 1 117 ? 4.512   4.020   9.322   1.00 17.43 ? 117 PHE A CE1 1 
ATOM   992  C CE2 . PHE A 1 117 ? 5.882   5.100   7.660   1.00 16.45 ? 117 PHE A CE2 1 
ATOM   993  C CZ  . PHE A 1 117 ? 5.274   3.949   8.159   1.00 16.49 ? 117 PHE A CZ  1 
ATOM   994  N N   . ILE A 1 118 ? 7.368   6.353   11.913  1.00 16.23 ? 118 ILE A N   1 
ATOM   995  C CA  . ILE A 1 118 ? 7.860   5.202   12.660  1.00 17.35 ? 118 ILE A CA  1 
ATOM   996  C C   . ILE A 1 118 ? 8.523   5.768   13.915  1.00 17.53 ? 118 ILE A C   1 
ATOM   997  O O   . ILE A 1 118 ? 9.666   6.221   13.868  1.00 18.91 ? 118 ILE A O   1 
ATOM   998  C CB  . ILE A 1 118 ? 8.914   4.397   11.861  1.00 17.10 ? 118 ILE A CB  1 
ATOM   999  C CG1 . ILE A 1 118 ? 8.286   3.816   10.590  1.00 17.43 ? 118 ILE A CG1 1 
ATOM   1000 C CG2 . ILE A 1 118 ? 9.486   3.281   12.736  1.00 16.04 ? 118 ILE A CG2 1 
ATOM   1001 C CD1 . ILE A 1 118 ? 7.240   2.742   10.842  1.00 16.95 ? 118 ILE A CD1 1 
ATOM   1002 N N   . THR A 1 119 ? 7.799   5.764   15.032  1.00 17.75 ? 119 THR A N   1 
ATOM   1003 C CA  . THR A 1 119 ? 8.346   6.289   16.276  1.00 18.59 ? 119 THR A CA  1 
ATOM   1004 C C   . THR A 1 119 ? 9.102   5.215   17.054  1.00 18.94 ? 119 THR A C   1 
ATOM   1005 O O   . THR A 1 119 ? 9.985   5.528   17.855  1.00 19.14 ? 119 THR A O   1 
ATOM   1006 C CB  . THR A 1 119 ? 7.233   6.898   17.156  1.00 18.51 ? 119 THR A CB  1 
ATOM   1007 O OG1 . THR A 1 119 ? 6.195   5.933   17.353  1.00 19.11 ? 119 THR A OG1 1 
ATOM   1008 C CG2 . THR A 1 119 ? 6.639   8.129   16.483  1.00 21.46 ? 119 THR A CG2 1 
ATOM   1009 N N   . ASN A 1 120 ? 8.754   3.951   16.824  1.00 17.44 ? 120 ASN A N   1 
ATOM   1010 C CA  . ASN A 1 120 ? 9.442   2.850   17.488  1.00 18.41 ? 120 ASN A CA  1 
ATOM   1011 C C   . ASN A 1 120 ? 10.432  2.300   16.464  1.00 17.74 ? 120 ASN A C   1 
ATOM   1012 O O   . ASN A 1 120 ? 10.095  1.424   15.670  1.00 18.40 ? 120 ASN A O   1 
ATOM   1013 C CB  . ASN A 1 120 ? 8.460   1.754   17.896  1.00 18.39 ? 120 ASN A CB  1 
ATOM   1014 C CG  . ASN A 1 120 ? 9.075   0.755   18.854  1.00 21.00 ? 120 ASN A CG  1 
ATOM   1015 O OD1 . ASN A 1 120 ? 10.290  0.567   18.870  1.00 20.46 ? 120 ASN A OD1 1 
ATOM   1016 N ND2 . ASN A 1 120 ? 8.238   0.104   19.651  1.00 21.89 ? 120 ASN A ND2 1 
ATOM   1017 N N   . LYS A 1 121 ? 11.654  2.824   16.485  1.00 17.98 ? 121 LYS A N   1 
ATOM   1018 C CA  . LYS A 1 121 ? 12.686  2.421   15.534  1.00 19.21 ? 121 LYS A CA  1 
ATOM   1019 C C   . LYS A 1 121 ? 13.175  0.987   15.706  1.00 19.79 ? 121 LYS A C   1 
ATOM   1020 O O   . LYS A 1 121 ? 13.696  0.386   14.766  1.00 20.11 ? 121 LYS A O   1 
ATOM   1021 C CB  . LYS A 1 121 ? 13.890  3.365   15.631  1.00 18.75 ? 121 LYS A CB  1 
ATOM   1022 C CG  . LYS A 1 121 ? 13.563  4.849   15.506  1.00 19.54 ? 121 LYS A CG  1 
ATOM   1023 C CD  . LYS A 1 121 ? 12.955  5.183   14.162  1.00 17.77 ? 121 LYS A CD  1 
ATOM   1024 C CE  . LYS A 1 121 ? 13.006  6.677   13.894  1.00 19.07 ? 121 LYS A CE  1 
ATOM   1025 N NZ  . LYS A 1 121 ? 12.152  7.057   12.737  1.00 17.68 ? 121 LYS A NZ  1 
ATOM   1026 N N   . LYS A 1 122 ? 13.021  0.438   16.904  1.00 20.25 ? 122 LYS A N   1 
ATOM   1027 C CA  . LYS A 1 122 ? 13.479  -0.920  17.159  1.00 24.14 ? 122 LYS A CA  1 
ATOM   1028 C C   . LYS A 1 122 ? 12.438  -1.977  16.808  1.00 25.24 ? 122 LYS A C   1 
ATOM   1029 O O   . LYS A 1 122 ? 12.745  -2.946  16.116  1.00 28.20 ? 122 LYS A O   1 
ATOM   1030 C CB  . LYS A 1 122 ? 13.916  -1.052  18.621  1.00 25.32 ? 122 LYS A CB  1 
ATOM   1031 C CG  . LYS A 1 122 ? 14.993  -0.044  19.001  1.00 28.55 ? 122 LYS A CG  1 
ATOM   1032 C CD  . LYS A 1 122 ? 15.504  -0.258  20.413  1.00 31.70 ? 122 LYS A CD  1 
ATOM   1033 C CE  . LYS A 1 122 ? 16.595  0.746   20.758  1.00 33.00 ? 122 LYS A CE  1 
ATOM   1034 N NZ  . LYS A 1 122 ? 17.541  0.987   19.635  1.00 35.59 ? 122 LYS A NZ  1 
ATOM   1035 N N   . ARG A 1 123 ? 11.206  -1.787  17.265  1.00 25.83 ? 123 ARG A N   1 
ATOM   1036 C CA  . ARG A 1 123 ? 10.134  -2.740  16.986  1.00 26.82 ? 123 ARG A CA  1 
ATOM   1037 C C   . ARG A 1 123 ? 8.996   -2.028  16.261  1.00 27.33 ? 123 ARG A C   1 
ATOM   1038 O O   . ARG A 1 123 ? 8.189   -1.334  16.881  1.00 26.33 ? 123 ARG A O   1 
ATOM   1039 C CB  . ARG A 1 123 ? 9.620   -3.355  18.293  1.00 27.67 ? 123 ARG A CB  1 
ATOM   1040 C CG  . ARG A 1 123 ? 10.692  -4.069  19.117  1.00 30.38 ? 123 ARG A CG  1 
ATOM   1041 C CD  . ARG A 1 123 ? 11.294  -5.254  18.363  1.00 31.49 ? 123 ARG A CD  1 
ATOM   1042 N NE  . ARG A 1 123 ? 10.330  -6.330  18.145  1.00 33.93 ? 123 ARG A NE  1 
ATOM   1043 C CZ  . ARG A 1 123 ? 9.879   -7.139  19.098  1.00 34.49 ? 123 ARG A CZ  1 
ATOM   1044 N NH1 . ARG A 1 123 ? 10.307  -6.997  20.345  1.00 36.04 ? 123 ARG A NH1 1 
ATOM   1045 N NH2 . ARG A 1 123 ? 8.998   -8.086  18.807  1.00 34.64 ? 123 ARG A NH2 1 
ATOM   1046 N N   . TRP A 1 124 ? 8.935   -2.208  14.945  1.00 28.38 ? 124 TRP A N   1 
ATOM   1047 C CA  . TRP A 1 124 ? 7.896   -1.595  14.114  1.00 29.62 ? 124 TRP A CA  1 
ATOM   1048 C C   . TRP A 1 124 ? 7.156   -2.621  13.243  1.00 32.10 ? 124 TRP A C   1 
ATOM   1049 O O   . TRP A 1 124 ? 6.009   -2.434  12.858  1.00 32.83 ? 124 TRP A O   1 
ATOM   1050 C CB  . TRP A 1 124 ? 8.557   -0.543  13.225  1.00 27.61 ? 124 TRP A CB  1 
ATOM   1051 C CG  . TRP A 1 124 ? 9.586   -1.176  12.371  1.00 25.87 ? 124 TRP A CG  1 
ATOM   1052 C CD1 . TRP A 1 124 ? 10.957  -1.329  12.672  1.00 25.52 ? 124 TRP A CD1 1 
ATOM   1053 C CD2 . TRP A 1 124 ? 9.377   -1.791  11.076  1.00 23.46 ? 124 TRP A CD2 1 
ATOM   1054 N NE1 . TRP A 1 124 ? 11.634  -1.986  11.695  1.00 25.83 ? 124 TRP A NE1 1 
ATOM   1055 C CE2 . TRP A 1 124 ? 10.631  -2.290  10.644  1.00 25.47 ? 124 TRP A CE2 1 
ATOM   1056 C CE3 . TRP A 1 124 ? 8.260   -1.950  10.260  1.00 23.87 ? 124 TRP A CE3 1 
ATOM   1057 C CZ2 . TRP A 1 124 ? 10.735  -2.935  9.423   1.00 24.39 ? 124 TRP A CZ2 1 
ATOM   1058 C CZ3 . TRP A 1 124 ? 8.363   -2.596  9.039   1.00 22.88 ? 124 TRP A CZ3 1 
ATOM   1059 C CH2 . TRP A 1 124 ? 9.612   -3.086  8.616   1.00 23.91 ? 124 TRP A CH2 1 
ATOM   1060 N N   . SER A 1 125 ? 7.879   -3.708  12.904  1.00 34.82 ? 125 SER A N   1 
ATOM   1061 C CA  . SER A 1 125 ? 7.365   -4.644  11.904  1.00 36.98 ? 125 SER A CA  1 
ATOM   1062 C C   . SER A 1 125 ? 5.943   -5.135  12.199  1.00 38.16 ? 125 SER A C   1 
ATOM   1063 O O   . SER A 1 125 ? 5.023   -4.946  11.413  1.00 38.90 ? 125 SER A O   1 
ATOM   1064 C CB  . SER A 1 125 ? 8.324   -5.829  11.794  1.00 37.39 ? 125 SER A CB  1 
ATOM   1065 O OG  . SER A 1 125 ? 7.697   -6.863  11.036  1.00 40.67 ? 125 SER A OG  1 
ATOM   1066 N N   . GLY A 1 126 ? 5.788   -5.828  13.348  1.00 38.31 ? 126 GLY A N   1 
ATOM   1067 C CA  . GLY A 1 126 ? 4.492   -6.422  13.670  1.00 38.90 ? 126 GLY A CA  1 
ATOM   1068 C C   . GLY A 1 126 ? 3.375   -5.374  13.731  1.00 39.49 ? 126 GLY A C   1 
ATOM   1069 O O   . GLY A 1 126 ? 2.338   -5.483  13.075  1.00 40.67 ? 126 GLY A O   1 
ATOM   1070 N N   . MET A 1 129 ? 0.938   -3.846  11.369  1.00 36.60 ? 129 MET A N   1 
ATOM   1071 C CA  . MET A 1 129 ? -0.047  -4.662  10.673  1.00 36.28 ? 129 MET A CA  1 
ATOM   1072 C C   . MET A 1 129 ? -1.393  -4.660  11.394  1.00 35.17 ? 129 MET A C   1 
ATOM   1073 O O   . MET A 1 129 ? -1.711  -3.787  12.189  1.00 35.26 ? 129 MET A O   1 
ATOM   1074 C CB  . MET A 1 129 ? 0.497   -6.085  10.543  1.00 38.18 ? 129 MET A CB  1 
ATOM   1075 C CG  . MET A 1 129 ? 0.626   -6.521  9.079   1.00 39.77 ? 129 MET A CG  1 
ATOM   1076 S SD  . MET A 1 129 ? 2.019   -5.743  8.253   1.00 44.68 ? 129 MET A SD  1 
ATOM   1077 C CE  . MET A 1 129 ? 3.010   -7.222  7.992   1.00 39.36 ? 129 MET A CE  1 
ATOM   1078 N N   . GLY A 1 130 ? -2.217  -5.670  11.062  1.00 34.82 ? 130 GLY A N   1 
ATOM   1079 C CA  . GLY A 1 130 ? -3.605  -5.603  11.491  1.00 32.20 ? 130 GLY A CA  1 
ATOM   1080 C C   . GLY A 1 130 ? -4.308  -4.436  10.791  1.00 30.96 ? 130 GLY A C   1 
ATOM   1081 O O   . GLY A 1 130 ? -5.437  -4.060  11.091  1.00 31.12 ? 130 GLY A O   1 
ATOM   1082 N N   . LYS A 1 131 ? -3.561  -3.832  9.848   1.00 30.41 ? 131 LYS A N   1 
ATOM   1083 C CA  . LYS A 1 131 ? -4.135  -2.784  9.016   1.00 28.53 ? 131 LYS A CA  1 
ATOM   1084 C C   . LYS A 1 131 ? -3.675  -2.928  7.562   1.00 25.82 ? 131 LYS A C   1 
ATOM   1085 O O   . LYS A 1 131 ? -2.533  -3.264  7.281   1.00 25.15 ? 131 LYS A O   1 
ATOM   1086 C CB  . LYS A 1 131 ? -3.715  -1.417  9.581   1.00 32.29 ? 131 LYS A CB  1 
ATOM   1087 C CG  . LYS A 1 131 ? -2.197  -1.195  9.568   1.00 34.91 ? 131 LYS A CG  1 
ATOM   1088 C CD  . LYS A 1 131 ? -1.801  0.151   10.192  1.00 38.24 ? 131 LYS A CD  1 
ATOM   1089 C CE  . LYS A 1 131 ? -2.616  0.485   11.448  1.00 39.24 ? 131 LYS A CE  1 
ATOM   1090 N NZ  . LYS A 1 131 ? -1.980  1.590   12.169  1.00 40.44 ? 131 LYS A NZ  1 
ATOM   1091 N N   . ALA A 1 132 ? -4.636  -2.671  6.684   1.00 21.79 ? 132 ALA A N   1 
ATOM   1092 C CA  . ALA A 1 132 ? -4.412  -2.768  5.247   1.00 19.60 ? 132 ALA A CA  1 
ATOM   1093 C C   . ALA A 1 132 ? -3.882  -1.450  4.696   1.00 16.84 ? 132 ALA A C   1 
ATOM   1094 O O   . ALA A 1 132 ? -3.225  -1.422  3.653   1.00 16.27 ? 132 ALA A O   1 
ATOM   1095 C CB  . ALA A 1 132 ? -5.713  -3.140  4.543   1.00 19.58 ? 132 ALA A CB  1 
ATOM   1096 N N   . MET A 1 133 ? -4.190  -0.364  5.401   1.00 15.59 ? 133 MET A N   1 
ATOM   1097 C CA  . MET A 1 133 ? -3.767  0.980   5.019   1.00 15.73 ? 133 MET A CA  1 
ATOM   1098 C C   . MET A 1 133 ? -3.398  1.786   6.251   1.00 16.96 ? 133 MET A C   1 
ATOM   1099 O O   . MET A 1 133 ? -4.012  1.641   7.312   1.00 17.28 ? 133 MET A O   1 
ATOM   1100 C CB  . MET A 1 133 ? -4.886  1.705   4.275   1.00 16.23 ? 133 MET A CB  1 
ATOM   1101 C CG  . MET A 1 133 ? -5.195  1.143   2.919   1.00 17.74 ? 133 MET A CG  1 
ATOM   1102 S SD  . MET A 1 133 ? -6.593  2.019   2.222   1.00 14.66 ? 133 MET A SD  1 
ATOM   1103 C CE  . MET A 1 133 ? -5.831  3.554   1.775   1.00 15.13 ? 133 MET A CE  1 
ATOM   1104 N N   . ARG A 1 134 ? -2.414  2.661   6.090   1.00 17.11 ? 134 ARG A N   1 
ATOM   1105 C CA  . ARG A 1 134 ? -1.907  3.489   7.176   1.00 20.18 ? 134 ARG A CA  1 
ATOM   1106 C C   . ARG A 1 134 ? -1.629  4.872   6.593   1.00 19.57 ? 134 ARG A C   1 
ATOM   1107 O O   . ARG A 1 134 ? -0.989  4.981   5.557   1.00 19.41 ? 134 ARG A O   1 
ATOM   1108 C CB  . ARG A 1 134 ? -0.593  2.873   7.676   1.00 20.73 ? 134 ARG A CB  1 
ATOM   1109 C CG  . ARG A 1 134 ? -0.264  3.019   9.148   1.00 27.36 ? 134 ARG A CG  1 
ATOM   1110 C CD  . ARG A 1 134 ? 0.261   4.388   9.517   1.00 28.15 ? 134 ARG A CD  1 
ATOM   1111 N NE  . ARG A 1 134 ? 0.848   4.355   10.854  1.00 32.77 ? 134 ARG A NE  1 
ATOM   1112 C CZ  . ARG A 1 134 ? 1.214   5.428   11.542  1.00 33.60 ? 134 ARG A CZ  1 
ATOM   1113 N NH1 . ARG A 1 134 ? 1.052   6.639   11.023  1.00 33.14 ? 134 ARG A NH1 1 
ATOM   1114 N NH2 . ARG A 1 134 ? 1.744   5.287   12.752  1.00 35.66 ? 134 ARG A NH2 1 
ATOM   1115 N N   . GLU A 1 135 ? -2.115  5.928   7.231   1.00 18.92 ? 135 GLU A N   1 
ATOM   1116 C CA  . GLU A 1 135 ? -1.816  7.261   6.721   1.00 18.12 ? 135 GLU A CA  1 
ATOM   1117 C C   . GLU A 1 135 ? -0.392  7.623   7.140   1.00 17.50 ? 135 GLU A C   1 
ATOM   1118 O O   . GLU A 1 135 ? 0.073   7.211   8.204   1.00 18.44 ? 135 GLU A O   1 
ATOM   1119 C CB  . GLU A 1 135 ? -2.790  8.297   7.286   1.00 20.24 ? 135 GLU A CB  1 
ATOM   1120 C CG  . GLU A 1 135 ? -2.324  9.735   7.104   1.00 24.19 ? 135 GLU A CG  1 
ATOM   1121 C CD  . GLU A 1 135 ? -3.346  10.754  7.574   1.00 25.94 ? 135 GLU A CD  1 
ATOM   1122 O OE1 . GLU A 1 135 ? -4.269  10.381  8.333   1.00 28.53 ? 135 GLU A OE1 1 
ATOM   1123 O OE2 . GLU A 1 135 ? -3.216  11.933  7.190   1.00 27.68 ? 135 GLU A OE2 1 
ATOM   1124 N N   . ILE A 1 136 ? 0.309   8.362   6.289   1.00 15.70 ? 136 ILE A N   1 
ATOM   1125 C CA  . ILE A 1 136 ? 1.658   8.809   6.609   1.00 15.19 ? 136 ILE A CA  1 
ATOM   1126 C C   . ILE A 1 136 ? 1.743   10.293  6.277   1.00 15.57 ? 136 ILE A C   1 
ATOM   1127 O O   . ILE A 1 136 ? 0.967   10.801  5.464   1.00 15.36 ? 136 ILE A O   1 
ATOM   1128 C CB  . ILE A 1 136 ? 2.752   8.034   5.825   1.00 15.50 ? 136 ILE A CB  1 
ATOM   1129 C CG1 . ILE A 1 136 ? 2.695   8.368   4.335   1.00 13.62 ? 136 ILE A CG1 1 
ATOM   1130 C CG2 . ILE A 1 136 ? 2.585   6.535   6.059   1.00 13.56 ? 136 ILE A CG2 1 
ATOM   1131 C CD1 . ILE A 1 136 ? 3.841   7.754   3.540   1.00 15.61 ? 136 ILE A CD1 1 
ATOM   1132 N N   . PRO A 1 137 ? 2.676   11.012  6.913   1.00 15.57 ? 137 PRO A N   1 
ATOM   1133 C CA  . PRO A 1 137 ? 2.843   12.447  6.674   1.00 16.84 ? 137 PRO A CA  1 
ATOM   1134 C C   . PRO A 1 137 ? 3.524   12.796  5.355   1.00 17.47 ? 137 PRO A C   1 
ATOM   1135 O O   . PRO A 1 137 ? 4.320   12.021  4.820   1.00 17.19 ? 137 PRO A O   1 
ATOM   1136 C CB  . PRO A 1 137 ? 3.660   12.897  7.880   1.00 17.07 ? 137 PRO A CB  1 
ATOM   1137 C CG  . PRO A 1 137 ? 4.534   11.722  8.126   1.00 18.15 ? 137 PRO A CG  1 
ATOM   1138 C CD  . PRO A 1 137 ? 3.570   10.556  7.991   1.00 15.03 ? 137 PRO A CD  1 
ATOM   1139 N N   . GLU A 1 138 ? 3.210   13.981  4.845   1.00 17.93 ? 138 GLU A N   1 
ATOM   1140 C CA  . GLU A 1 138 ? 3.780   14.449  3.597   1.00 20.05 ? 138 GLU A CA  1 
ATOM   1141 C C   . GLU A 1 138 ? 5.304   14.331  3.571   1.00 19.82 ? 138 GLU A C   1 
ATOM   1142 O O   . GLU A 1 138 ? 5.881   13.974  2.550   1.00 18.39 ? 138 GLU A O   1 
ATOM   1143 C CB  . GLU A 1 138 ? 3.366   15.904  3.350   1.00 21.34 ? 138 GLU A CB  1 
ATOM   1144 C CG  . GLU A 1 138 ? 4.006   16.533  2.123   1.00 25.65 ? 138 GLU A CG  1 
ATOM   1145 C CD  . GLU A 1 138 ? 3.432   17.901  1.802   1.00 27.62 ? 138 GLU A CD  1 
ATOM   1146 O OE1 . GLU A 1 138 ? 2.913   18.565  2.723   1.00 29.35 ? 138 GLU A OE1 1 
ATOM   1147 O OE2 . GLU A 1 138 ? 3.507   18.316  0.627   1.00 29.88 ? 138 GLU A OE2 1 
ATOM   1148 N N   . GLU A 1 139 ? 5.957   14.616  4.694   1.00 20.38 ? 139 GLU A N   1 
ATOM   1149 C CA  . GLU A 1 139 ? 7.413   14.542  4.729   1.00 21.56 ? 139 GLU A CA  1 
ATOM   1150 C C   . GLU A 1 139 ? 7.946   13.126  4.526   1.00 19.91 ? 139 GLU A C   1 
ATOM   1151 O O   . GLU A 1 139 ? 9.022   12.945  3.959   1.00 19.60 ? 139 GLU A O   1 
ATOM   1152 C CB  . GLU A 1 139 ? 7.956   15.142  6.031   1.00 24.27 ? 139 GLU A CB  1 
ATOM   1153 C CG  . GLU A 1 139 ? 7.718   14.322  7.282   1.00 29.39 ? 139 GLU A CG  1 
ATOM   1154 C CD  . GLU A 1 139 ? 8.087   15.090  8.538   1.00 33.17 ? 139 GLU A CD  1 
ATOM   1155 O OE1 . GLU A 1 139 ? 9.293   15.150  8.864   1.00 35.57 ? 139 GLU A OE1 1 
ATOM   1156 O OE2 . GLU A 1 139 ? 7.174   15.640  9.192   1.00 35.63 ? 139 GLU A OE2 1 
ATOM   1157 N N   . ASP A 1 140 ? 7.204   12.120  4.982   1.00 18.87 ? 140 ASP A N   1 
ATOM   1158 C CA  . ASP A 1 140 ? 7.653   10.744  4.784   1.00 17.83 ? 140 ASP A CA  1 
ATOM   1159 C C   . ASP A 1 140 ? 7.386   10.344  3.338   1.00 17.75 ? 140 ASP A C   1 
ATOM   1160 O O   . ASP A 1 140 ? 8.150   9.585   2.742   1.00 17.96 ? 140 ASP A O   1 
ATOM   1161 C CB  . ASP A 1 140 ? 6.944   9.786   5.744   1.00 18.17 ? 140 ASP A CB  1 
ATOM   1162 C CG  . ASP A 1 140 ? 7.451   9.912   7.171   1.00 16.49 ? 140 ASP A CG  1 
ATOM   1163 O OD1 . ASP A 1 140 ? 8.573   10.431  7.364   1.00 17.58 ? 140 ASP A OD1 1 
ATOM   1164 O OD2 . ASP A 1 140 ? 6.739   9.482   8.097   1.00 17.26 ? 140 ASP A OD2 1 
ATOM   1165 N N   . TYR A 1 141 ? 6.298   10.862  2.776   1.00 17.93 ? 141 TYR A N   1 
ATOM   1166 C CA  . TYR A 1 141 ? 5.961   10.587  1.387   1.00 19.73 ? 141 TYR A CA  1 
ATOM   1167 C C   . TYR A 1 141 ? 7.088   11.156  0.527   1.00 20.16 ? 141 TYR A C   1 
ATOM   1168 O O   . TYR A 1 141 ? 7.560   10.505  -0.405  1.00 18.04 ? 141 TYR A O   1 
ATOM   1169 C CB  . TYR A 1 141 ? 4.637   11.259  1.002   1.00 21.02 ? 141 TYR A CB  1 
ATOM   1170 C CG  . TYR A 1 141 ? 4.381   11.270  -0.490  1.00 23.29 ? 141 TYR A CG  1 
ATOM   1171 C CD1 . TYR A 1 141 ? 4.131   10.089  -1.182  1.00 23.84 ? 141 TYR A CD1 1 
ATOM   1172 C CD2 . TYR A 1 141 ? 4.418   12.463  -1.214  1.00 24.33 ? 141 TYR A CD2 1 
ATOM   1173 C CE1 . TYR A 1 141 ? 3.923   10.089  -2.558  1.00 24.57 ? 141 TYR A CE1 1 
ATOM   1174 C CE2 . TYR A 1 141 ? 4.213   12.474  -2.593  1.00 25.34 ? 141 TYR A CE2 1 
ATOM   1175 C CZ  . TYR A 1 141 ? 3.967   11.283  -3.258  1.00 25.90 ? 141 TYR A CZ  1 
ATOM   1176 O OH  . TYR A 1 141 ? 3.772   11.277  -4.621  1.00 27.00 ? 141 TYR A OH  1 
ATOM   1177 N N   . LYS A 1 142 ? 7.517   12.375  0.855   1.00 21.22 ? 142 LYS A N   1 
ATOM   1178 C CA  . LYS A 1 142 ? 8.594   13.030  0.115   1.00 22.76 ? 142 LYS A CA  1 
ATOM   1179 C C   . LYS A 1 142 ? 9.882   12.222  0.175   1.00 22.03 ? 142 LYS A C   1 
ATOM   1180 O O   . LYS A 1 142 ? 10.566  12.056  -0.834  1.00 22.45 ? 142 LYS A O   1 
ATOM   1181 C CB  . LYS A 1 142 ? 8.864   14.429  0.671   1.00 25.15 ? 142 LYS A CB  1 
ATOM   1182 C CG  . LYS A 1 142 ? 7.814   15.466  0.338   1.00 29.12 ? 142 LYS A CG  1 
ATOM   1183 C CD  . LYS A 1 142 ? 8.292   16.834  0.796   1.00 33.17 ? 142 LYS A CD  1 
ATOM   1184 C CE  . LYS A 1 142 ? 7.313   17.933  0.433   1.00 35.55 ? 142 LYS A CE  1 
ATOM   1185 N NZ  . LYS A 1 142 ? 7.857   19.265  0.823   1.00 38.43 ? 142 LYS A NZ  1 
ATOM   1186 N N   . LEU A 1 143 ? 10.215  11.737  1.367   1.00 20.13 ? 143 LEU A N   1 
ATOM   1187 C CA  . LEU A 1 143 ? 11.418  10.942  1.567   1.00 19.80 ? 143 LEU A CA  1 
ATOM   1188 C C   . LEU A 1 143 ? 11.399  9.721   0.659   1.00 19.75 ? 143 LEU A C   1 
ATOM   1189 O O   . LEU A 1 143 ? 12.402  9.374   0.041   1.00 19.63 ? 143 LEU A O   1 
ATOM   1190 C CB  . LEU A 1 143 ? 11.510  10.481  3.024   1.00 19.88 ? 143 LEU A CB  1 
ATOM   1191 C CG  . LEU A 1 143 ? 12.619  9.477   3.352   1.00 20.44 ? 143 LEU A CG  1 
ATOM   1192 C CD1 . LEU A 1 143 ? 13.977  10.132  3.165   1.00 23.18 ? 143 LEU A CD1 1 
ATOM   1193 C CD2 . LEU A 1 143 ? 12.456  8.978   4.778   1.00 20.49 ? 143 LEU A CD2 1 
ATOM   1194 N N   . ILE A 1 144 ? 10.239  9.079   0.589   1.00 19.11 ? 144 ILE A N   1 
ATOM   1195 C CA  . ILE A 1 144 ? 10.059  7.884   -0.218  1.00 19.52 ? 144 ILE A CA  1 
ATOM   1196 C C   . ILE A 1 144 ? 10.058  8.132   -1.724  1.00 21.95 ? 144 ILE A C   1 
ATOM   1197 O O   . ILE A 1 144 ? 10.892  7.589   -2.448  1.00 21.78 ? 144 ILE A O   1 
ATOM   1198 C CB  . ILE A 1 144 ? 8.743   7.180   0.163   1.00 18.43 ? 144 ILE A CB  1 
ATOM   1199 C CG1 . ILE A 1 144 ? 8.844   6.667   1.600   1.00 17.25 ? 144 ILE A CG1 1 
ATOM   1200 C CG2 . ILE A 1 144 ? 8.445   6.044   -0.808  1.00 17.14 ? 144 ILE A CG2 1 
ATOM   1201 C CD1 . ILE A 1 144 ? 7.534   6.161   2.159   1.00 17.11 ? 144 ILE A CD1 1 
ATOM   1202 N N   . VAL A 1 145 ? 9.119   8.951   -2.185  1.00 23.84 ? 145 VAL A N   1 
ATOM   1203 C CA  . VAL A 1 145 ? 8.978   9.245   -3.605  1.00 27.01 ? 145 VAL A CA  1 
ATOM   1204 C C   . VAL A 1 145 ? 10.232  9.869   -4.204  1.00 28.21 ? 145 VAL A C   1 
ATOM   1205 O O   . VAL A 1 145 ? 10.433  9.827   -5.416  1.00 29.70 ? 145 VAL A O   1 
ATOM   1206 C CB  . VAL A 1 145 ? 7.771   10.181  -3.859  1.00 26.61 ? 145 VAL A CB  1 
ATOM   1207 C CG1 . VAL A 1 145 ? 8.130   11.616  -3.486  1.00 27.93 ? 145 VAL A CG1 1 
ATOM   1208 C CG2 . VAL A 1 145 ? 7.330   10.082  -5.309  1.00 27.96 ? 145 VAL A CG2 1 
ATOM   1209 N N   . GLY A 1 146 ? 11.077  10.438  -3.348  1.00 29.87 ? 146 GLY A N   1 
ATOM   1210 C CA  . GLY A 1 146 ? 12.300  11.060  -3.817  1.00 32.91 ? 146 GLY A CA  1 
ATOM   1211 C C   . GLY A 1 146 ? 13.462  10.091  -3.938  1.00 34.68 ? 146 GLY A C   1 
ATOM   1212 O O   . GLY A 1 146 ? 14.555  10.479  -4.345  1.00 34.81 ? 146 GLY A O   1 
ATOM   1213 N N   . ASN A 1 147 ? 13.228  8.831   -3.584  1.00 36.87 ? 147 ASN A N   1 
ATOM   1214 C CA  . ASN A 1 147 ? 14.265  7.805   -3.656  1.00 38.19 ? 147 ASN A CA  1 
ATOM   1215 C C   . ASN A 1 147 ? 14.630  7.460   -5.096  1.00 39.76 ? 147 ASN A C   1 
ATOM   1216 O O   . ASN A 1 147 ? 13.896  7.885   -6.010  1.00 40.05 ? 147 ASN A O   1 
ATOM   1217 C CB  . ASN A 1 147 ? 13.798  6.540   -2.932  1.00 39.01 ? 147 ASN A CB  1 
ATOM   1218 C CG  . ASN A 1 147 ? 14.499  6.332   -1.605  1.00 40.16 ? 147 ASN A CG  1 
ATOM   1219 O OD1 . ASN A 1 147 ? 15.506  5.627   -1.525  1.00 38.70 ? 147 ASN A OD1 1 
ATOM   1220 N ND2 . ASN A 1 147 ? 13.971  6.950   -0.554  1.00 40.14 ? 147 ASN A ND2 1 
ATOM   1221 O OXT . ASN A 1 147 ? 15.646  6.756   -5.288  1.00 41.62 ? 147 ASN A OXT 1 
HETATM 1222 O O   . HOH B 2 .   ? 6.831   -6.779  6.643   1.00 7.86  ? 148 HOH A O   1 
HETATM 1223 O O   . HOH B 2 .   ? 12.627  -8.420  10.543  1.00 15.76 ? 149 HOH A O   1 
HETATM 1224 O O   . HOH B 2 .   ? 13.218  -14.135 8.296   1.00 15.85 ? 150 HOH A O   1 
HETATM 1225 O O   . HOH B 2 .   ? -8.005  11.638  2.240   1.00 15.97 ? 151 HOH A O   1 
HETATM 1226 O O   . HOH B 2 .   ? -10.172 -9.701  -6.367  1.00 14.69 ? 152 HOH A O   1 
HETATM 1227 O O   . HOH B 2 .   ? 13.576  4.233   -8.963  1.00 26.88 ? 153 HOH A O   1 
HETATM 1228 O O   . HOH B 2 .   ? -17.170 3.101   6.090   1.00 17.19 ? 154 HOH A O   1 
HETATM 1229 O O   . HOH B 2 .   ? -7.188  -2.175  -14.773 1.00 21.32 ? 155 HOH A O   1 
HETATM 1230 O O   . HOH B 2 .   ? 14.370  -2.764  13.871  1.00 20.15 ? 156 HOH A O   1 
HETATM 1231 O O   . HOH B 2 .   ? 14.536  -10.707 8.918   1.00 14.24 ? 157 HOH A O   1 
HETATM 1232 O O   . HOH B 2 .   ? 10.440  -12.279 10.696  1.00 17.39 ? 158 HOH A O   1 
HETATM 1233 O O   . HOH B 2 .   ? 10.890  11.668  6.943   1.00 24.83 ? 159 HOH A O   1 
HETATM 1234 O O   . HOH B 2 .   ? -3.343  -6.339  -1.477  1.00 28.41 ? 160 HOH A O   1 
HETATM 1235 O O   . HOH B 2 .   ? 16.815  -7.082  9.386   1.00 17.85 ? 161 HOH A O   1 
HETATM 1236 O O   . HOH B 2 .   ? -14.647 -8.207  1.807   1.00 23.88 ? 162 HOH A O   1 
HETATM 1237 O O   . HOH B 2 .   ? -5.373  -4.858  -3.068  1.00 22.95 ? 163 HOH A O   1 
HETATM 1238 O O   . HOH B 2 .   ? -5.834  -4.805  0.901   1.00 22.63 ? 164 HOH A O   1 
HETATM 1239 O O   . HOH B 2 .   ? -12.344 -3.007  -10.388 1.00 15.65 ? 165 HOH A O   1 
HETATM 1240 O O   . HOH B 2 .   ? 9.491   -1.783  -7.439  1.00 17.71 ? 166 HOH A O   1 
HETATM 1241 O O   . HOH B 2 .   ? 10.235  -4.683  13.720  1.00 30.34 ? 167 HOH A O   1 
HETATM 1242 O O   . HOH B 2 .   ? -14.114 12.692  -6.728  1.00 31.41 ? 168 HOH A O   1 
HETATM 1243 O O   . HOH B 2 .   ? -12.682 11.954  -4.287  1.00 21.53 ? 169 HOH A O   1 
HETATM 1244 O O   . HOH B 2 .   ? 8.385   -11.061 -5.432  1.00 28.64 ? 170 HOH A O   1 
HETATM 1245 O O   . HOH B 2 .   ? -14.334 6.139   7.692   1.00 26.50 ? 171 HOH A O   1 
HETATM 1246 O O   . HOH B 2 .   ? 17.076  -6.285  4.857   1.00 13.67 ? 172 HOH A O   1 
HETATM 1247 O O   . HOH B 2 .   ? 16.205  -0.910  10.194  1.00 20.43 ? 173 HOH A O   1 
HETATM 1248 O O   . HOH B 2 .   ? -19.165 1.800   1.627   1.00 13.83 ? 174 HOH A O   1 
HETATM 1249 O O   . HOH B 2 .   ? -7.164  1.575   -13.611 1.00 26.85 ? 175 HOH A O   1 
HETATM 1250 O O   . HOH B 2 .   ? 16.693  0.594   -0.510  1.00 19.21 ? 176 HOH A O   1 
HETATM 1251 O O   . HOH B 2 .   ? 9.745   -6.474  7.945   1.00 16.68 ? 177 HOH A O   1 
HETATM 1252 O O   . HOH B 2 .   ? -11.576 -9.025  -13.831 1.00 30.54 ? 178 HOH A O   1 
HETATM 1253 O O   . HOH B 2 .   ? 11.506  -18.034 3.087   1.00 22.34 ? 179 HOH A O   1 
HETATM 1254 O O   . HOH B 2 .   ? 13.174  3.443   19.080  1.00 22.63 ? 180 HOH A O   1 
HETATM 1255 O O   . HOH B 2 .   ? 6.965   -14.632 5.256   1.00 21.53 ? 181 HOH A O   1 
HETATM 1256 O O   . HOH B 2 .   ? -6.682  14.623  -2.432  1.00 15.81 ? 182 HOH A O   1 
HETATM 1257 O O   . HOH B 2 .   ? -1.233  12.137  4.897   1.00 20.43 ? 183 HOH A O   1 
HETATM 1258 O O   . HOH B 2 .   ? 14.530  -3.010  11.058  1.00 21.00 ? 184 HOH A O   1 
HETATM 1259 O O   . HOH B 2 .   ? 16.962  6.112   6.617   1.00 29.04 ? 185 HOH A O   1 
HETATM 1260 O O   . HOH B 2 .   ? -11.866 7.013   12.003  1.00 35.36 ? 186 HOH A O   1 
HETATM 1261 O O   . HOH B 2 .   ? 14.983  -15.315 -2.209  1.00 44.64 ? 187 HOH A O   1 
HETATM 1262 O O   . HOH B 2 .   ? -6.744  -0.395  7.770   1.00 24.55 ? 188 HOH A O   1 
HETATM 1263 O O   . HOH B 2 .   ? 2.821   -6.635  -13.014 1.00 25.00 ? 189 HOH A O   1 
HETATM 1264 O O   . HOH B 2 .   ? 6.367   -9.120  -5.966  1.00 24.61 ? 190 HOH A O   1 
HETATM 1265 O O   . HOH B 2 .   ? 16.571  8.094   13.672  1.00 38.54 ? 191 HOH A O   1 
HETATM 1266 O O   . HOH B 2 .   ? 4.186   -12.128 -0.147  1.00 23.97 ? 192 HOH A O   1 
HETATM 1267 O O   . HOH B 2 .   ? -14.574 -12.392 -11.547 1.00 22.58 ? 193 HOH A O   1 
HETATM 1268 O O   . HOH B 2 .   ? 5.806   -10.899 6.480   1.00 21.64 ? 194 HOH A O   1 
HETATM 1269 O O   . HOH B 2 .   ? -8.751  4.059   9.549   1.00 32.30 ? 195 HOH A O   1 
HETATM 1270 O O   . HOH B 2 .   ? -17.547 -16.272 2.501   1.00 23.44 ? 196 HOH A O   1 
HETATM 1271 O O   . HOH B 2 .   ? -3.349  19.405  -0.720  1.00 30.59 ? 197 HOH A O   1 
HETATM 1272 O O   . HOH B 2 .   ? 10.656  -6.505  10.656  1.00 24.66 ? 198 HOH A O   1 
HETATM 1273 O O   . HOH B 2 .   ? 9.535   -17.334 -2.756  1.00 41.59 ? 199 HOH A O   1 
HETATM 1274 O O   . HOH B 2 .   ? -14.862 -17.922 4.449   1.00 31.16 ? 200 HOH A O   1 
HETATM 1275 O O   . HOH B 2 .   ? 4.816   16.257  6.951   1.00 27.47 ? 201 HOH A O   1 
HETATM 1276 O O   . HOH B 2 .   ? 9.806   -2.253  -12.973 1.00 35.63 ? 202 HOH A O   1 
HETATM 1277 O O   . HOH B 2 .   ? -12.835 -3.019  11.287  1.00 34.49 ? 203 HOH A O   1 
HETATM 1278 O O   . HOH B 2 .   ? -20.585 -3.492  -8.094  1.00 45.50 ? 204 HOH A O   1 
HETATM 1279 O O   . HOH B 2 .   ? -0.092  -12.043 -9.124  1.00 20.80 ? 205 HOH A O   1 
HETATM 1280 O O   . HOH B 2 .   ? 8.595   -9.822  10.519  1.00 29.23 ? 206 HOH A O   1 
HETATM 1281 O O   . HOH B 2 .   ? -14.883 18.635  4.946   1.00 42.31 ? 207 HOH A O   1 
HETATM 1282 O O   . HOH B 2 .   ? -7.900  -5.790  2.939   1.00 19.31 ? 208 HOH A O   1 
HETATM 1283 O O   . HOH B 2 .   ? -15.698 -12.431 0.866   1.00 33.76 ? 209 HOH A O   1 
HETATM 1284 O O   . HOH B 2 .   ? -13.423 -8.489  5.436   1.00 23.58 ? 210 HOH A O   1 
HETATM 1285 O O   . HOH B 2 .   ? 16.565  -3.063  -3.095  1.00 24.99 ? 211 HOH A O   1 
HETATM 1286 O O   . HOH B 2 .   ? 3.092   13.396  -8.564  1.00 32.57 ? 212 HOH A O   1 
HETATM 1287 O O   . HOH B 2 .   ? -0.981  17.349  2.084   1.00 25.77 ? 213 HOH A O   1 
HETATM 1288 O O   . HOH B 2 .   ? -7.440  -10.253 -13.789 1.00 32.84 ? 214 HOH A O   1 
HETATM 1289 O O   . HOH B 2 .   ? -17.287 -9.594  -2.798  1.00 29.58 ? 215 HOH A O   1 
HETATM 1290 O O   . HOH B 2 .   ? -10.483 -9.280  6.543   1.00 38.35 ? 216 HOH A O   1 
HETATM 1291 O O   . HOH B 2 .   ? 12.271  9.868   12.977  1.00 29.24 ? 217 HOH A O   1 
HETATM 1292 O O   . HOH B 2 .   ? 1.959   0.489   -12.236 1.00 19.13 ? 218 HOH A O   1 
HETATM 1293 O O   . HOH B 2 .   ? 19.633  6.870   8.046   1.00 28.88 ? 219 HOH A O   1 
HETATM 1294 O O   . HOH B 2 .   ? 18.873  -7.180  3.123   1.00 20.08 ? 220 HOH A O   1 
HETATM 1295 O O   . HOH B 2 .   ? -19.044 -18.495 2.796   1.00 22.02 ? 221 HOH A O   1 
HETATM 1296 O O   . HOH B 2 .   ? 17.189  4.800   14.113  1.00 24.60 ? 222 HOH A O   1 
HETATM 1297 O O   . HOH B 2 .   ? 16.502  1.026   -3.253  1.00 20.66 ? 223 HOH A O   1 
HETATM 1298 O O   . HOH B 2 .   ? -7.532  -8.328  4.058   1.00 28.60 ? 224 HOH A O   1 
HETATM 1299 O O   . HOH B 2 .   ? 13.081  -11.825 11.051  1.00 21.51 ? 225 HOH A O   1 
HETATM 1300 O O   . HOH B 2 .   ? -5.983  13.007  -9.270  1.00 32.04 ? 226 HOH A O   1 
HETATM 1301 O O   . HOH B 2 .   ? 2.260   15.543  -3.864  1.00 35.45 ? 227 HOH A O   1 
HETATM 1302 O O   . HOH B 2 .   ? 19.020  -1.755  -3.097  1.00 26.89 ? 228 HOH A O   1 
HETATM 1303 O O   . HOH B 2 .   ? -6.436  4.009   -13.757 1.00 24.40 ? 229 HOH A O   1 
HETATM 1304 O O   . HOH B 2 .   ? 2.951   -4.867  -15.100 1.00 27.10 ? 230 HOH A O   1 
HETATM 1305 O O   . HOH B 2 .   ? 18.390  -2.936  9.215   1.00 33.79 ? 231 HOH A O   1 
HETATM 1306 O O   . HOH B 2 .   ? 7.902   -5.286  -9.889  1.00 21.07 ? 232 HOH A O   1 
HETATM 1307 O O   . HOH B 2 .   ? -0.456  -19.757 -4.226  1.00 43.41 ? 233 HOH A O   1 
HETATM 1308 O O   . HOH B 2 .   ? 12.829  -22.981 2.874   1.00 36.98 ? 234 HOH A O   1 
HETATM 1309 O O   . HOH B 2 .   ? -5.580  -9.887  -12.087 1.00 26.51 ? 235 HOH A O   1 
HETATM 1310 O O   . HOH B 2 .   ? -9.958  -12.136 -5.251  1.00 24.30 ? 236 HOH A O   1 
HETATM 1311 O O   . HOH B 2 .   ? 5.574   -13.627 2.913   1.00 28.07 ? 237 HOH A O   1 
HETATM 1312 O O   . HOH B 2 .   ? -17.169 -15.722 -6.442  1.00 34.08 ? 238 HOH A O   1 
HETATM 1313 O O   . HOH B 2 .   ? 16.981  -4.532  -0.739  1.00 32.71 ? 239 HOH A O   1 
HETATM 1314 O O   . HOH B 2 .   ? 7.826   -17.067 4.359   1.00 30.26 ? 240 HOH A O   1 
HETATM 1315 O O   . HOH B 2 .   ? 16.823  -14.844 0.007   1.00 33.93 ? 241 HOH A O   1 
HETATM 1316 O O   . HOH B 2 .   ? 2.832   -2.050  -15.527 1.00 34.04 ? 242 HOH A O   1 
HETATM 1317 O O   . HOH B 2 .   ? 18.923  -0.796  -0.117  1.00 32.02 ? 243 HOH A O   1 
HETATM 1318 O O   . HOH B 2 .   ? 8.828   4.773   -12.531 1.00 23.45 ? 244 HOH A O   1 
HETATM 1319 O O   . HOH B 2 .   ? -5.339  1.049   -15.825 1.00 31.05 ? 245 HOH A O   1 
HETATM 1320 O O   . HOH B 2 .   ? 22.800  -1.179  2.266   1.00 35.06 ? 246 HOH A O   1 
HETATM 1321 O O   . HOH B 2 .   ? 11.137  14.746  3.695   1.00 27.51 ? 247 HOH A O   1 
HETATM 1322 O O   . HOH B 2 .   ? -8.744  -4.680  -13.875 1.00 29.94 ? 248 HOH A O   1 
HETATM 1323 O O   . HOH B 2 .   ? 7.968   -8.239  -8.342  1.00 25.11 ? 249 HOH A O   1 
HETATM 1324 O O   . HOH B 2 .   ? 14.855  3.323   -6.086  1.00 33.49 ? 250 HOH A O   1 
HETATM 1325 O O   . HOH B 2 .   ? 16.836  -5.165  -5.153  1.00 34.36 ? 251 HOH A O   1 
HETATM 1326 O O   . HOH B 2 .   ? 5.311   -7.816  -12.454 1.00 33.49 ? 252 HOH A O   1 
HETATM 1327 O O   . HOH B 2 .   ? -20.059 -5.882  -5.419  1.00 40.82 ? 253 HOH A O   1 
HETATM 1328 O O   . HOH B 2 .   ? 1.245   15.536  6.169   1.00 30.49 ? 254 HOH A O   1 
HETATM 1329 O O   . HOH B 2 .   ? -12.601 14.549  -3.135  1.00 37.55 ? 255 HOH A O   1 
HETATM 1330 O O   . HOH B 2 .   ? 10.139  14.131  -3.000  1.00 30.91 ? 256 HOH A O   1 
HETATM 1331 O O   . HOH B 2 .   ? 21.221  0.524   0.876   1.00 30.79 ? 257 HOH A O   1 
HETATM 1332 O O   . HOH B 2 .   ? 18.788  -3.408  0.809   1.00 29.49 ? 258 HOH A O   1 
HETATM 1333 O O   . HOH B 2 .   ? 12.243  13.722  5.898   1.00 36.24 ? 259 HOH A O   1 
HETATM 1334 O O   . HOH B 2 .   ? -10.973 0.333   9.028   1.00 35.23 ? 260 HOH A O   1 
HETATM 1335 O O   . HOH B 2 .   ? -4.259  -18.092 4.688   1.00 30.23 ? 261 HOH A O   1 
HETATM 1336 O O   . HOH B 2 .   ? 6.407   -11.699 1.244   1.00 20.43 ? 262 HOH A O   1 
HETATM 1337 O O   . HOH B 2 .   ? -13.597 -16.062 2.510   1.00 25.02 ? 263 HOH A O   1 
HETATM 1338 O O   . HOH B 2 .   ? -19.795 -6.106  -8.008  1.00 33.09 ? 264 HOH A O   1 
HETATM 1339 O O   . HOH B 2 .   ? 17.939  -15.665 2.214   1.00 29.18 ? 265 HOH A O   1 
HETATM 1340 O O   . HOH B 2 .   ? 16.058  -21.134 -2.566  1.00 42.65 ? 266 HOH A O   1 
HETATM 1341 O O   . HOH B 2 .   ? 2.062   -13.729 -9.387  1.00 34.72 ? 267 HOH A O   1 
HETATM 1342 O O   . HOH B 2 .   ? -13.035 2.153   12.854  1.00 31.17 ? 268 HOH A O   1 
HETATM 1343 O O   . HOH B 2 .   ? 9.681   10.269  14.486  1.00 34.14 ? 269 HOH A O   1 
HETATM 1344 O O   . HOH B 2 .   ? -17.008 -13.802 -3.658  1.00 35.96 ? 270 HOH A O   1 
HETATM 1345 O O   . HOH B 2 .   ? -4.954  -12.317 -9.581  1.00 32.68 ? 271 HOH A O   1 
HETATM 1346 O O   . HOH B 2 .   ? -3.322  15.643  -7.916  1.00 36.15 ? 272 HOH A O   1 
HETATM 1347 O O   . HOH B 2 .   ? 12.097  -20.939 5.882   1.00 24.71 ? 273 HOH A O   1 
HETATM 1348 O O   . HOH B 2 .   ? 19.432  2.977   7.187   1.00 34.61 ? 274 HOH A O   1 
HETATM 1349 O O   . HOH B 2 .   ? 16.977  0.995   11.801  1.00 34.36 ? 275 HOH A O   1 
HETATM 1350 O O   . HOH B 2 .   ? -0.340  -11.042 -11.801 1.00 40.63 ? 276 HOH A O   1 
HETATM 1351 O O   . HOH B 2 .   ? 12.602  -5.139  12.212  1.00 22.93 ? 277 HOH A O   1 
HETATM 1352 O O   . HOH B 2 .   ? -7.885  -9.992  13.387  1.00 37.29 ? 278 HOH A O   1 
HETATM 1353 O O   . HOH B 2 .   ? 15.520  -5.520  11.347  1.00 29.75 ? 279 HOH A O   1 
HETATM 1354 O O   . HOH B 2 .   ? -5.626  -18.577 -3.174  1.00 36.62 ? 280 HOH A O   1 
HETATM 1355 O O   . HOH B 2 .   ? 2.186   -8.652  -14.813 1.00 34.37 ? 281 HOH A O   1 
HETATM 1356 O O   . HOH B 2 .   ? -16.474 -2.955  7.877   1.00 40.65 ? 282 HOH A O   1 
HETATM 1357 O O   . HOH B 2 .   ? 15.449  8.884   16.043  1.00 38.88 ? 283 HOH A O   1 
HETATM 1358 O O   . HOH B 2 .   ? -9.647  11.686  -11.458 1.00 33.77 ? 284 HOH A O   1 
HETATM 1359 O O   . HOH B 2 .   ? 3.370   -12.674 6.477   1.00 42.40 ? 285 HOH A O   1 
HETATM 1360 O O   . HOH B 2 .   ? 14.179  11.286  -1.036  1.00 34.10 ? 286 HOH A O   1 
HETATM 1361 O O   . HOH B 2 .   ? -6.589  8.947   8.477   1.00 39.51 ? 287 HOH A O   1 
HETATM 1362 O O   . HOH B 2 .   ? 2.095   -13.608 -2.382  1.00 29.86 ? 288 HOH A O   1 
HETATM 1363 O O   . HOH B 2 .   ? -7.212  -2.619  12.111  1.00 30.32 ? 289 HOH A O   1 
HETATM 1364 O O   . HOH B 2 .   ? 9.478   17.422  3.705   1.00 47.65 ? 290 HOH A O   1 
HETATM 1365 O O   . HOH B 2 .   ? -12.684 -6.868  13.359  1.00 35.15 ? 291 HOH A O   1 
HETATM 1366 O O   . HOH B 2 .   ? 5.208   10.675  -12.300 1.00 34.03 ? 292 HOH A O   1 
HETATM 1367 O O   . HOH B 2 .   ? -8.620  9.391   10.099  1.00 40.67 ? 293 HOH A O   1 
HETATM 1368 O O   . HOH B 2 .   ? 5.171   -0.324  -14.499 1.00 37.08 ? 294 HOH A O   1 
HETATM 1369 O O   . HOH B 2 .   ? -6.781  21.359  -0.711  1.00 32.28 ? 295 HOH A O   1 
HETATM 1370 O O   . HOH B 2 .   ? 10.358  -19.753 -0.308  1.00 36.40 ? 296 HOH A O   1 
HETATM 1371 O O   . HOH B 2 .   ? 3.084   1.229   -16.354 1.00 30.02 ? 297 HOH A O   1 
HETATM 1372 O O   . HOH B 2 .   ? -15.021 -10.243 -0.816  1.00 25.23 ? 298 HOH A O   1 
HETATM 1373 O O   . HOH B 2 .   ? 6.540   3.049   15.263  1.00 22.83 ? 299 HOH A O   1 
HETATM 1374 O O   . HOH B 2 .   ? -9.758  8.310   14.205  1.00 24.85 ? 300 HOH A O   1 
HETATM 1375 O O   . HOH B 2 .   ? 18.451  -8.279  0.424   1.00 31.52 ? 301 HOH A O   1 
HETATM 1376 O O   . HOH B 2 .   ? 5.655   10.733  14.339  1.00 32.08 ? 302 HOH A O   1 
HETATM 1377 O O   . HOH B 2 .   ? -8.655  -6.512  -15.779 1.00 33.68 ? 303 HOH A O   1 
HETATM 1378 O O   . HOH B 2 .   ? 4.333   3.539   14.231  1.00 30.49 ? 304 HOH A O   1 
HETATM 1379 O O   . HOH B 2 .   ? 15.549  4.164   -3.598  1.00 40.10 ? 305 HOH A O   1 
HETATM 1380 O O   . HOH B 2 .   ? 3.777   13.729  -5.690  1.00 29.42 ? 306 HOH A O   1 
HETATM 1381 O O   . HOH B 2 .   ? 9.826   -3.759  -8.899  1.00 29.13 ? 307 HOH A O   1 
HETATM 1382 O O   . HOH B 2 .   ? -17.479 -21.003 2.655   1.00 32.72 ? 308 HOH A O   1 
HETATM 1383 O O   . HOH B 2 .   ? -18.716 -14.536 -1.191  1.00 37.87 ? 309 HOH A O   1 
HETATM 1384 O O   . HOH B 2 .   ? 11.406  7.833   17.253  1.00 33.95 ? 310 HOH A O   1 
HETATM 1385 O O   . HOH B 2 .   ? 11.931  1.675   21.244  1.00 34.74 ? 311 HOH A O   1 
HETATM 1386 O O   . HOH B 2 .   ? -7.841  -11.525 3.179   1.00 28.26 ? 312 HOH A O   1 
HETATM 1387 O O   . HOH B 2 .   ? 17.091  -19.377 -4.222  1.00 40.74 ? 313 HOH A O   1 
HETATM 1388 O O   . HOH B 2 .   ? -2.967  -9.078  -13.173 1.00 36.95 ? 314 HOH A O   1 
HETATM 1389 O O   . HOH B 2 .   ? -12.401 -14.133 -12.966 1.00 35.91 ? 315 HOH A O   1 
HETATM 1390 O O   . HOH B 2 .   ? 12.761  -7.200  -6.744  1.00 30.06 ? 316 HOH A O   1 
HETATM 1391 O O   . HOH B 2 .   ? 7.457   -18.447 6.545   1.00 33.29 ? 317 HOH A O   1 
HETATM 1392 O O   . HOH B 2 .   ? -13.876 -13.335 2.499   1.00 36.08 ? 318 HOH A O   1 
HETATM 1393 O O   . HOH B 2 .   ? -2.543  4.461   11.778  1.00 37.61 ? 319 HOH A O   1 
HETATM 1394 O O   . HOH B 2 .   ? -9.368  0.567   -14.517 1.00 27.09 ? 320 HOH A O   1 
HETATM 1395 O O   . HOH B 2 .   ? 10.688  -8.870  -8.522  1.00 33.47 ? 321 HOH A O   1 
HETATM 1396 O O   . HOH B 2 .   ? -10.021 -10.518 4.280   1.00 34.72 ? 322 HOH A O   1 
HETATM 1397 O O   . HOH B 2 .   ? -3.002  -20.194 -2.939  1.00 35.02 ? 323 HOH A O   1 
HETATM 1398 O O   . HOH B 2 .   ? 9.171   14.608  -5.359  1.00 34.10 ? 324 HOH A O   1 
HETATM 1399 O O   . HOH B 2 .   ? 0.041   -15.014 -1.755  1.00 39.76 ? 325 HOH A O   1 
HETATM 1400 O O   . HOH B 2 .   ? 14.177  -8.986  -4.580  1.00 35.66 ? 326 HOH A O   1 
HETATM 1401 O O   . HOH B 2 .   ? -13.043 16.406  -1.449  1.00 42.67 ? 327 HOH A O   1 
HETATM 1402 O O   . HOH B 2 .   ? 3.854   -0.266  14.240  1.00 35.72 ? 328 HOH A O   1 
HETATM 1403 O O   . HOH B 2 .   ? 2.342   -2.101  9.504   1.00 39.60 ? 329 HOH A O   1 
HETATM 1404 O O   . HOH B 2 .   ? 1.357   1.080   11.705  1.00 34.29 ? 330 HOH A O   1 
HETATM 1405 O O   . HOH B 2 .   ? -7.554  13.003  -11.465 1.00 37.92 ? 331 HOH A O   1 
HETATM 1406 O O   . HOH B 2 .   ? -16.658 4.856   7.796   1.00 40.37 ? 332 HOH A O   1 
HETATM 1407 O O   . HOH B 2 .   ? 2.880   7.177   13.555  1.00 39.69 ? 333 HOH A O   1 
HETATM 1408 O O   . HOH B 2 .   ? 3.391   -10.843 -13.588 1.00 41.38 ? 334 HOH A O   1 
HETATM 1409 O O   . HOH B 2 .   ? -14.955 0.826   12.211  1.00 38.94 ? 335 HOH A O   1 
HETATM 1410 O O   . HOH B 2 .   ? -11.848 -15.075 -3.941  1.00 38.06 ? 336 HOH A O   1 
HETATM 1411 O O   . HOH B 2 .   ? 7.127   -6.032  15.511  1.00 40.05 ? 337 HOH A O   1 
HETATM 1412 O O   . HOH B 2 .   ? -15.381 -12.649 -8.847  1.00 39.68 ? 338 HOH A O   1 
HETATM 1413 O O   . HOH B 2 .   ? -2.166  -13.286 -8.491  1.00 40.49 ? 339 HOH A O   1 
HETATM 1414 O O   . HOH B 2 .   ? 3.677   18.840  6.813   1.00 41.60 ? 340 HOH A O   1 
HETATM 1415 O O   . HOH B 2 .   ? -11.054 3.767   11.284  1.00 41.93 ? 341 HOH A O   1 
# 
loop_
_pdbx_poly_seq_scheme.asym_id 
_pdbx_poly_seq_scheme.entity_id 
_pdbx_poly_seq_scheme.seq_id 
_pdbx_poly_seq_scheme.mon_id 
_pdbx_poly_seq_scheme.ndb_seq_num 
_pdbx_poly_seq_scheme.pdb_seq_num 
_pdbx_poly_seq_scheme.auth_seq_num 
_pdbx_poly_seq_scheme.pdb_mon_id 
_pdbx_poly_seq_scheme.auth_mon_id 
_pdbx_poly_seq_scheme.pdb_strand_id 
_pdbx_poly_seq_scheme.pdb_ins_code 
_pdbx_poly_seq_scheme.hetero 
A 1 1   MET 1   1   1   MET MET A . n 
A 1 2   ASP 2   2   2   ASP ASP A . n 
A 1 3   LEU 3   3   3   LEU LEU A . n 
A 1 4   MET 4   4   4   MET MET A . n 
A 1 5   ALA 5   5   5   ALA ALA A . n 
A 1 6   TYR 6   6   6   TYR TYR A . n 
A 1 7   TRP 7   7   7   TRP TRP A . n 
A 1 8   LEU 8   8   8   LEU LEU A . n 
A 1 9   CYS 9   9   9   CYS CYS A . n 
A 1 10  ILE 10  10  10  ILE ILE A . n 
A 1 11  THR 11  11  11  THR THR A . n 
A 1 12  ASN 12  12  12  ASN ASN A . n 
A 1 13  GLU 13  13  13  GLU GLU A . n 
A 1 14  ASP 14  14  14  ASP ASP A . n 
A 1 15  ASN 15  15  15  ASN ASN A . n 
A 1 16  TRP 16  16  16  TRP TRP A . n 
A 1 17  LYS 17  17  17  LYS LYS A . n 
A 1 18  VAL 18  18  18  VAL VAL A . n 
A 1 19  ILE 19  19  19  ILE ILE A . n 
A 1 20  LYS 20  20  20  LYS LYS A . n 
A 1 21  GLU 21  21  21  GLU GLU A . n 
A 1 22  LYS 22  22  22  LYS LYS A . n 
A 1 23  LYS 23  23  23  LYS LYS A . n 
A 1 24  ILE 24  24  24  ILE ILE A . n 
A 1 25  TRP 25  25  25  TRP TRP A . n 
A 1 26  GLY 26  26  26  GLY GLY A . n 
A 1 27  VAL 27  27  27  VAL VAL A . n 
A 1 28  ALA 28  28  28  ALA ALA A . n 
A 1 29  GLU 29  29  29  GLU GLU A . n 
A 1 30  ARG 30  30  30  ARG ARG A . n 
A 1 31  TYR 31  31  31  TYR TYR A . n 
A 1 32  LYS 32  32  32  LYS LYS A . n 
A 1 33  ASN 33  33  33  ASN ASN A . n 
A 1 34  THR 34  34  34  THR THR A . n 
A 1 35  ILE 35  35  35  ILE ILE A . n 
A 1 36  ASN 36  36  36  ASN ASN A . n 
A 1 37  LYS 37  37  37  LYS LYS A . n 
A 1 38  VAL 38  38  38  VAL VAL A . n 
A 1 39  LYS 39  39  39  LYS LYS A . n 
A 1 40  VAL 40  40  40  VAL VAL A . n 
A 1 41  GLY 41  41  41  GLY GLY A . n 
A 1 42  ASP 42  42  42  ASP ASP A . n 
A 1 43  LYS 43  43  43  LYS LYS A . n 
A 1 44  LEU 44  44  44  LEU LEU A . n 
A 1 45  ILE 45  45  45  ILE ILE A . n 
A 1 46  ILE 46  46  46  ILE ILE A . n 
A 1 47  TYR 47  47  47  TYR TYR A . n 
A 1 48  GLU 48  48  48  GLU GLU A . n 
A 1 49  ILE 49  49  49  ILE ILE A . n 
A 1 50  GLN 50  50  50  GLN GLN A . n 
A 1 51  ARG 51  51  51  ARG ARG A . n 
A 1 52  SER 52  52  52  SER SER A . n 
A 1 53  GLY 53  53  53  GLY GLY A . n 
A 1 54  LYS 54  54  54  LYS LYS A . n 
A 1 55  ASP 55  55  55  ASP ASP A . n 
A 1 56  TYR 56  56  56  TYR TYR A . n 
A 1 57  LYS 57  57  57  LYS LYS A . n 
A 1 58  PRO 58  58  58  PRO PRO A . n 
A 1 59  PRO 59  59  59  PRO PRO A . n 
A 1 60  TYR 60  60  60  TYR TYR A . n 
A 1 61  ILE 61  61  61  ILE ILE A . n 
A 1 62  ARG 62  62  62  ARG ARG A . n 
A 1 63  GLY 63  63  63  GLY GLY A . n 
A 1 64  VAL 64  64  64  VAL VAL A . n 
A 1 65  TYR 65  65  65  TYR TYR A . n 
A 1 66  GLU 66  66  66  GLU GLU A . n 
A 1 67  VAL 67  67  67  VAL VAL A . n 
A 1 68  VAL 68  68  68  VAL VAL A . n 
A 1 69  SER 69  69  69  SER SER A . n 
A 1 70  GLU 70  70  70  GLU GLU A . n 
A 1 71  VAL 71  71  71  VAL VAL A . n 
A 1 72  TYR 72  72  72  TYR TYR A . n 
A 1 73  LYS 73  73  73  LYS LYS A . n 
A 1 74  ASP 74  74  74  ASP ASP A . n 
A 1 75  SER 75  75  75  SER SER A . n 
A 1 76  SER 76  76  76  SER SER A . n 
A 1 77  LYS 77  77  77  LYS LYS A . n 
A 1 78  ILE 78  78  78  ILE ILE A . n 
A 1 79  PHE 79  79  79  PHE PHE A . n 
A 1 80  LYS 80  80  80  LYS LYS A . n 
A 1 81  PRO 81  81  81  PRO PRO A . n 
A 1 82  THR 82  82  82  THR THR A . n 
A 1 83  PRO 83  83  83  PRO PRO A . n 
A 1 84  ARG 84  84  84  ARG ARG A . n 
A 1 85  ASN 85  85  85  ASN ASN A . n 
A 1 86  PRO 86  86  86  PRO PRO A . n 
A 1 87  ASN 87  87  87  ASN ASN A . n 
A 1 88  GLU 88  88  88  GLU GLU A . n 
A 1 89  LYS 89  89  89  LYS LYS A . n 
A 1 90  PHE 90  90  90  PHE PHE A . n 
A 1 91  PRO 91  91  91  PRO PRO A . n 
A 1 92  TYR 92  92  92  TYR TYR A . n 
A 1 93  ARG 93  93  93  ARG ARG A . n 
A 1 94  VAL 94  94  94  VAL VAL A . n 
A 1 95  LYS 95  95  95  LYS LYS A . n 
A 1 96  LEU 96  96  96  LEU LEU A . n 
A 1 97  LYS 97  97  97  LYS LYS A . n 
A 1 98  GLU 98  98  98  GLU GLU A . n 
A 1 99  ILE 99  99  99  ILE ILE A . n 
A 1 100 LYS 100 100 100 LYS LYS A . n 
A 1 101 VAL 101 101 101 VAL VAL A . n 
A 1 102 PHE 102 102 102 PHE PHE A . n 
A 1 103 GLU 103 103 103 GLU GLU A . n 
A 1 104 PRO 104 104 104 PRO PRO A . n 
A 1 105 PRO 105 105 105 PRO PRO A . n 
A 1 106 ILE 106 106 106 ILE ILE A . n 
A 1 107 ASN 107 107 107 ASN ASN A . n 
A 1 108 PHE 108 108 108 PHE PHE A . n 
A 1 109 LYS 109 109 109 LYS LYS A . n 
A 1 110 GLU 110 110 110 GLU GLU A . n 
A 1 111 LEU 111 111 111 LEU LEU A . n 
A 1 112 ILE 112 112 112 ILE ILE A . n 
A 1 113 PRO 113 113 113 PRO PRO A . n 
A 1 114 LYS 114 114 114 LYS LYS A . n 
A 1 115 LEU 115 115 115 LEU LEU A . n 
A 1 116 LYS 116 116 116 LYS LYS A . n 
A 1 117 PHE 117 117 117 PHE PHE A . n 
A 1 118 ILE 118 118 118 ILE ILE A . n 
A 1 119 THR 119 119 119 THR THR A . n 
A 1 120 ASN 120 120 120 ASN ASN A . n 
A 1 121 LYS 121 121 121 LYS LYS A . n 
A 1 122 LYS 122 122 122 LYS LYS A . n 
A 1 123 ARG 123 123 123 ARG ARG A . n 
A 1 124 TRP 124 124 124 TRP TRP A . n 
A 1 125 SER 125 125 125 SER SER A . n 
A 1 126 GLY 126 126 126 GLY GLY A . n 
A 1 127 HIS 127 127 ?   ?   ?   A . n 
A 1 128 LEU 128 128 ?   ?   ?   A . n 
A 1 129 MET 129 129 129 MET MET A . n 
A 1 130 GLY 130 130 130 GLY GLY A . n 
A 1 131 LYS 131 131 131 LYS LYS A . n 
A 1 132 ALA 132 132 132 ALA ALA A . n 
A 1 133 MET 133 133 133 MET MET A . n 
A 1 134 ARG 134 134 134 ARG ARG A . n 
A 1 135 GLU 135 135 135 GLU GLU A . n 
A 1 136 ILE 136 136 136 ILE ILE A . n 
A 1 137 PRO 137 137 137 PRO PRO A . n 
A 1 138 GLU 138 138 138 GLU GLU A . n 
A 1 139 GLU 139 139 139 GLU GLU A . n 
A 1 140 ASP 140 140 140 ASP ASP A . n 
A 1 141 TYR 141 141 141 TYR TYR A . n 
A 1 142 LYS 142 142 142 LYS LYS A . n 
A 1 143 LEU 143 143 143 LEU LEU A . n 
A 1 144 ILE 144 144 144 ILE ILE A . n 
A 1 145 VAL 145 145 145 VAL VAL A . n 
A 1 146 GLY 146 146 146 GLY GLY A . n 
A 1 147 ASN 147 147 147 ASN ASN A . n 
# 
_pdbx_SG_project.id                    1 
_pdbx_SG_project.project_name          'NPPSFA, National Project on Protein Structural and Functional Analyses' 
_pdbx_SG_project.full_name_of_center   'RIKEN Structural Genomics/Proteomics Initiative' 
_pdbx_SG_project.initial_of_center     RSGI 
# 
loop_
_pdbx_nonpoly_scheme.asym_id 
_pdbx_nonpoly_scheme.entity_id 
_pdbx_nonpoly_scheme.mon_id 
_pdbx_nonpoly_scheme.ndb_seq_num 
_pdbx_nonpoly_scheme.pdb_seq_num 
_pdbx_nonpoly_scheme.auth_seq_num 
_pdbx_nonpoly_scheme.pdb_mon_id 
_pdbx_nonpoly_scheme.auth_mon_id 
_pdbx_nonpoly_scheme.pdb_strand_id 
_pdbx_nonpoly_scheme.pdb_ins_code 
B 2 HOH 1   148 1   HOH HOH A . 
B 2 HOH 2   149 2   HOH HOH A . 
B 2 HOH 3   150 3   HOH HOH A . 
B 2 HOH 4   151 4   HOH HOH A . 
B 2 HOH 5   152 5   HOH HOH A . 
B 2 HOH 6   153 6   HOH HOH A . 
B 2 HOH 7   154 7   HOH HOH A . 
B 2 HOH 8   155 8   HOH HOH A . 
B 2 HOH 9   156 9   HOH HOH A . 
B 2 HOH 10  157 10  HOH HOH A . 
B 2 HOH 11  158 11  HOH HOH A . 
B 2 HOH 12  159 12  HOH HOH A . 
B 2 HOH 13  160 13  HOH HOH A . 
B 2 HOH 14  161 14  HOH HOH A . 
B 2 HOH 15  162 15  HOH HOH A . 
B 2 HOH 16  163 16  HOH HOH A . 
B 2 HOH 17  164 17  HOH HOH A . 
B 2 HOH 18  165 18  HOH HOH A . 
B 2 HOH 19  166 19  HOH HOH A . 
B 2 HOH 20  167 20  HOH HOH A . 
B 2 HOH 21  168 21  HOH HOH A . 
B 2 HOH 22  169 22  HOH HOH A . 
B 2 HOH 23  170 23  HOH HOH A . 
B 2 HOH 24  171 24  HOH HOH A . 
B 2 HOH 25  172 25  HOH HOH A . 
B 2 HOH 26  173 26  HOH HOH A . 
B 2 HOH 27  174 27  HOH HOH A . 
B 2 HOH 28  175 28  HOH HOH A . 
B 2 HOH 29  176 29  HOH HOH A . 
B 2 HOH 30  177 30  HOH HOH A . 
B 2 HOH 31  178 31  HOH HOH A . 
B 2 HOH 32  179 32  HOH HOH A . 
B 2 HOH 33  180 33  HOH HOH A . 
B 2 HOH 34  181 34  HOH HOH A . 
B 2 HOH 35  182 35  HOH HOH A . 
B 2 HOH 36  183 36  HOH HOH A . 
B 2 HOH 37  184 37  HOH HOH A . 
B 2 HOH 38  185 38  HOH HOH A . 
B 2 HOH 39  186 39  HOH HOH A . 
B 2 HOH 40  187 40  HOH HOH A . 
B 2 HOH 41  188 41  HOH HOH A . 
B 2 HOH 42  189 42  HOH HOH A . 
B 2 HOH 43  190 43  HOH HOH A . 
B 2 HOH 44  191 44  HOH HOH A . 
B 2 HOH 45  192 45  HOH HOH A . 
B 2 HOH 46  193 46  HOH HOH A . 
B 2 HOH 47  194 47  HOH HOH A . 
B 2 HOH 48  195 48  HOH HOH A . 
B 2 HOH 49  196 49  HOH HOH A . 
B 2 HOH 50  197 50  HOH HOH A . 
B 2 HOH 51  198 51  HOH HOH A . 
B 2 HOH 52  199 52  HOH HOH A . 
B 2 HOH 53  200 53  HOH HOH A . 
B 2 HOH 54  201 54  HOH HOH A . 
B 2 HOH 55  202 55  HOH HOH A . 
B 2 HOH 56  203 56  HOH HOH A . 
B 2 HOH 57  204 57  HOH HOH A . 
B 2 HOH 58  205 58  HOH HOH A . 
B 2 HOH 59  206 59  HOH HOH A . 
B 2 HOH 60  207 60  HOH HOH A . 
B 2 HOH 61  208 61  HOH HOH A . 
B 2 HOH 62  209 62  HOH HOH A . 
B 2 HOH 63  210 63  HOH HOH A . 
B 2 HOH 64  211 64  HOH HOH A . 
B 2 HOH 65  212 65  HOH HOH A . 
B 2 HOH 66  213 66  HOH HOH A . 
B 2 HOH 67  214 67  HOH HOH A . 
B 2 HOH 68  215 68  HOH HOH A . 
B 2 HOH 69  216 69  HOH HOH A . 
B 2 HOH 70  217 70  HOH HOH A . 
B 2 HOH 71  218 71  HOH HOH A . 
B 2 HOH 72  219 72  HOH HOH A . 
B 2 HOH 73  220 73  HOH HOH A . 
B 2 HOH 74  221 74  HOH HOH A . 
B 2 HOH 75  222 75  HOH HOH A . 
B 2 HOH 76  223 76  HOH HOH A . 
B 2 HOH 77  224 77  HOH HOH A . 
B 2 HOH 78  225 78  HOH HOH A . 
B 2 HOH 79  226 79  HOH HOH A . 
B 2 HOH 80  227 80  HOH HOH A . 
B 2 HOH 81  228 81  HOH HOH A . 
B 2 HOH 82  229 82  HOH HOH A . 
B 2 HOH 83  230 83  HOH HOH A . 
B 2 HOH 84  231 84  HOH HOH A . 
B 2 HOH 85  232 85  HOH HOH A . 
B 2 HOH 86  233 86  HOH HOH A . 
B 2 HOH 87  234 87  HOH HOH A . 
B 2 HOH 88  235 88  HOH HOH A . 
B 2 HOH 89  236 89  HOH HOH A . 
B 2 HOH 90  237 90  HOH HOH A . 
B 2 HOH 91  238 91  HOH HOH A . 
B 2 HOH 92  239 92  HOH HOH A . 
B 2 HOH 93  240 93  HOH HOH A . 
B 2 HOH 94  241 94  HOH HOH A . 
B 2 HOH 95  242 95  HOH HOH A . 
B 2 HOH 96  243 96  HOH HOH A . 
B 2 HOH 97  244 97  HOH HOH A . 
B 2 HOH 98  245 98  HOH HOH A . 
B 2 HOH 99  246 99  HOH HOH A . 
B 2 HOH 100 247 100 HOH HOH A . 
B 2 HOH 101 248 101 HOH HOH A . 
B 2 HOH 102 249 102 HOH HOH A . 
B 2 HOH 103 250 103 HOH HOH A . 
B 2 HOH 104 251 104 HOH HOH A . 
B 2 HOH 105 252 105 HOH HOH A . 
B 2 HOH 106 253 106 HOH HOH A . 
B 2 HOH 107 254 107 HOH HOH A . 
B 2 HOH 108 255 108 HOH HOH A . 
B 2 HOH 109 256 109 HOH HOH A . 
B 2 HOH 110 257 110 HOH HOH A . 
B 2 HOH 111 258 111 HOH HOH A . 
B 2 HOH 112 259 112 HOH HOH A . 
B 2 HOH 113 260 113 HOH HOH A . 
B 2 HOH 114 261 114 HOH HOH A . 
B 2 HOH 115 262 115 HOH HOH A . 
B 2 HOH 116 263 116 HOH HOH A . 
B 2 HOH 117 264 117 HOH HOH A . 
B 2 HOH 118 265 118 HOH HOH A . 
B 2 HOH 119 266 119 HOH HOH A . 
B 2 HOH 120 267 120 HOH HOH A . 
B 2 HOH 121 268 121 HOH HOH A . 
B 2 HOH 122 269 122 HOH HOH A . 
B 2 HOH 123 270 123 HOH HOH A . 
B 2 HOH 124 271 124 HOH HOH A . 
B 2 HOH 125 272 125 HOH HOH A . 
B 2 HOH 126 273 126 HOH HOH A . 
B 2 HOH 127 274 127 HOH HOH A . 
B 2 HOH 128 275 128 HOH HOH A . 
B 2 HOH 129 276 129 HOH HOH A . 
B 2 HOH 130 277 130 HOH HOH A . 
B 2 HOH 131 278 131 HOH HOH A . 
B 2 HOH 132 279 132 HOH HOH A . 
B 2 HOH 133 280 133 HOH HOH A . 
B 2 HOH 134 281 134 HOH HOH A . 
B 2 HOH 135 282 135 HOH HOH A . 
B 2 HOH 136 283 136 HOH HOH A . 
B 2 HOH 137 284 137 HOH HOH A . 
B 2 HOH 138 285 138 HOH HOH A . 
B 2 HOH 139 286 139 HOH HOH A . 
B 2 HOH 140 287 140 HOH HOH A . 
B 2 HOH 141 288 141 HOH HOH A . 
B 2 HOH 142 289 142 HOH HOH A . 
B 2 HOH 143 290 143 HOH HOH A . 
B 2 HOH 144 291 144 HOH HOH A . 
B 2 HOH 145 292 145 HOH HOH A . 
B 2 HOH 146 293 146 HOH HOH A . 
B 2 HOH 147 294 147 HOH HOH A . 
B 2 HOH 148 295 148 HOH HOH A . 
B 2 HOH 149 296 149 HOH HOH A . 
B 2 HOH 150 297 150 HOH HOH A . 
B 2 HOH 151 298 151 HOH HOH A . 
B 2 HOH 152 299 152 HOH HOH A . 
B 2 HOH 153 300 153 HOH HOH A . 
B 2 HOH 154 301 154 HOH HOH A . 
B 2 HOH 155 302 155 HOH HOH A . 
B 2 HOH 156 303 156 HOH HOH A . 
B 2 HOH 157 304 157 HOH HOH A . 
B 2 HOH 158 305 158 HOH HOH A . 
B 2 HOH 159 306 159 HOH HOH A . 
B 2 HOH 160 307 160 HOH HOH A . 
B 2 HOH 161 308 161 HOH HOH A . 
B 2 HOH 162 309 162 HOH HOH A . 
B 2 HOH 163 310 163 HOH HOH A . 
B 2 HOH 164 311 164 HOH HOH A . 
B 2 HOH 165 312 165 HOH HOH A . 
B 2 HOH 166 313 166 HOH HOH A . 
B 2 HOH 167 314 167 HOH HOH A . 
B 2 HOH 168 315 168 HOH HOH A . 
B 2 HOH 169 316 169 HOH HOH A . 
B 2 HOH 170 317 170 HOH HOH A . 
B 2 HOH 171 318 171 HOH HOH A . 
B 2 HOH 172 319 172 HOH HOH A . 
B 2 HOH 173 320 173 HOH HOH A . 
B 2 HOH 174 321 174 HOH HOH A . 
B 2 HOH 175 322 175 HOH HOH A . 
B 2 HOH 176 323 176 HOH HOH A . 
B 2 HOH 177 324 177 HOH HOH A . 
B 2 HOH 178 325 178 HOH HOH A . 
B 2 HOH 179 326 179 HOH HOH A . 
B 2 HOH 180 327 180 HOH HOH A . 
B 2 HOH 181 328 181 HOH HOH A . 
B 2 HOH 182 329 182 HOH HOH A . 
B 2 HOH 183 330 183 HOH HOH A . 
B 2 HOH 184 331 184 HOH HOH A . 
B 2 HOH 185 332 185 HOH HOH A . 
B 2 HOH 186 333 186 HOH HOH A . 
B 2 HOH 187 334 187 HOH HOH A . 
B 2 HOH 188 335 188 HOH HOH A . 
B 2 HOH 189 336 189 HOH HOH A . 
B 2 HOH 190 337 190 HOH HOH A . 
B 2 HOH 191 338 191 HOH HOH A . 
B 2 HOH 192 339 192 HOH HOH A . 
B 2 HOH 193 340 193 HOH HOH A . 
B 2 HOH 194 341 194 HOH HOH A . 
# 
_pdbx_struct_assembly.id                   1 
_pdbx_struct_assembly.details              author_defined_assembly 
_pdbx_struct_assembly.method_details       ? 
_pdbx_struct_assembly.oligomeric_details   monomeric 
_pdbx_struct_assembly.oligomeric_count     1 
# 
_pdbx_struct_assembly_gen.assembly_id       1 
_pdbx_struct_assembly_gen.oper_expression   1 
_pdbx_struct_assembly_gen.asym_id_list      A,B 
# 
_pdbx_struct_oper_list.id                   1 
_pdbx_struct_oper_list.type                 'identity operation' 
_pdbx_struct_oper_list.name                 1_555 
_pdbx_struct_oper_list.symmetry_operation   x,y,z 
_pdbx_struct_oper_list.matrix[1][1]         1.0000000000 
_pdbx_struct_oper_list.matrix[1][2]         0.0000000000 
_pdbx_struct_oper_list.matrix[1][3]         0.0000000000 
_pdbx_struct_oper_list.vector[1]            0.0000000000 
_pdbx_struct_oper_list.matrix[2][1]         0.0000000000 
_pdbx_struct_oper_list.matrix[2][2]         1.0000000000 
_pdbx_struct_oper_list.matrix[2][3]         0.0000000000 
_pdbx_struct_oper_list.vector[2]            0.0000000000 
_pdbx_struct_oper_list.matrix[3][1]         0.0000000000 
_pdbx_struct_oper_list.matrix[3][2]         0.0000000000 
_pdbx_struct_oper_list.matrix[3][3]         1.0000000000 
_pdbx_struct_oper_list.vector[3]            0.0000000000 
# 
loop_
_pdbx_audit_revision_history.ordinal 
_pdbx_audit_revision_history.data_content_type 
_pdbx_audit_revision_history.major_revision 
_pdbx_audit_revision_history.minor_revision 
_pdbx_audit_revision_history.revision_date 
1 'Structure model' 1 0 2007-09-18 
2 'Structure model' 1 1 2011-07-13 
3 'Structure model' 1 2 2023-10-25 
# 
_pdbx_audit_revision_details.ordinal             1 
_pdbx_audit_revision_details.revision_ordinal    1 
_pdbx_audit_revision_details.data_content_type   'Structure model' 
_pdbx_audit_revision_details.provider            repository 
_pdbx_audit_revision_details.type                'Initial release' 
_pdbx_audit_revision_details.description         ? 
_pdbx_audit_revision_details.details             ? 
# 
loop_
_pdbx_audit_revision_group.ordinal 
_pdbx_audit_revision_group.revision_ordinal 
_pdbx_audit_revision_group.data_content_type 
_pdbx_audit_revision_group.group 
1 2 'Structure model' 'Version format compliance' 
2 3 'Structure model' 'Data collection'           
3 3 'Structure model' 'Database references'       
4 3 'Structure model' 'Refinement description'    
# 
loop_
_pdbx_audit_revision_category.ordinal 
_pdbx_audit_revision_category.revision_ordinal 
_pdbx_audit_revision_category.data_content_type 
_pdbx_audit_revision_category.category 
1 3 'Structure model' chem_comp_atom                
2 3 'Structure model' chem_comp_bond                
3 3 'Structure model' database_2                    
4 3 'Structure model' pdbx_initial_refinement_model 
5 3 'Structure model' struct_ref_seq_dif            
# 
loop_
_pdbx_audit_revision_item.ordinal 
_pdbx_audit_revision_item.revision_ordinal 
_pdbx_audit_revision_item.data_content_type 
_pdbx_audit_revision_item.item 
1 3 'Structure model' '_database_2.pdbx_DOI'                
2 3 'Structure model' '_database_2.pdbx_database_accession' 
3 3 'Structure model' '_struct_ref_seq_dif.details'         
# 
loop_
_software.name 
_software.classification 
_software.version 
_software.citation_id 
_software.pdbx_ordinal 
HKL-2000 'data collection' .   ? 1 
MOLREP   phasing           .   ? 2 
CNS      refinement        1.1 ? 3 
HKL-2000 'data reduction'  .   ? 4 
HKL-2000 'data scaling'    .   ? 5 
# 
_pdbx_validate_rmsd_bond.id                        1 
_pdbx_validate_rmsd_bond.PDB_model_num             1 
_pdbx_validate_rmsd_bond.auth_atom_id_1            NE1 
_pdbx_validate_rmsd_bond.auth_asym_id_1            A 
_pdbx_validate_rmsd_bond.auth_comp_id_1            TRP 
_pdbx_validate_rmsd_bond.auth_seq_id_1             124 
_pdbx_validate_rmsd_bond.PDB_ins_code_1            ? 
_pdbx_validate_rmsd_bond.label_alt_id_1            ? 
_pdbx_validate_rmsd_bond.auth_atom_id_2            CE2 
_pdbx_validate_rmsd_bond.auth_asym_id_2            A 
_pdbx_validate_rmsd_bond.auth_comp_id_2            TRP 
_pdbx_validate_rmsd_bond.auth_seq_id_2             124 
_pdbx_validate_rmsd_bond.PDB_ins_code_2            ? 
_pdbx_validate_rmsd_bond.label_alt_id_2            ? 
_pdbx_validate_rmsd_bond.bond_value                1.484 
_pdbx_validate_rmsd_bond.bond_target_value         1.371 
_pdbx_validate_rmsd_bond.bond_deviation            0.113 
_pdbx_validate_rmsd_bond.bond_standard_deviation   0.013 
_pdbx_validate_rmsd_bond.linker_flag               N 
# 
loop_
_pdbx_validate_torsion.id 
_pdbx_validate_torsion.PDB_model_num 
_pdbx_validate_torsion.auth_comp_id 
_pdbx_validate_torsion.auth_asym_id 
_pdbx_validate_torsion.auth_seq_id 
_pdbx_validate_torsion.PDB_ins_code 
_pdbx_validate_torsion.label_alt_id 
_pdbx_validate_torsion.phi 
_pdbx_validate_torsion.psi 
1 1 ASP A 55 ? ? -108.49 47.49  
2 1 ILE A 78 ? ? -143.21 -29.06 
# 
loop_
_pdbx_unobs_or_zero_occ_residues.id 
_pdbx_unobs_or_zero_occ_residues.PDB_model_num 
_pdbx_unobs_or_zero_occ_residues.polymer_flag 
_pdbx_unobs_or_zero_occ_residues.occupancy_flag 
_pdbx_unobs_or_zero_occ_residues.auth_asym_id 
_pdbx_unobs_or_zero_occ_residues.auth_comp_id 
_pdbx_unobs_or_zero_occ_residues.auth_seq_id 
_pdbx_unobs_or_zero_occ_residues.PDB_ins_code 
_pdbx_unobs_or_zero_occ_residues.label_asym_id 
_pdbx_unobs_or_zero_occ_residues.label_comp_id 
_pdbx_unobs_or_zero_occ_residues.label_seq_id 
1 1 Y 1 A HIS 127 ? A HIS 127 
2 1 Y 1 A LEU 128 ? A LEU 128 
# 
loop_
_chem_comp_atom.comp_id 
_chem_comp_atom.atom_id 
_chem_comp_atom.type_symbol 
_chem_comp_atom.pdbx_aromatic_flag 
_chem_comp_atom.pdbx_stereo_config 
_chem_comp_atom.pdbx_ordinal 
ALA N    N N N 1   
ALA CA   C N S 2   
ALA C    C N N 3   
ALA O    O N N 4   
ALA CB   C N N 5   
ALA OXT  O N N 6   
ALA H    H N N 7   
ALA H2   H N N 8   
ALA HA   H N N 9   
ALA HB1  H N N 10  
ALA HB2  H N N 11  
ALA HB3  H N N 12  
ALA HXT  H N N 13  
ARG N    N N N 14  
ARG CA   C N S 15  
ARG C    C N N 16  
ARG O    O N N 17  
ARG CB   C N N 18  
ARG CG   C N N 19  
ARG CD   C N N 20  
ARG NE   N N N 21  
ARG CZ   C N N 22  
ARG NH1  N N N 23  
ARG NH2  N N N 24  
ARG OXT  O N N 25  
ARG H    H N N 26  
ARG H2   H N N 27  
ARG HA   H N N 28  
ARG HB2  H N N 29  
ARG HB3  H N N 30  
ARG HG2  H N N 31  
ARG HG3  H N N 32  
ARG HD2  H N N 33  
ARG HD3  H N N 34  
ARG HE   H N N 35  
ARG HH11 H N N 36  
ARG HH12 H N N 37  
ARG HH21 H N N 38  
ARG HH22 H N N 39  
ARG HXT  H N N 40  
ASN N    N N N 41  
ASN CA   C N S 42  
ASN C    C N N 43  
ASN O    O N N 44  
ASN CB   C N N 45  
ASN CG   C N N 46  
ASN OD1  O N N 47  
ASN ND2  N N N 48  
ASN OXT  O N N 49  
ASN H    H N N 50  
ASN H2   H N N 51  
ASN HA   H N N 52  
ASN HB2  H N N 53  
ASN HB3  H N N 54  
ASN HD21 H N N 55  
ASN HD22 H N N 56  
ASN HXT  H N N 57  
ASP N    N N N 58  
ASP CA   C N S 59  
ASP C    C N N 60  
ASP O    O N N 61  
ASP CB   C N N 62  
ASP CG   C N N 63  
ASP OD1  O N N 64  
ASP OD2  O N N 65  
ASP OXT  O N N 66  
ASP H    H N N 67  
ASP H2   H N N 68  
ASP HA   H N N 69  
ASP HB2  H N N 70  
ASP HB3  H N N 71  
ASP HD2  H N N 72  
ASP HXT  H N N 73  
CYS N    N N N 74  
CYS CA   C N R 75  
CYS C    C N N 76  
CYS O    O N N 77  
CYS CB   C N N 78  
CYS SG   S N N 79  
CYS OXT  O N N 80  
CYS H    H N N 81  
CYS H2   H N N 82  
CYS HA   H N N 83  
CYS HB2  H N N 84  
CYS HB3  H N N 85  
CYS HG   H N N 86  
CYS HXT  H N N 87  
GLN N    N N N 88  
GLN CA   C N S 89  
GLN C    C N N 90  
GLN O    O N N 91  
GLN CB   C N N 92  
GLN CG   C N N 93  
GLN CD   C N N 94  
GLN OE1  O N N 95  
GLN NE2  N N N 96  
GLN OXT  O N N 97  
GLN H    H N N 98  
GLN H2   H N N 99  
GLN HA   H N N 100 
GLN HB2  H N N 101 
GLN HB3  H N N 102 
GLN HG2  H N N 103 
GLN HG3  H N N 104 
GLN HE21 H N N 105 
GLN HE22 H N N 106 
GLN HXT  H N N 107 
GLU N    N N N 108 
GLU CA   C N S 109 
GLU C    C N N 110 
GLU O    O N N 111 
GLU CB   C N N 112 
GLU CG   C N N 113 
GLU CD   C N N 114 
GLU OE1  O N N 115 
GLU OE2  O N N 116 
GLU OXT  O N N 117 
GLU H    H N N 118 
GLU H2   H N N 119 
GLU HA   H N N 120 
GLU HB2  H N N 121 
GLU HB3  H N N 122 
GLU HG2  H N N 123 
GLU HG3  H N N 124 
GLU HE2  H N N 125 
GLU HXT  H N N 126 
GLY N    N N N 127 
GLY CA   C N N 128 
GLY C    C N N 129 
GLY O    O N N 130 
GLY OXT  O N N 131 
GLY H    H N N 132 
GLY H2   H N N 133 
GLY HA2  H N N 134 
GLY HA3  H N N 135 
GLY HXT  H N N 136 
HIS N    N N N 137 
HIS CA   C N S 138 
HIS C    C N N 139 
HIS O    O N N 140 
HIS CB   C N N 141 
HIS CG   C Y N 142 
HIS ND1  N Y N 143 
HIS CD2  C Y N 144 
HIS CE1  C Y N 145 
HIS NE2  N Y N 146 
HIS OXT  O N N 147 
HIS H    H N N 148 
HIS H2   H N N 149 
HIS HA   H N N 150 
HIS HB2  H N N 151 
HIS HB3  H N N 152 
HIS HD1  H N N 153 
HIS HD2  H N N 154 
HIS HE1  H N N 155 
HIS HE2  H N N 156 
HIS HXT  H N N 157 
HOH O    O N N 158 
HOH H1   H N N 159 
HOH H2   H N N 160 
ILE N    N N N 161 
ILE CA   C N S 162 
ILE C    C N N 163 
ILE O    O N N 164 
ILE CB   C N S 165 
ILE CG1  C N N 166 
ILE CG2  C N N 167 
ILE CD1  C N N 168 
ILE OXT  O N N 169 
ILE H    H N N 170 
ILE H2   H N N 171 
ILE HA   H N N 172 
ILE HB   H N N 173 
ILE HG12 H N N 174 
ILE HG13 H N N 175 
ILE HG21 H N N 176 
ILE HG22 H N N 177 
ILE HG23 H N N 178 
ILE HD11 H N N 179 
ILE HD12 H N N 180 
ILE HD13 H N N 181 
ILE HXT  H N N 182 
LEU N    N N N 183 
LEU CA   C N S 184 
LEU C    C N N 185 
LEU O    O N N 186 
LEU CB   C N N 187 
LEU CG   C N N 188 
LEU CD1  C N N 189 
LEU CD2  C N N 190 
LEU OXT  O N N 191 
LEU H    H N N 192 
LEU H2   H N N 193 
LEU HA   H N N 194 
LEU HB2  H N N 195 
LEU HB3  H N N 196 
LEU HG   H N N 197 
LEU HD11 H N N 198 
LEU HD12 H N N 199 
LEU HD13 H N N 200 
LEU HD21 H N N 201 
LEU HD22 H N N 202 
LEU HD23 H N N 203 
LEU HXT  H N N 204 
LYS N    N N N 205 
LYS CA   C N S 206 
LYS C    C N N 207 
LYS O    O N N 208 
LYS CB   C N N 209 
LYS CG   C N N 210 
LYS CD   C N N 211 
LYS CE   C N N 212 
LYS NZ   N N N 213 
LYS OXT  O N N 214 
LYS H    H N N 215 
LYS H2   H N N 216 
LYS HA   H N N 217 
LYS HB2  H N N 218 
LYS HB3  H N N 219 
LYS HG2  H N N 220 
LYS HG3  H N N 221 
LYS HD2  H N N 222 
LYS HD3  H N N 223 
LYS HE2  H N N 224 
LYS HE3  H N N 225 
LYS HZ1  H N N 226 
LYS HZ2  H N N 227 
LYS HZ3  H N N 228 
LYS HXT  H N N 229 
MET N    N N N 230 
MET CA   C N S 231 
MET C    C N N 232 
MET O    O N N 233 
MET CB   C N N 234 
MET CG   C N N 235 
MET SD   S N N 236 
MET CE   C N N 237 
MET OXT  O N N 238 
MET H    H N N 239 
MET H2   H N N 240 
MET HA   H N N 241 
MET HB2  H N N 242 
MET HB3  H N N 243 
MET HG2  H N N 244 
MET HG3  H N N 245 
MET HE1  H N N 246 
MET HE2  H N N 247 
MET HE3  H N N 248 
MET HXT  H N N 249 
PHE N    N N N 250 
PHE CA   C N S 251 
PHE C    C N N 252 
PHE O    O N N 253 
PHE CB   C N N 254 
PHE CG   C Y N 255 
PHE CD1  C Y N 256 
PHE CD2  C Y N 257 
PHE CE1  C Y N 258 
PHE CE2  C Y N 259 
PHE CZ   C Y N 260 
PHE OXT  O N N 261 
PHE H    H N N 262 
PHE H2   H N N 263 
PHE HA   H N N 264 
PHE HB2  H N N 265 
PHE HB3  H N N 266 
PHE HD1  H N N 267 
PHE HD2  H N N 268 
PHE HE1  H N N 269 
PHE HE2  H N N 270 
PHE HZ   H N N 271 
PHE HXT  H N N 272 
PRO N    N N N 273 
PRO CA   C N S 274 
PRO C    C N N 275 
PRO O    O N N 276 
PRO CB   C N N 277 
PRO CG   C N N 278 
PRO CD   C N N 279 
PRO OXT  O N N 280 
PRO H    H N N 281 
PRO HA   H N N 282 
PRO HB2  H N N 283 
PRO HB3  H N N 284 
PRO HG2  H N N 285 
PRO HG3  H N N 286 
PRO HD2  H N N 287 
PRO HD3  H N N 288 
PRO HXT  H N N 289 
SER N    N N N 290 
SER CA   C N S 291 
SER C    C N N 292 
SER O    O N N 293 
SER CB   C N N 294 
SER OG   O N N 295 
SER OXT  O N N 296 
SER H    H N N 297 
SER H2   H N N 298 
SER HA   H N N 299 
SER HB2  H N N 300 
SER HB3  H N N 301 
SER HG   H N N 302 
SER HXT  H N N 303 
THR N    N N N 304 
THR CA   C N S 305 
THR C    C N N 306 
THR O    O N N 307 
THR CB   C N R 308 
THR OG1  O N N 309 
THR CG2  C N N 310 
THR OXT  O N N 311 
THR H    H N N 312 
THR H2   H N N 313 
THR HA   H N N 314 
THR HB   H N N 315 
THR HG1  H N N 316 
THR HG21 H N N 317 
THR HG22 H N N 318 
THR HG23 H N N 319 
THR HXT  H N N 320 
TRP N    N N N 321 
TRP CA   C N S 322 
TRP C    C N N 323 
TRP O    O N N 324 
TRP CB   C N N 325 
TRP CG   C Y N 326 
TRP CD1  C Y N 327 
TRP CD2  C Y N 328 
TRP NE1  N Y N 329 
TRP CE2  C Y N 330 
TRP CE3  C Y N 331 
TRP CZ2  C Y N 332 
TRP CZ3  C Y N 333 
TRP CH2  C Y N 334 
TRP OXT  O N N 335 
TRP H    H N N 336 
TRP H2   H N N 337 
TRP HA   H N N 338 
TRP HB2  H N N 339 
TRP HB3  H N N 340 
TRP HD1  H N N 341 
TRP HE1  H N N 342 
TRP HE3  H N N 343 
TRP HZ2  H N N 344 
TRP HZ3  H N N 345 
TRP HH2  H N N 346 
TRP HXT  H N N 347 
TYR N    N N N 348 
TYR CA   C N S 349 
TYR C    C N N 350 
TYR O    O N N 351 
TYR CB   C N N 352 
TYR CG   C Y N 353 
TYR CD1  C Y N 354 
TYR CD2  C Y N 355 
TYR CE1  C Y N 356 
TYR CE2  C Y N 357 
TYR CZ   C Y N 358 
TYR OH   O N N 359 
TYR OXT  O N N 360 
TYR H    H N N 361 
TYR H2   H N N 362 
TYR HA   H N N 363 
TYR HB2  H N N 364 
TYR HB3  H N N 365 
TYR HD1  H N N 366 
TYR HD2  H N N 367 
TYR HE1  H N N 368 
TYR HE2  H N N 369 
TYR HH   H N N 370 
TYR HXT  H N N 371 
VAL N    N N N 372 
VAL CA   C N S 373 
VAL C    C N N 374 
VAL O    O N N 375 
VAL CB   C N N 376 
VAL CG1  C N N 377 
VAL CG2  C N N 378 
VAL OXT  O N N 379 
VAL H    H N N 380 
VAL H2   H N N 381 
VAL HA   H N N 382 
VAL HB   H N N 383 
VAL HG11 H N N 384 
VAL HG12 H N N 385 
VAL HG13 H N N 386 
VAL HG21 H N N 387 
VAL HG22 H N N 388 
VAL HG23 H N N 389 
VAL HXT  H N N 390 
# 
loop_
_chem_comp_bond.comp_id 
_chem_comp_bond.atom_id_1 
_chem_comp_bond.atom_id_2 
_chem_comp_bond.value_order 
_chem_comp_bond.pdbx_aromatic_flag 
_chem_comp_bond.pdbx_stereo_config 
_chem_comp_bond.pdbx_ordinal 
ALA N   CA   sing N N 1   
ALA N   H    sing N N 2   
ALA N   H2   sing N N 3   
ALA CA  C    sing N N 4   
ALA CA  CB   sing N N 5   
ALA CA  HA   sing N N 6   
ALA C   O    doub N N 7   
ALA C   OXT  sing N N 8   
ALA CB  HB1  sing N N 9   
ALA CB  HB2  sing N N 10  
ALA CB  HB3  sing N N 11  
ALA OXT HXT  sing N N 12  
ARG N   CA   sing N N 13  
ARG N   H    sing N N 14  
ARG N   H2   sing N N 15  
ARG CA  C    sing N N 16  
ARG CA  CB   sing N N 17  
ARG CA  HA   sing N N 18  
ARG C   O    doub N N 19  
ARG C   OXT  sing N N 20  
ARG CB  CG   sing N N 21  
ARG CB  HB2  sing N N 22  
ARG CB  HB3  sing N N 23  
ARG CG  CD   sing N N 24  
ARG CG  HG2  sing N N 25  
ARG CG  HG3  sing N N 26  
ARG CD  NE   sing N N 27  
ARG CD  HD2  sing N N 28  
ARG CD  HD3  sing N N 29  
ARG NE  CZ   sing N N 30  
ARG NE  HE   sing N N 31  
ARG CZ  NH1  sing N N 32  
ARG CZ  NH2  doub N N 33  
ARG NH1 HH11 sing N N 34  
ARG NH1 HH12 sing N N 35  
ARG NH2 HH21 sing N N 36  
ARG NH2 HH22 sing N N 37  
ARG OXT HXT  sing N N 38  
ASN N   CA   sing N N 39  
ASN N   H    sing N N 40  
ASN N   H2   sing N N 41  
ASN CA  C    sing N N 42  
ASN CA  CB   sing N N 43  
ASN CA  HA   sing N N 44  
ASN C   O    doub N N 45  
ASN C   OXT  sing N N 46  
ASN CB  CG   sing N N 47  
ASN CB  HB2  sing N N 48  
ASN CB  HB3  sing N N 49  
ASN CG  OD1  doub N N 50  
ASN CG  ND2  sing N N 51  
ASN ND2 HD21 sing N N 52  
ASN ND2 HD22 sing N N 53  
ASN OXT HXT  sing N N 54  
ASP N   CA   sing N N 55  
ASP N   H    sing N N 56  
ASP N   H2   sing N N 57  
ASP CA  C    sing N N 58  
ASP CA  CB   sing N N 59  
ASP CA  HA   sing N N 60  
ASP C   O    doub N N 61  
ASP C   OXT  sing N N 62  
ASP CB  CG   sing N N 63  
ASP CB  HB2  sing N N 64  
ASP CB  HB3  sing N N 65  
ASP CG  OD1  doub N N 66  
ASP CG  OD2  sing N N 67  
ASP OD2 HD2  sing N N 68  
ASP OXT HXT  sing N N 69  
CYS N   CA   sing N N 70  
CYS N   H    sing N N 71  
CYS N   H2   sing N N 72  
CYS CA  C    sing N N 73  
CYS CA  CB   sing N N 74  
CYS CA  HA   sing N N 75  
CYS C   O    doub N N 76  
CYS C   OXT  sing N N 77  
CYS CB  SG   sing N N 78  
CYS CB  HB2  sing N N 79  
CYS CB  HB3  sing N N 80  
CYS SG  HG   sing N N 81  
CYS OXT HXT  sing N N 82  
GLN N   CA   sing N N 83  
GLN N   H    sing N N 84  
GLN N   H2   sing N N 85  
GLN CA  C    sing N N 86  
GLN CA  CB   sing N N 87  
GLN CA  HA   sing N N 88  
GLN C   O    doub N N 89  
GLN C   OXT  sing N N 90  
GLN CB  CG   sing N N 91  
GLN CB  HB2  sing N N 92  
GLN CB  HB3  sing N N 93  
GLN CG  CD   sing N N 94  
GLN CG  HG2  sing N N 95  
GLN CG  HG3  sing N N 96  
GLN CD  OE1  doub N N 97  
GLN CD  NE2  sing N N 98  
GLN NE2 HE21 sing N N 99  
GLN NE2 HE22 sing N N 100 
GLN OXT HXT  sing N N 101 
GLU N   CA   sing N N 102 
GLU N   H    sing N N 103 
GLU N   H2   sing N N 104 
GLU CA  C    sing N N 105 
GLU CA  CB   sing N N 106 
GLU CA  HA   sing N N 107 
GLU C   O    doub N N 108 
GLU C   OXT  sing N N 109 
GLU CB  CG   sing N N 110 
GLU CB  HB2  sing N N 111 
GLU CB  HB3  sing N N 112 
GLU CG  CD   sing N N 113 
GLU CG  HG2  sing N N 114 
GLU CG  HG3  sing N N 115 
GLU CD  OE1  doub N N 116 
GLU CD  OE2  sing N N 117 
GLU OE2 HE2  sing N N 118 
GLU OXT HXT  sing N N 119 
GLY N   CA   sing N N 120 
GLY N   H    sing N N 121 
GLY N   H2   sing N N 122 
GLY CA  C    sing N N 123 
GLY CA  HA2  sing N N 124 
GLY CA  HA3  sing N N 125 
GLY C   O    doub N N 126 
GLY C   OXT  sing N N 127 
GLY OXT HXT  sing N N 128 
HIS N   CA   sing N N 129 
HIS N   H    sing N N 130 
HIS N   H2   sing N N 131 
HIS CA  C    sing N N 132 
HIS CA  CB   sing N N 133 
HIS CA  HA   sing N N 134 
HIS C   O    doub N N 135 
HIS C   OXT  sing N N 136 
HIS CB  CG   sing N N 137 
HIS CB  HB2  sing N N 138 
HIS CB  HB3  sing N N 139 
HIS CG  ND1  sing Y N 140 
HIS CG  CD2  doub Y N 141 
HIS ND1 CE1  doub Y N 142 
HIS ND1 HD1  sing N N 143 
HIS CD2 NE2  sing Y N 144 
HIS CD2 HD2  sing N N 145 
HIS CE1 NE2  sing Y N 146 
HIS CE1 HE1  sing N N 147 
HIS NE2 HE2  sing N N 148 
HIS OXT HXT  sing N N 149 
HOH O   H1   sing N N 150 
HOH O   H2   sing N N 151 
ILE N   CA   sing N N 152 
ILE N   H    sing N N 153 
ILE N   H2   sing N N 154 
ILE CA  C    sing N N 155 
ILE CA  CB   sing N N 156 
ILE CA  HA   sing N N 157 
ILE C   O    doub N N 158 
ILE C   OXT  sing N N 159 
ILE CB  CG1  sing N N 160 
ILE CB  CG2  sing N N 161 
ILE CB  HB   sing N N 162 
ILE CG1 CD1  sing N N 163 
ILE CG1 HG12 sing N N 164 
ILE CG1 HG13 sing N N 165 
ILE CG2 HG21 sing N N 166 
ILE CG2 HG22 sing N N 167 
ILE CG2 HG23 sing N N 168 
ILE CD1 HD11 sing N N 169 
ILE CD1 HD12 sing N N 170 
ILE CD1 HD13 sing N N 171 
ILE OXT HXT  sing N N 172 
LEU N   CA   sing N N 173 
LEU N   H    sing N N 174 
LEU N   H2   sing N N 175 
LEU CA  C    sing N N 176 
LEU CA  CB   sing N N 177 
LEU CA  HA   sing N N 178 
LEU C   O    doub N N 179 
LEU C   OXT  sing N N 180 
LEU CB  CG   sing N N 181 
LEU CB  HB2  sing N N 182 
LEU CB  HB3  sing N N 183 
LEU CG  CD1  sing N N 184 
LEU CG  CD2  sing N N 185 
LEU CG  HG   sing N N 186 
LEU CD1 HD11 sing N N 187 
LEU CD1 HD12 sing N N 188 
LEU CD1 HD13 sing N N 189 
LEU CD2 HD21 sing N N 190 
LEU CD2 HD22 sing N N 191 
LEU CD2 HD23 sing N N 192 
LEU OXT HXT  sing N N 193 
LYS N   CA   sing N N 194 
LYS N   H    sing N N 195 
LYS N   H2   sing N N 196 
LYS CA  C    sing N N 197 
LYS CA  CB   sing N N 198 
LYS CA  HA   sing N N 199 
LYS C   O    doub N N 200 
LYS C   OXT  sing N N 201 
LYS CB  CG   sing N N 202 
LYS CB  HB2  sing N N 203 
LYS CB  HB3  sing N N 204 
LYS CG  CD   sing N N 205 
LYS CG  HG2  sing N N 206 
LYS CG  HG3  sing N N 207 
LYS CD  CE   sing N N 208 
LYS CD  HD2  sing N N 209 
LYS CD  HD3  sing N N 210 
LYS CE  NZ   sing N N 211 
LYS CE  HE2  sing N N 212 
LYS CE  HE3  sing N N 213 
LYS NZ  HZ1  sing N N 214 
LYS NZ  HZ2  sing N N 215 
LYS NZ  HZ3  sing N N 216 
LYS OXT HXT  sing N N 217 
MET N   CA   sing N N 218 
MET N   H    sing N N 219 
MET N   H2   sing N N 220 
MET CA  C    sing N N 221 
MET CA  CB   sing N N 222 
MET CA  HA   sing N N 223 
MET C   O    doub N N 224 
MET C   OXT  sing N N 225 
MET CB  CG   sing N N 226 
MET CB  HB2  sing N N 227 
MET CB  HB3  sing N N 228 
MET CG  SD   sing N N 229 
MET CG  HG2  sing N N 230 
MET CG  HG3  sing N N 231 
MET SD  CE   sing N N 232 
MET CE  HE1  sing N N 233 
MET CE  HE2  sing N N 234 
MET CE  HE3  sing N N 235 
MET OXT HXT  sing N N 236 
PHE N   CA   sing N N 237 
PHE N   H    sing N N 238 
PHE N   H2   sing N N 239 
PHE CA  C    sing N N 240 
PHE CA  CB   sing N N 241 
PHE CA  HA   sing N N 242 
PHE C   O    doub N N 243 
PHE C   OXT  sing N N 244 
PHE CB  CG   sing N N 245 
PHE CB  HB2  sing N N 246 
PHE CB  HB3  sing N N 247 
PHE CG  CD1  doub Y N 248 
PHE CG  CD2  sing Y N 249 
PHE CD1 CE1  sing Y N 250 
PHE CD1 HD1  sing N N 251 
PHE CD2 CE2  doub Y N 252 
PHE CD2 HD2  sing N N 253 
PHE CE1 CZ   doub Y N 254 
PHE CE1 HE1  sing N N 255 
PHE CE2 CZ   sing Y N 256 
PHE CE2 HE2  sing N N 257 
PHE CZ  HZ   sing N N 258 
PHE OXT HXT  sing N N 259 
PRO N   CA   sing N N 260 
PRO N   CD   sing N N 261 
PRO N   H    sing N N 262 
PRO CA  C    sing N N 263 
PRO CA  CB   sing N N 264 
PRO CA  HA   sing N N 265 
PRO C   O    doub N N 266 
PRO C   OXT  sing N N 267 
PRO CB  CG   sing N N 268 
PRO CB  HB2  sing N N 269 
PRO CB  HB3  sing N N 270 
PRO CG  CD   sing N N 271 
PRO CG  HG2  sing N N 272 
PRO CG  HG3  sing N N 273 
PRO CD  HD2  sing N N 274 
PRO CD  HD3  sing N N 275 
PRO OXT HXT  sing N N 276 
SER N   CA   sing N N 277 
SER N   H    sing N N 278 
SER N   H2   sing N N 279 
SER CA  C    sing N N 280 
SER CA  CB   sing N N 281 
SER CA  HA   sing N N 282 
SER C   O    doub N N 283 
SER C   OXT  sing N N 284 
SER CB  OG   sing N N 285 
SER CB  HB2  sing N N 286 
SER CB  HB3  sing N N 287 
SER OG  HG   sing N N 288 
SER OXT HXT  sing N N 289 
THR N   CA   sing N N 290 
THR N   H    sing N N 291 
THR N   H2   sing N N 292 
THR CA  C    sing N N 293 
THR CA  CB   sing N N 294 
THR CA  HA   sing N N 295 
THR C   O    doub N N 296 
THR C   OXT  sing N N 297 
THR CB  OG1  sing N N 298 
THR CB  CG2  sing N N 299 
THR CB  HB   sing N N 300 
THR OG1 HG1  sing N N 301 
THR CG2 HG21 sing N N 302 
THR CG2 HG22 sing N N 303 
THR CG2 HG23 sing N N 304 
THR OXT HXT  sing N N 305 
TRP N   CA   sing N N 306 
TRP N   H    sing N N 307 
TRP N   H2   sing N N 308 
TRP CA  C    sing N N 309 
TRP CA  CB   sing N N 310 
TRP CA  HA   sing N N 311 
TRP C   O    doub N N 312 
TRP C   OXT  sing N N 313 
TRP CB  CG   sing N N 314 
TRP CB  HB2  sing N N 315 
TRP CB  HB3  sing N N 316 
TRP CG  CD1  doub Y N 317 
TRP CG  CD2  sing Y N 318 
TRP CD1 NE1  sing Y N 319 
TRP CD1 HD1  sing N N 320 
TRP CD2 CE2  doub Y N 321 
TRP CD2 CE3  sing Y N 322 
TRP NE1 CE2  sing Y N 323 
TRP NE1 HE1  sing N N 324 
TRP CE2 CZ2  sing Y N 325 
TRP CE3 CZ3  doub Y N 326 
TRP CE3 HE3  sing N N 327 
TRP CZ2 CH2  doub Y N 328 
TRP CZ2 HZ2  sing N N 329 
TRP CZ3 CH2  sing Y N 330 
TRP CZ3 HZ3  sing N N 331 
TRP CH2 HH2  sing N N 332 
TRP OXT HXT  sing N N 333 
TYR N   CA   sing N N 334 
TYR N   H    sing N N 335 
TYR N   H2   sing N N 336 
TYR CA  C    sing N N 337 
TYR CA  CB   sing N N 338 
TYR CA  HA   sing N N 339 
TYR C   O    doub N N 340 
TYR C   OXT  sing N N 341 
TYR CB  CG   sing N N 342 
TYR CB  HB2  sing N N 343 
TYR CB  HB3  sing N N 344 
TYR CG  CD1  doub Y N 345 
TYR CG  CD2  sing Y N 346 
TYR CD1 CE1  sing Y N 347 
TYR CD1 HD1  sing N N 348 
TYR CD2 CE2  doub Y N 349 
TYR CD2 HD2  sing N N 350 
TYR CE1 CZ   doub Y N 351 
TYR CE1 HE1  sing N N 352 
TYR CE2 CZ   sing Y N 353 
TYR CE2 HE2  sing N N 354 
TYR CZ  OH   sing N N 355 
TYR OH  HH   sing N N 356 
TYR OXT HXT  sing N N 357 
VAL N   CA   sing N N 358 
VAL N   H    sing N N 359 
VAL N   H2   sing N N 360 
VAL CA  C    sing N N 361 
VAL CA  CB   sing N N 362 
VAL CA  HA   sing N N 363 
VAL C   O    doub N N 364 
VAL C   OXT  sing N N 365 
VAL CB  CG1  sing N N 366 
VAL CB  CG2  sing N N 367 
VAL CB  HB   sing N N 368 
VAL CG1 HG11 sing N N 369 
VAL CG1 HG12 sing N N 370 
VAL CG1 HG13 sing N N 371 
VAL CG2 HG21 sing N N 372 
VAL CG2 HG22 sing N N 373 
VAL CG2 HG23 sing N N 374 
VAL OXT HXT  sing N N 375 
# 
_pdbx_entity_nonpoly.entity_id   2 
_pdbx_entity_nonpoly.name        water 
_pdbx_entity_nonpoly.comp_id     HOH 
# 
_pdbx_initial_refinement_model.id               1 
_pdbx_initial_refinement_model.entity_id_list   ? 
_pdbx_initial_refinement_model.type             'experimental model' 
_pdbx_initial_refinement_model.source_name      PDB 
_pdbx_initial_refinement_model.accession_code   1WMM 
_pdbx_initial_refinement_model.details          'PDB ENTRY 1WMM' 
# 
